data_6DL4
#
_entry.id   6DL4
#
_entity_poly.entity_id   1
_entity_poly.type   'polypeptide(L)'
_entity_poly.pdbx_seq_one_letter_code
;RMAHEGALTGVTTDQKEKQKPDIVLYPEPVRVLEGETARFRCRVTGYPQPKVNWYLNGQLIRKSKRFRVRYDGIHYLDIV
DCKSYDTGEVKVTAENPEGVIEHKVKLEIQQLEHHHHHH
;
_entity_poly.pdbx_strand_id   A
#
# COMPACT_ATOMS: atom_id res chain seq x y z
N ARG A 1 -15.27 -36.85 -31.33
CA ARG A 1 -14.45 -38.09 -31.32
C ARG A 1 -12.99 -37.71 -31.58
N MET A 2 -12.79 -36.59 -32.28
CA MET A 2 -11.44 -36.10 -32.58
C MET A 2 -11.11 -34.94 -31.67
N ALA A 3 -10.22 -35.19 -30.71
CA ALA A 3 -9.81 -34.16 -29.78
C ALA A 3 -9.11 -33.02 -30.50
N HIS A 4 -8.36 -33.36 -31.54
CA HIS A 4 -7.64 -32.38 -32.32
C HIS A 4 -8.56 -31.74 -33.38
N GLU A 5 -8.65 -30.41 -33.36
CA GLU A 5 -9.50 -29.70 -34.31
C GLU A 5 -9.02 -28.26 -34.46
N GLY A 6 -8.21 -27.81 -33.51
CA GLY A 6 -7.66 -26.46 -33.53
C GLY A 6 -6.33 -26.41 -32.77
N ALA A 7 -5.49 -25.43 -33.10
CA ALA A 7 -4.19 -25.30 -32.46
C ALA A 7 -4.35 -25.02 -30.96
N LEU A 8 -3.47 -25.63 -30.16
CA LEU A 8 -3.50 -25.45 -28.72
C LEU A 8 -2.72 -24.20 -28.34
N THR A 9 -3.35 -23.28 -27.61
CA THR A 9 -2.68 -22.05 -27.20
C THR A 9 -1.61 -22.36 -26.17
N GLY A 10 -0.43 -21.78 -26.34
CA GLY A 10 0.66 -22.00 -25.42
C GLY A 10 0.30 -21.52 -24.01
N VAL A 11 0.97 -22.09 -23.01
CA VAL A 11 0.72 -21.72 -21.61
C VAL A 11 1.88 -20.87 -21.08
N THR A 12 3.09 -21.22 -21.51
CA THR A 12 4.28 -20.49 -21.08
C THR A 12 4.21 -18.99 -21.44
N THR A 13 3.04 -18.52 -21.90
CA THR A 13 2.90 -17.11 -22.26
C THR A 13 3.41 -16.20 -21.13
N ASP A 14 3.18 -16.58 -19.87
CA ASP A 14 3.64 -15.78 -18.74
C ASP A 14 3.39 -16.51 -17.42
N GLN A 15 2.15 -16.94 -17.19
CA GLN A 15 1.78 -17.67 -15.97
C GLN A 15 1.30 -19.06 -16.34
N LYS A 16 1.01 -19.87 -15.33
CA LYS A 16 0.53 -21.24 -15.57
C LYS A 16 -0.92 -21.37 -15.12
N GLU A 17 -1.23 -20.72 -13.98
CA GLU A 17 -2.58 -20.77 -13.40
C GLU A 17 -3.25 -19.39 -13.35
N LYS A 18 -4.40 -19.28 -14.03
CA LYS A 18 -5.15 -18.02 -14.09
C LYS A 18 -6.05 -17.89 -12.87
N GLN A 19 -5.72 -16.94 -12.00
CA GLN A 19 -6.49 -16.69 -10.79
C GLN A 19 -7.32 -15.43 -10.96
N LYS A 20 -8.33 -15.26 -10.11
CA LYS A 20 -9.22 -14.10 -10.18
C LYS A 20 -8.61 -12.90 -9.45
N PRO A 21 -8.72 -11.70 -10.00
CA PRO A 21 -8.16 -10.47 -9.35
C PRO A 21 -8.64 -10.32 -7.90
N ASP A 22 -7.90 -9.56 -7.08
CA ASP A 22 -8.28 -9.31 -5.68
C ASP A 22 -7.14 -8.56 -4.97
N ILE A 23 -7.34 -7.27 -4.71
CA ILE A 23 -6.29 -6.48 -4.07
C ILE A 23 -6.20 -6.67 -2.55
N VAL A 24 -5.01 -6.39 -2.02
CA VAL A 24 -4.72 -6.49 -0.58
C VAL A 24 -4.42 -5.09 -0.01
N LEU A 25 -5.03 -4.77 1.12
CA LEU A 25 -4.81 -3.47 1.76
C LEU A 25 -5.05 -3.57 3.27
N TYR A 26 -5.35 -2.43 3.91
CA TYR A 26 -5.60 -2.38 5.35
C TYR A 26 -7.05 -1.99 5.61
N PRO A 27 -7.96 -2.94 5.70
CA PRO A 27 -9.38 -2.62 5.98
C PRO A 27 -9.53 -2.07 7.40
N GLU A 28 -8.57 -2.42 8.25
CA GLU A 28 -8.58 -1.96 9.64
C GLU A 28 -7.94 -0.58 9.75
N PRO A 29 -8.67 0.44 10.14
CA PRO A 29 -8.06 1.78 10.28
C PRO A 29 -6.89 1.76 11.25
N VAL A 30 -5.90 2.62 11.03
CA VAL A 30 -4.73 2.70 11.93
C VAL A 30 -4.43 4.14 12.32
N ARG A 31 -4.10 4.33 13.61
CA ARG A 31 -3.79 5.66 14.16
C ARG A 31 -2.43 5.68 14.83
N VAL A 32 -1.64 6.72 14.54
CA VAL A 32 -0.31 6.83 15.14
C VAL A 32 -0.07 8.28 15.59
N LEU A 33 0.74 8.45 16.64
CA LEU A 33 1.04 9.78 17.15
C LEU A 33 2.29 10.33 16.46
N GLU A 34 2.27 11.61 16.12
CA GLU A 34 3.42 12.23 15.45
C GLU A 34 4.70 11.91 16.17
N GLY A 35 5.75 11.62 15.40
CA GLY A 35 7.06 11.28 15.97
C GLY A 35 7.28 9.78 15.85
N GLU A 36 6.29 9.11 15.29
CA GLU A 36 6.36 7.67 15.08
C GLU A 36 6.25 7.36 13.60
N THR A 37 7.06 6.41 13.17
CA THR A 37 7.06 6.00 11.77
C THR A 37 5.95 5.01 11.56
N ALA A 38 5.23 5.14 10.44
CA ALA A 38 4.13 4.25 10.14
C ALA A 38 4.51 3.31 9.01
N ARG A 39 3.97 2.09 9.06
CA ARG A 39 4.25 1.11 8.02
C ARG A 39 2.97 0.42 7.57
N PHE A 40 2.69 0.54 6.27
CA PHE A 40 1.51 -0.07 5.68
C PHE A 40 1.90 -0.76 4.39
N ARG A 41 1.16 -1.79 4.00
CA ARG A 41 1.45 -2.52 2.78
C ARG A 41 0.28 -2.41 1.80
N CYS A 42 0.61 -2.25 0.52
CA CYS A 42 -0.39 -2.15 -0.53
C CYS A 42 0.13 -2.82 -1.79
N ARG A 43 -0.38 -4.02 -2.03
CA ARG A 43 0.02 -4.82 -3.20
C ARG A 43 -1.24 -5.33 -3.86
N VAL A 44 -1.12 -5.99 -5.01
CA VAL A 44 -2.27 -6.55 -5.71
C VAL A 44 -1.98 -8.02 -5.95
N THR A 45 -2.96 -8.80 -6.38
CA THR A 45 -2.72 -10.22 -6.62
C THR A 45 -3.85 -10.82 -7.47
N GLY A 46 -3.71 -12.10 -7.81
CA GLY A 46 -4.71 -12.79 -8.62
C GLY A 46 -4.44 -12.60 -10.10
N TYR A 47 -3.68 -11.57 -10.46
CA TYR A 47 -3.38 -11.29 -11.86
C TYR A 47 -1.92 -10.84 -12.01
N PRO A 48 -1.22 -11.22 -13.05
CA PRO A 48 0.21 -10.80 -13.25
C PRO A 48 0.35 -9.27 -13.20
N GLN A 49 1.55 -8.83 -12.80
CA GLN A 49 1.90 -7.40 -12.68
C GLN A 49 0.90 -6.46 -13.38
N PRO A 50 -0.20 -6.14 -12.72
CA PRO A 50 -1.23 -5.21 -13.26
C PRO A 50 -0.76 -3.75 -13.15
N LYS A 51 -1.64 -2.81 -13.52
CA LYS A 51 -1.28 -1.37 -13.44
C LYS A 51 -2.20 -0.69 -12.43
N VAL A 52 -1.75 -0.58 -11.18
CA VAL A 52 -2.56 0.03 -10.14
C VAL A 52 -1.91 1.30 -9.61
N ASN A 53 -2.71 2.10 -8.94
CA ASN A 53 -2.25 3.35 -8.35
C ASN A 53 -2.90 3.52 -6.98
N TRP A 54 -2.50 4.52 -6.21
CA TRP A 54 -3.08 4.69 -4.88
C TRP A 54 -3.12 6.17 -4.48
N TYR A 55 -3.85 6.45 -3.39
CA TYR A 55 -4.00 7.82 -2.89
C TYR A 55 -3.61 7.90 -1.41
N LEU A 56 -2.58 8.69 -1.09
CA LEU A 56 -2.16 8.85 0.31
C LEU A 56 -2.93 10.04 0.88
N ASN A 57 -3.52 9.91 2.07
CA ASN A 57 -4.26 11.02 2.66
C ASN A 57 -5.23 11.60 1.65
N GLY A 58 -5.41 10.90 0.52
CA GLY A 58 -6.31 11.35 -0.54
C GLY A 58 -5.51 12.06 -1.64
N GLN A 59 -4.22 11.73 -1.72
CA GLN A 59 -3.32 12.32 -2.71
C GLN A 59 -2.66 11.24 -3.58
N LEU A 60 -2.93 11.30 -4.88
CA LEU A 60 -2.37 10.36 -5.85
C LEU A 60 -0.90 10.65 -6.11
N ILE A 61 -0.14 9.59 -6.44
CA ILE A 61 1.32 9.73 -6.72
C ILE A 61 2.11 10.27 -5.52
N ARG A 62 2.96 9.38 -4.99
CA ARG A 62 3.85 9.68 -3.85
C ARG A 62 5.31 9.70 -4.34
N LYS A 63 6.16 10.45 -3.63
CA LYS A 63 7.56 10.58 -4.03
C LYS A 63 8.30 9.25 -4.08
N SER A 64 9.26 9.19 -5.01
CA SER A 64 10.06 7.99 -5.26
C SER A 64 11.11 7.75 -4.17
N LYS A 65 12.32 7.39 -4.60
CA LYS A 65 13.47 7.08 -3.74
C LYS A 65 13.34 7.55 -2.29
N ARG A 66 12.64 8.65 -2.05
CA ARG A 66 12.48 9.13 -0.68
C ARG A 66 11.75 8.09 0.16
N PHE A 67 10.77 7.44 -0.47
CA PHE A 67 9.96 6.39 0.17
C PHE A 67 9.98 5.13 -0.68
N ARG A 68 9.85 3.95 -0.06
CA ARG A 68 9.86 2.72 -0.83
C ARG A 68 8.60 2.62 -1.66
N VAL A 69 8.76 2.75 -2.98
CA VAL A 69 7.63 2.69 -3.88
C VAL A 69 8.06 2.20 -5.26
N ARG A 70 7.28 1.29 -5.82
CA ARG A 70 7.58 0.75 -7.15
C ARG A 70 6.28 0.54 -7.90
N TYR A 71 6.07 1.30 -8.97
CA TYR A 71 4.84 1.18 -9.72
C TYR A 71 4.90 -0.04 -10.64
N ASP A 72 4.47 -1.17 -10.09
CA ASP A 72 4.44 -2.45 -10.81
C ASP A 72 3.65 -3.44 -9.99
N GLY A 73 2.73 -2.91 -9.17
CA GLY A 73 1.91 -3.73 -8.29
C GLY A 73 2.38 -3.63 -6.83
N ILE A 74 3.63 -3.18 -6.63
CA ILE A 74 4.20 -3.07 -5.27
C ILE A 74 4.26 -1.63 -4.77
N HIS A 75 3.55 -1.33 -3.68
CA HIS A 75 3.57 0.03 -3.12
C HIS A 75 3.50 0.02 -1.57
N TYR A 76 4.62 0.38 -0.93
CA TYR A 76 4.69 0.45 0.54
C TYR A 76 4.70 1.92 0.99
N LEU A 77 3.90 2.22 2.02
CA LEU A 77 3.81 3.59 2.55
C LEU A 77 4.65 3.75 3.82
N ASP A 78 5.83 4.36 3.72
CA ASP A 78 6.69 4.56 4.90
C ASP A 78 6.84 6.06 5.19
N ILE A 79 6.17 6.54 6.24
CA ILE A 79 6.25 7.96 6.60
C ILE A 79 7.09 8.15 7.87
N VAL A 80 8.29 8.71 7.70
CA VAL A 80 9.20 9.00 8.81
C VAL A 80 9.84 10.36 8.56
N ASP A 81 9.36 11.06 7.53
CA ASP A 81 9.89 12.36 7.18
C ASP A 81 9.65 13.34 8.31
N CYS A 82 8.98 12.86 9.36
CA CYS A 82 8.72 13.66 10.56
C CYS A 82 7.45 14.50 10.43
N LYS A 83 6.86 14.51 9.24
CA LYS A 83 5.59 15.21 9.02
C LYS A 83 4.52 14.13 8.97
N SER A 84 3.84 13.95 10.10
CA SER A 84 2.82 12.93 10.23
C SER A 84 1.56 13.54 10.85
N TYR A 85 1.75 14.52 11.74
CA TYR A 85 0.64 15.17 12.47
C TYR A 85 -0.46 15.70 11.53
N ASP A 86 -1.12 14.81 10.80
CA ASP A 86 -2.17 15.25 9.90
C ASP A 86 -3.07 14.07 9.59
N THR A 87 -4.33 14.14 10.01
CA THR A 87 -5.25 13.05 9.76
C THR A 87 -5.83 13.16 8.34
N GLY A 88 -5.78 12.06 7.58
CA GLY A 88 -6.30 12.09 6.21
C GLY A 88 -6.98 10.77 5.86
N GLU A 89 -7.05 10.46 4.55
CA GLU A 89 -7.69 9.22 4.11
C GLU A 89 -6.93 8.60 2.97
N VAL A 90 -6.87 7.28 2.97
CA VAL A 90 -6.17 6.53 1.94
C VAL A 90 -7.19 5.70 1.15
N LYS A 91 -7.05 5.70 -0.17
CA LYS A 91 -7.95 4.93 -1.02
C LYS A 91 -7.15 4.34 -2.15
N VAL A 92 -7.23 3.02 -2.33
CA VAL A 92 -6.47 2.35 -3.37
C VAL A 92 -7.39 1.72 -4.42
N THR A 93 -7.01 1.86 -5.69
CA THR A 93 -7.77 1.34 -6.81
C THR A 93 -6.82 0.55 -7.68
N ALA A 94 -7.36 -0.29 -8.56
CA ALA A 94 -6.51 -1.07 -9.44
C ALA A 94 -7.17 -1.23 -10.79
N GLU A 95 -6.35 -1.45 -11.82
CA GLU A 95 -6.88 -1.61 -13.17
C GLU A 95 -6.35 -2.91 -13.75
N ASN A 96 -7.16 -3.52 -14.60
CA ASN A 96 -6.79 -4.77 -15.24
C ASN A 96 -7.58 -4.88 -16.55
N PRO A 97 -7.01 -5.41 -17.61
CA PRO A 97 -7.75 -5.55 -18.87
C PRO A 97 -9.04 -6.34 -18.69
N GLU A 98 -9.10 -7.18 -17.64
CA GLU A 98 -10.30 -8.00 -17.39
C GLU A 98 -10.96 -7.70 -16.02
N GLY A 99 -10.42 -6.75 -15.24
CA GLY A 99 -11.02 -6.44 -13.95
C GLY A 99 -10.62 -5.07 -13.42
N VAL A 100 -11.44 -4.59 -12.51
CA VAL A 100 -11.24 -3.31 -11.83
C VAL A 100 -11.69 -3.46 -10.38
N ILE A 101 -10.90 -2.94 -9.43
CA ILE A 101 -11.28 -3.06 -8.01
C ILE A 101 -11.07 -1.73 -7.28
N GLU A 102 -11.69 -1.61 -6.11
CA GLU A 102 -11.60 -0.41 -5.30
C GLU A 102 -11.90 -0.70 -3.83
N HIS A 103 -11.11 -0.10 -2.94
CA HIS A 103 -11.29 -0.28 -1.49
C HIS A 103 -10.95 1.03 -0.74
N LYS A 104 -11.77 1.39 0.24
CA LYS A 104 -11.55 2.61 1.02
C LYS A 104 -11.17 2.29 2.47
N VAL A 105 -10.15 2.99 2.97
CA VAL A 105 -9.69 2.83 4.35
C VAL A 105 -9.41 4.21 4.95
N LYS A 106 -9.43 4.31 6.28
CA LYS A 106 -9.19 5.60 6.95
C LYS A 106 -7.94 5.59 7.86
N LEU A 107 -7.04 6.54 7.63
CA LEU A 107 -5.84 6.67 8.45
C LEU A 107 -5.81 8.06 9.06
N GLU A 108 -5.71 8.13 10.39
CA GLU A 108 -5.69 9.42 11.10
C GLU A 108 -4.43 9.50 11.96
N ILE A 109 -3.64 10.56 11.77
CA ILE A 109 -2.40 10.71 12.53
C ILE A 109 -2.53 11.83 13.57
N GLN A 110 -2.50 11.46 14.85
CA GLN A 110 -2.61 12.44 15.94
C GLN A 110 -1.27 13.17 16.16
N GLN A 111 -0.86 13.30 17.42
CA GLN A 111 0.39 13.99 17.74
C GLN A 111 0.96 13.56 19.09
N LEU A 112 2.26 13.76 19.26
CA LEU A 112 2.96 13.42 20.51
C LEU A 112 3.45 11.99 20.50
N GLU A 113 3.41 11.34 21.67
CA GLU A 113 3.88 9.96 21.79
C GLU A 113 3.52 9.37 23.15
N HIS A 114 3.42 10.25 24.14
CA HIS A 114 3.08 9.84 25.51
C HIS A 114 1.57 9.80 25.72
N HIS A 115 1.12 8.73 26.38
CA HIS A 115 -0.30 8.58 26.68
C HIS A 115 -0.63 9.29 27.97
N HIS A 116 -1.91 9.61 28.14
CA HIS A 116 -2.36 10.30 29.35
C HIS A 116 -2.21 9.38 30.55
N HIS A 117 -2.09 9.98 31.74
CA HIS A 117 -1.95 9.19 32.97
C HIS A 117 -2.59 9.90 34.16
N HIS A 118 -2.97 9.11 35.17
CA HIS A 118 -3.61 9.66 36.36
C HIS A 118 -3.32 8.77 37.57
N HIS A 119 -3.97 9.07 38.68
CA HIS A 119 -3.76 8.30 39.90
C HIS A 119 -3.86 6.80 39.59
N ARG A 1 30.24 -0.48 -12.80
CA ARG A 1 30.55 -1.87 -13.24
C ARG A 1 29.86 -2.88 -12.32
N MET A 2 30.66 -3.63 -11.54
CA MET A 2 30.12 -4.63 -10.61
C MET A 2 29.88 -4.01 -9.25
N ALA A 3 28.65 -4.16 -8.75
CA ALA A 3 28.29 -3.63 -7.44
C ALA A 3 28.47 -4.68 -6.36
N HIS A 4 27.76 -5.79 -6.50
CA HIS A 4 27.83 -6.88 -5.54
C HIS A 4 27.52 -8.22 -6.22
N GLU A 5 26.52 -8.94 -5.69
CA GLU A 5 26.17 -10.22 -6.27
C GLU A 5 25.73 -10.04 -7.72
N GLY A 6 26.31 -10.85 -8.59
CA GLY A 6 25.98 -10.77 -10.00
C GLY A 6 24.52 -11.17 -10.25
N ALA A 7 24.07 -12.24 -9.60
CA ALA A 7 22.69 -12.69 -9.77
C ALA A 7 21.71 -11.66 -9.21
N LEU A 8 20.63 -11.39 -9.94
CA LEU A 8 19.64 -10.42 -9.50
C LEU A 8 18.45 -11.08 -8.82
N THR A 9 18.12 -10.61 -7.62
CA THR A 9 16.96 -11.14 -6.90
C THR A 9 15.76 -10.23 -7.15
N GLY A 10 14.68 -10.81 -7.64
CA GLY A 10 13.48 -10.05 -7.93
C GLY A 10 12.49 -10.87 -8.75
N VAL A 11 12.90 -12.07 -9.16
CA VAL A 11 12.02 -12.93 -9.96
C VAL A 11 11.19 -13.82 -9.02
N THR A 12 9.88 -13.82 -9.25
CA THR A 12 8.96 -14.64 -8.44
C THR A 12 7.80 -15.10 -9.30
N THR A 13 8.02 -15.13 -10.61
CA THR A 13 6.99 -15.59 -11.53
C THR A 13 6.94 -17.11 -11.50
N ASP A 14 5.78 -17.69 -11.79
CA ASP A 14 5.65 -19.15 -11.74
C ASP A 14 4.48 -19.65 -12.58
N GLN A 15 3.29 -19.09 -12.33
CA GLN A 15 2.09 -19.50 -13.08
C GLN A 15 1.61 -18.34 -13.96
N LYS A 16 0.90 -18.69 -15.04
CA LYS A 16 0.39 -17.70 -16.00
C LYS A 16 -1.11 -17.87 -16.19
N GLU A 17 -1.71 -18.73 -15.37
CA GLU A 17 -3.14 -19.00 -15.44
C GLU A 17 -3.94 -17.82 -14.92
N LYS A 18 -4.93 -17.40 -15.71
CA LYS A 18 -5.79 -16.28 -15.33
C LYS A 18 -6.64 -16.66 -14.13
N GLN A 19 -6.75 -15.76 -13.16
CA GLN A 19 -7.54 -16.02 -11.94
C GLN A 19 -8.42 -14.82 -11.60
N LYS A 20 -9.11 -14.90 -10.47
CA LYS A 20 -10.00 -13.81 -10.04
C LYS A 20 -9.20 -12.71 -9.32
N PRO A 21 -9.26 -11.46 -9.77
CA PRO A 21 -8.52 -10.36 -9.09
C PRO A 21 -8.93 -10.22 -7.63
N ASP A 22 -8.12 -9.49 -6.87
CA ASP A 22 -8.39 -9.24 -5.45
C ASP A 22 -7.16 -8.64 -4.78
N ILE A 23 -7.21 -7.34 -4.52
CA ILE A 23 -6.08 -6.67 -3.88
C ILE A 23 -6.08 -6.91 -2.37
N VAL A 24 -4.91 -6.68 -1.76
CA VAL A 24 -4.73 -6.81 -0.31
C VAL A 24 -4.37 -5.43 0.23
N LEU A 25 -4.99 -5.06 1.35
CA LEU A 25 -4.76 -3.77 1.97
C LEU A 25 -4.99 -3.85 3.48
N TYR A 26 -5.30 -2.70 4.12
CA TYR A 26 -5.54 -2.65 5.57
C TYR A 26 -7.03 -2.34 5.85
N PRO A 27 -7.87 -3.33 6.06
CA PRO A 27 -9.32 -3.09 6.34
C PRO A 27 -9.54 -2.42 7.70
N GLU A 28 -8.56 -2.57 8.58
CA GLU A 28 -8.63 -1.99 9.92
C GLU A 28 -8.00 -0.59 9.91
N PRO A 29 -8.70 0.45 10.33
CA PRO A 29 -8.09 1.81 10.36
C PRO A 29 -6.87 1.83 11.28
N VAL A 30 -5.90 2.69 10.95
CA VAL A 30 -4.67 2.79 11.77
C VAL A 30 -4.40 4.25 12.14
N ARG A 31 -4.03 4.47 13.40
CA ARG A 31 -3.74 5.81 13.92
C ARG A 31 -2.35 5.83 14.58
N VAL A 32 -1.58 6.89 14.29
CA VAL A 32 -0.24 7.01 14.87
C VAL A 32 -0.04 8.45 15.39
N LEU A 33 0.83 8.59 16.40
CA LEU A 33 1.11 9.89 17.01
C LEU A 33 2.35 10.54 16.40
N GLU A 34 2.26 11.84 16.11
CA GLU A 34 3.39 12.58 15.52
C GLU A 34 4.71 12.18 16.15
N GLY A 35 5.68 11.84 15.31
CA GLY A 35 7.00 11.46 15.79
C GLY A 35 7.19 9.95 15.74
N GLU A 36 6.16 9.28 15.25
CA GLU A 36 6.19 7.82 15.11
C GLU A 36 6.03 7.42 13.66
N THR A 37 6.90 6.52 13.24
CA THR A 37 6.89 6.03 11.86
C THR A 37 5.91 4.88 11.71
N ALA A 38 5.36 4.73 10.51
CA ALA A 38 4.38 3.66 10.23
C ALA A 38 4.90 2.73 9.14
N ARG A 39 4.38 1.50 9.13
CA ARG A 39 4.77 0.53 8.13
C ARG A 39 3.55 -0.17 7.55
N PHE A 40 3.29 0.07 6.27
CA PHE A 40 2.15 -0.53 5.58
C PHE A 40 2.63 -1.23 4.31
N ARG A 41 1.96 -2.32 3.95
CA ARG A 41 2.32 -3.07 2.74
C ARG A 41 1.05 -3.35 1.96
N CYS A 42 1.14 -3.35 0.63
CA CYS A 42 -0.03 -3.63 -0.19
C CYS A 42 0.43 -4.15 -1.55
N ARG A 43 -0.29 -5.16 -2.04
CA ARG A 43 0.04 -5.80 -3.32
C ARG A 43 -1.22 -6.17 -4.05
N VAL A 44 -1.10 -6.79 -5.22
CA VAL A 44 -2.28 -7.24 -5.97
C VAL A 44 -2.21 -8.77 -6.03
N THR A 45 -3.33 -9.43 -6.36
CA THR A 45 -3.32 -10.89 -6.45
C THR A 45 -4.28 -11.39 -7.52
N GLY A 46 -3.92 -12.53 -8.10
CA GLY A 46 -4.74 -13.18 -9.12
C GLY A 46 -4.41 -12.67 -10.52
N TYR A 47 -3.53 -11.67 -10.62
CA TYR A 47 -3.16 -11.12 -11.92
C TYR A 47 -1.67 -10.77 -12.00
N PRO A 48 -0.94 -11.18 -13.03
CA PRO A 48 0.51 -10.85 -13.15
C PRO A 48 0.71 -9.32 -13.27
N GLN A 49 1.95 -8.89 -13.00
CA GLN A 49 2.35 -7.46 -13.07
C GLN A 49 1.21 -6.53 -13.55
N PRO A 50 0.26 -6.23 -12.70
CA PRO A 50 -0.87 -5.32 -13.04
C PRO A 50 -0.42 -3.86 -13.00
N LYS A 51 -1.19 -2.96 -13.62
CA LYS A 51 -0.86 -1.53 -13.62
C LYS A 51 -1.79 -0.80 -12.65
N VAL A 52 -1.28 -0.45 -11.47
CA VAL A 52 -2.11 0.18 -10.44
C VAL A 52 -1.47 1.45 -9.87
N ASN A 53 -2.29 2.25 -9.18
CA ASN A 53 -1.84 3.49 -8.53
C ASN A 53 -2.53 3.60 -7.18
N TRP A 54 -2.20 4.62 -6.39
CA TRP A 54 -2.83 4.76 -5.08
C TRP A 54 -3.08 6.22 -4.72
N TYR A 55 -3.90 6.42 -3.67
CA TYR A 55 -4.25 7.76 -3.19
C TYR A 55 -3.89 7.90 -1.71
N LEU A 56 -2.87 8.68 -1.40
CA LEU A 56 -2.50 8.90 0.00
C LEU A 56 -3.29 10.06 0.55
N ASN A 57 -3.81 9.95 1.76
CA ASN A 57 -4.58 11.04 2.35
C ASN A 57 -5.61 11.59 1.37
N GLY A 58 -5.80 10.90 0.24
CA GLY A 58 -6.75 11.34 -0.80
C GLY A 58 -6.02 12.02 -1.96
N GLN A 59 -4.72 11.69 -2.13
CA GLN A 59 -3.89 12.28 -3.20
C GLN A 59 -3.24 11.19 -4.06
N LEU A 60 -3.58 11.19 -5.36
CA LEU A 60 -3.03 10.20 -6.31
C LEU A 60 -1.53 10.39 -6.52
N ILE A 61 -0.80 9.26 -6.66
CA ILE A 61 0.64 9.31 -6.92
C ILE A 61 1.46 9.55 -5.65
N ARG A 62 2.16 8.49 -5.24
CA ARG A 62 3.04 8.55 -4.07
C ARG A 62 4.43 9.02 -4.50
N LYS A 63 5.14 9.68 -3.60
CA LYS A 63 6.48 10.16 -3.90
C LYS A 63 7.42 8.99 -4.13
N SER A 64 8.28 9.12 -5.13
CA SER A 64 9.22 8.07 -5.50
C SER A 64 10.40 7.97 -4.54
N LYS A 65 11.58 7.73 -5.11
CA LYS A 65 12.84 7.55 -4.40
C LYS A 65 12.81 8.03 -2.94
N ARG A 66 12.11 9.11 -2.64
CA ARG A 66 12.04 9.61 -1.26
C ARG A 66 11.35 8.57 -0.37
N PHE A 67 10.31 7.94 -0.91
CA PHE A 67 9.56 6.90 -0.21
C PHE A 67 9.61 5.63 -1.06
N ARG A 68 9.62 4.47 -0.42
CA ARG A 68 9.69 3.22 -1.16
C ARG A 68 8.40 2.91 -1.90
N VAL A 69 8.49 2.88 -3.23
CA VAL A 69 7.35 2.57 -4.07
C VAL A 69 7.83 1.96 -5.38
N ARG A 70 7.22 0.85 -5.77
CA ARG A 70 7.59 0.19 -7.02
C ARG A 70 6.33 -0.04 -7.84
N TYR A 71 6.13 0.77 -8.85
CA TYR A 71 4.92 0.63 -9.64
C TYR A 71 5.00 -0.60 -10.54
N ASP A 72 4.55 -1.72 -10.00
CA ASP A 72 4.53 -2.98 -10.72
C ASP A 72 3.75 -4.01 -9.90
N GLY A 73 2.80 -3.49 -9.11
CA GLY A 73 1.95 -4.33 -8.26
C GLY A 73 2.35 -4.20 -6.78
N ILE A 74 3.56 -3.69 -6.53
CA ILE A 74 4.07 -3.55 -5.15
C ILE A 74 4.20 -2.09 -4.72
N HIS A 75 3.55 -1.74 -3.61
CA HIS A 75 3.64 -0.36 -3.10
C HIS A 75 3.72 -0.31 -1.57
N TYR A 76 4.87 0.12 -1.04
CA TYR A 76 5.04 0.23 0.41
C TYR A 76 4.79 1.68 0.85
N LEU A 77 3.84 1.86 1.77
CA LEU A 77 3.52 3.20 2.29
C LEU A 77 4.07 3.34 3.72
N ASP A 78 5.19 4.04 3.89
CA ASP A 78 5.81 4.19 5.23
C ASP A 78 6.01 5.64 5.62
N ILE A 79 5.59 5.95 6.86
CA ILE A 79 5.76 7.30 7.39
C ILE A 79 7.13 7.40 8.03
N VAL A 80 7.63 8.61 8.22
CA VAL A 80 8.92 8.82 8.84
C VAL A 80 8.79 9.80 10.00
N ASP A 81 9.81 9.85 10.84
CA ASP A 81 9.79 10.74 11.99
C ASP A 81 9.77 12.20 11.53
N CYS A 82 8.75 12.55 10.76
CA CYS A 82 8.59 13.90 10.26
C CYS A 82 7.51 13.91 9.19
N LYS A 83 6.61 14.89 9.25
CA LYS A 83 5.51 15.00 8.29
C LYS A 83 4.48 13.90 8.54
N SER A 84 3.83 13.93 9.71
CA SER A 84 2.83 12.93 10.05
C SER A 84 1.61 13.59 10.72
N TYR A 85 1.88 14.58 11.58
CA TYR A 85 0.81 15.29 12.34
C TYR A 85 -0.32 15.85 11.45
N ASP A 86 -0.99 14.97 10.72
CA ASP A 86 -2.08 15.40 9.86
C ASP A 86 -3.00 14.23 9.52
N THR A 87 -4.26 14.32 9.94
CA THR A 87 -5.20 13.23 9.68
C THR A 87 -5.78 13.35 8.29
N GLY A 88 -5.67 12.26 7.51
CA GLY A 88 -6.20 12.25 6.14
C GLY A 88 -6.88 10.91 5.87
N GLU A 89 -7.01 10.55 4.60
CA GLU A 89 -7.65 9.28 4.23
C GLU A 89 -6.88 8.58 3.13
N VAL A 90 -6.66 7.28 3.31
CA VAL A 90 -5.97 6.48 2.31
C VAL A 90 -7.00 5.65 1.57
N LYS A 91 -6.80 5.49 0.28
CA LYS A 91 -7.71 4.76 -0.57
C LYS A 91 -6.87 4.14 -1.66
N VAL A 92 -6.83 2.82 -1.69
CA VAL A 92 -6.01 2.14 -2.69
C VAL A 92 -6.80 1.86 -3.95
N THR A 93 -6.23 2.20 -5.10
CA THR A 93 -6.91 1.99 -6.40
C THR A 93 -6.08 1.06 -7.27
N ALA A 94 -6.73 0.39 -8.21
CA ALA A 94 -6.04 -0.52 -9.10
C ALA A 94 -6.72 -0.60 -10.46
N GLU A 95 -5.94 -0.87 -11.49
CA GLU A 95 -6.46 -1.00 -12.84
C GLU A 95 -5.92 -2.27 -13.47
N ASN A 96 -6.72 -2.87 -14.34
CA ASN A 96 -6.35 -4.09 -15.01
C ASN A 96 -7.09 -4.17 -16.35
N PRO A 97 -6.53 -4.82 -17.35
CA PRO A 97 -7.20 -4.94 -18.67
C PRO A 97 -8.56 -5.64 -18.54
N GLU A 98 -8.74 -6.42 -17.47
CA GLU A 98 -10.00 -7.17 -17.27
C GLU A 98 -10.73 -6.81 -15.97
N GLY A 99 -10.30 -5.78 -15.24
CA GLY A 99 -10.99 -5.43 -14.01
C GLY A 99 -10.44 -4.14 -13.40
N VAL A 100 -11.11 -3.68 -12.36
CA VAL A 100 -10.72 -2.47 -11.64
C VAL A 100 -11.14 -2.62 -10.19
N ILE A 101 -10.25 -2.32 -9.23
CA ILE A 101 -10.61 -2.46 -7.82
C ILE A 101 -10.17 -1.26 -6.98
N GLU A 102 -11.05 -0.85 -6.06
CA GLU A 102 -10.78 0.26 -5.15
C GLU A 102 -11.27 -0.10 -3.74
N HIS A 103 -10.64 0.49 -2.72
CA HIS A 103 -11.03 0.24 -1.33
C HIS A 103 -10.86 1.51 -0.51
N LYS A 104 -11.77 1.71 0.46
CA LYS A 104 -11.73 2.92 1.31
C LYS A 104 -11.38 2.59 2.75
N VAL A 105 -10.36 3.28 3.26
CA VAL A 105 -9.91 3.10 4.64
C VAL A 105 -9.61 4.46 5.25
N LYS A 106 -9.66 4.56 6.58
CA LYS A 106 -9.40 5.82 7.27
C LYS A 106 -8.13 5.76 8.10
N LEU A 107 -7.19 6.67 7.81
CA LEU A 107 -5.94 6.75 8.56
C LEU A 107 -5.81 8.16 9.10
N GLU A 108 -5.76 8.29 10.42
CA GLU A 108 -5.65 9.60 11.06
C GLU A 108 -4.38 9.69 11.90
N ILE A 109 -3.62 10.77 11.71
CA ILE A 109 -2.39 10.96 12.49
C ILE A 109 -2.57 12.10 13.48
N GLN A 110 -2.57 11.76 14.78
CA GLN A 110 -2.74 12.76 15.83
C GLN A 110 -1.40 13.38 16.20
N GLN A 111 -1.09 13.39 17.50
CA GLN A 111 0.18 13.96 17.97
C GLN A 111 0.66 13.22 19.22
N LEU A 112 1.98 13.25 19.45
CA LEU A 112 2.58 12.60 20.62
C LEU A 112 2.91 13.65 21.68
N GLU A 113 3.24 14.86 21.22
CA GLU A 113 3.57 15.94 22.13
C GLU A 113 2.30 16.52 22.76
N HIS A 114 2.42 16.95 24.01
CA HIS A 114 1.30 17.55 24.72
C HIS A 114 0.98 18.91 24.13
N HIS A 115 0.04 19.63 24.74
CA HIS A 115 -0.33 20.95 24.25
C HIS A 115 0.87 21.89 24.36
N HIS A 116 1.61 21.78 25.47
CA HIS A 116 2.79 22.63 25.67
C HIS A 116 4.00 22.01 25.00
N HIS A 117 5.01 22.84 24.74
CA HIS A 117 6.23 22.39 24.08
C HIS A 117 7.45 23.05 24.71
N HIS A 118 8.62 22.48 24.46
CA HIS A 118 9.85 23.03 25.03
C HIS A 118 10.09 24.44 24.52
N HIS A 119 10.39 25.34 25.45
CA HIS A 119 10.65 26.73 25.10
C HIS A 119 11.72 26.83 24.03
N ARG A 1 23.51 -8.68 11.02
CA ARG A 1 23.72 -10.08 10.56
C ARG A 1 22.71 -10.99 11.27
N MET A 2 21.58 -10.42 11.66
CA MET A 2 20.54 -11.18 12.35
C MET A 2 19.67 -11.93 11.35
N ALA A 3 19.24 -13.15 11.72
CA ALA A 3 18.39 -13.96 10.84
C ALA A 3 17.58 -14.97 11.65
N HIS A 4 16.46 -15.42 11.07
CA HIS A 4 15.59 -16.39 11.73
C HIS A 4 14.75 -17.13 10.69
N GLU A 5 15.40 -17.59 9.62
CA GLU A 5 14.70 -18.32 8.57
C GLU A 5 14.76 -19.83 8.80
N GLY A 6 13.76 -20.35 9.51
CA GLY A 6 13.72 -21.78 9.82
C GLY A 6 13.05 -22.57 8.69
N ALA A 7 11.83 -22.16 8.34
CA ALA A 7 11.08 -22.84 7.27
C ALA A 7 11.73 -22.63 5.92
N LEU A 8 11.57 -23.63 5.04
CA LEU A 8 12.14 -23.56 3.69
C LEU A 8 11.18 -22.86 2.74
N THR A 9 11.69 -21.87 2.02
CA THR A 9 10.86 -21.10 1.06
C THR A 9 10.87 -21.74 -0.32
N GLY A 10 9.87 -21.39 -1.12
CA GLY A 10 9.76 -21.91 -2.47
C GLY A 10 10.98 -21.50 -3.30
N VAL A 11 11.18 -22.18 -4.42
CA VAL A 11 12.31 -21.91 -5.30
C VAL A 11 12.02 -20.74 -6.24
N THR A 12 12.97 -19.82 -6.35
CA THR A 12 12.82 -18.67 -7.23
C THR A 12 12.80 -19.09 -8.70
N THR A 13 11.76 -19.81 -9.08
CA THR A 13 11.63 -20.26 -10.46
C THR A 13 11.07 -19.15 -11.34
N ASP A 14 9.88 -19.37 -11.87
CA ASP A 14 9.23 -18.37 -12.73
C ASP A 14 7.70 -18.52 -12.63
N GLN A 15 7.01 -17.38 -12.62
CA GLN A 15 5.56 -17.40 -12.52
C GLN A 15 4.92 -17.35 -13.91
N LYS A 16 4.17 -18.40 -14.24
CA LYS A 16 3.50 -18.49 -15.54
C LYS A 16 2.00 -18.75 -15.33
N GLU A 17 1.58 -18.73 -14.08
CA GLU A 17 0.18 -18.98 -13.73
C GLU A 17 -0.54 -17.66 -13.48
N LYS A 18 -1.61 -17.41 -14.23
CA LYS A 18 -2.38 -16.19 -14.07
C LYS A 18 -3.42 -16.38 -12.96
N GLN A 19 -3.50 -15.40 -12.06
CA GLN A 19 -4.44 -15.46 -10.95
C GLN A 19 -5.60 -14.49 -11.19
N LYS A 20 -6.61 -14.56 -10.33
CA LYS A 20 -7.76 -13.67 -10.46
C LYS A 20 -7.45 -12.35 -9.75
N PRO A 21 -7.86 -11.22 -10.30
CA PRO A 21 -7.59 -9.91 -9.64
C PRO A 21 -8.09 -9.91 -8.19
N ASP A 22 -7.31 -9.28 -7.29
CA ASP A 22 -7.69 -9.19 -5.88
C ASP A 22 -6.66 -8.41 -5.09
N ILE A 23 -6.99 -7.17 -4.73
CA ILE A 23 -6.07 -6.31 -3.98
C ILE A 23 -6.14 -6.56 -2.47
N VAL A 24 -5.02 -6.30 -1.80
CA VAL A 24 -4.91 -6.46 -0.35
C VAL A 24 -4.46 -5.13 0.26
N LEU A 25 -4.96 -4.82 1.45
CA LEU A 25 -4.61 -3.57 2.13
C LEU A 25 -4.82 -3.74 3.63
N TYR A 26 -5.10 -2.64 4.34
CA TYR A 26 -5.35 -2.69 5.78
C TYR A 26 -6.88 -2.79 6.01
N PRO A 27 -7.41 -3.92 6.44
CA PRO A 27 -8.88 -4.07 6.62
C PRO A 27 -9.44 -3.10 7.67
N GLU A 28 -8.60 -2.69 8.63
CA GLU A 28 -9.05 -1.78 9.70
C GLU A 28 -8.26 -0.46 9.67
N PRO A 29 -8.87 0.64 10.07
CA PRO A 29 -8.18 1.97 10.10
C PRO A 29 -6.91 1.92 10.97
N VAL A 30 -5.96 2.79 10.67
CA VAL A 30 -4.70 2.85 11.44
C VAL A 30 -4.42 4.28 11.87
N ARG A 31 -4.00 4.44 13.12
CA ARG A 31 -3.67 5.77 13.64
C ARG A 31 -2.33 5.75 14.37
N VAL A 32 -1.50 6.77 14.14
CA VAL A 32 -0.18 6.84 14.79
C VAL A 32 0.03 8.23 15.38
N LEU A 33 0.97 8.36 16.32
CA LEU A 33 1.23 9.63 16.99
C LEU A 33 2.46 10.35 16.41
N GLU A 34 2.31 11.65 16.18
CA GLU A 34 3.41 12.45 15.62
C GLU A 34 4.73 12.09 16.27
N GLY A 35 5.71 11.74 15.42
CA GLY A 35 7.04 11.36 15.89
C GLY A 35 7.21 9.85 15.88
N GLU A 36 6.19 9.16 15.38
CA GLU A 36 6.23 7.69 15.28
C GLU A 36 6.22 7.25 13.83
N THR A 37 7.18 6.39 13.47
CA THR A 37 7.26 5.89 12.10
C THR A 37 6.24 4.78 11.92
N ALA A 38 5.66 4.69 10.72
CA ALA A 38 4.64 3.67 10.44
C ALA A 38 5.03 2.82 9.23
N ARG A 39 4.41 1.65 9.12
CA ARG A 39 4.66 0.73 8.01
C ARG A 39 3.35 0.13 7.52
N PHE A 40 3.11 0.20 6.21
CA PHE A 40 1.89 -0.34 5.62
C PHE A 40 2.24 -1.26 4.46
N ARG A 41 1.65 -2.45 4.45
CA ARG A 41 1.90 -3.41 3.39
C ARG A 41 0.69 -3.44 2.46
N CYS A 42 0.94 -3.28 1.16
CA CYS A 42 -0.14 -3.33 0.18
C CYS A 42 0.37 -3.90 -1.13
N ARG A 43 -0.29 -4.95 -1.60
CA ARG A 43 0.11 -5.63 -2.84
C ARG A 43 -1.13 -5.90 -3.67
N VAL A 44 -0.98 -6.46 -4.88
CA VAL A 44 -2.12 -6.78 -5.73
C VAL A 44 -1.87 -8.20 -6.25
N THR A 45 -2.83 -8.80 -6.96
CA THR A 45 -2.60 -10.15 -7.51
C THR A 45 -3.32 -10.30 -8.85
N GLY A 46 -2.87 -11.25 -9.66
CA GLY A 46 -3.49 -11.50 -10.96
C GLY A 46 -2.46 -11.90 -12.02
N TYR A 47 -1.83 -10.90 -12.62
CA TYR A 47 -0.83 -11.13 -13.67
C TYR A 47 0.37 -10.20 -13.47
N PRO A 48 1.59 -10.67 -13.69
CA PRO A 48 2.80 -9.81 -13.51
C PRO A 48 2.70 -8.50 -14.30
N GLN A 49 3.06 -7.40 -13.63
CA GLN A 49 3.02 -6.06 -14.22
C GLN A 49 1.57 -5.58 -14.38
N PRO A 50 0.88 -5.33 -13.28
CA PRO A 50 -0.52 -4.82 -13.28
C PRO A 50 -0.57 -3.29 -13.31
N LYS A 51 -1.78 -2.73 -13.27
CA LYS A 51 -1.96 -1.29 -13.23
C LYS A 51 -2.34 -0.87 -11.81
N VAL A 52 -1.69 0.17 -11.27
CA VAL A 52 -1.98 0.61 -9.91
C VAL A 52 -1.93 2.13 -9.77
N ASN A 53 -2.89 2.66 -9.01
CA ASN A 53 -2.97 4.11 -8.74
C ASN A 53 -3.11 4.30 -7.23
N TRP A 54 -2.27 5.15 -6.65
CA TRP A 54 -2.29 5.36 -5.20
C TRP A 54 -2.78 6.75 -4.82
N TYR A 55 -3.62 6.79 -3.78
CA TYR A 55 -4.16 8.05 -3.27
C TYR A 55 -3.84 8.18 -1.78
N LEU A 56 -2.82 8.98 -1.45
CA LEU A 56 -2.43 9.17 -0.05
C LEU A 56 -3.20 10.36 0.52
N ASN A 57 -3.71 10.23 1.75
CA ASN A 57 -4.46 11.32 2.36
C ASN A 57 -5.49 11.91 1.40
N GLY A 58 -5.70 11.24 0.26
CA GLY A 58 -6.67 11.70 -0.73
C GLY A 58 -5.94 12.46 -1.85
N GLN A 59 -4.64 12.16 -1.99
CA GLN A 59 -3.79 12.80 -3.02
C GLN A 59 -3.17 11.73 -3.90
N LEU A 60 -3.36 11.85 -5.21
CA LEU A 60 -2.82 10.89 -6.16
C LEU A 60 -1.30 11.03 -6.30
N ILE A 61 -0.63 9.91 -6.63
CA ILE A 61 0.85 9.85 -6.78
C ILE A 61 1.59 10.12 -5.48
N ARG A 62 2.20 9.04 -4.97
CA ARG A 62 3.03 9.12 -3.77
C ARG A 62 4.48 9.29 -4.22
N LYS A 63 5.23 10.14 -3.52
CA LYS A 63 6.61 10.42 -3.92
C LYS A 63 7.48 9.17 -3.98
N SER A 64 8.41 9.19 -4.92
CA SER A 64 9.33 8.09 -5.16
C SER A 64 10.44 8.02 -4.10
N LYS A 65 11.67 7.79 -4.57
CA LYS A 65 12.88 7.66 -3.73
C LYS A 65 12.69 8.07 -2.26
N ARG A 66 11.93 9.12 -1.98
CA ARG A 66 11.74 9.53 -0.59
C ARG A 66 11.06 8.40 0.19
N PHE A 67 10.11 7.73 -0.47
CA PHE A 67 9.39 6.60 0.13
C PHE A 67 9.61 5.36 -0.75
N ARG A 68 9.49 4.17 -0.17
CA ARG A 68 9.69 2.95 -0.95
C ARG A 68 8.52 2.80 -1.93
N VAL A 69 8.83 2.97 -3.22
CA VAL A 69 7.82 2.87 -4.27
C VAL A 69 8.30 2.04 -5.45
N ARG A 70 7.46 1.13 -5.90
CA ARG A 70 7.76 0.31 -7.06
C ARG A 70 6.46 0.02 -7.76
N TYR A 71 6.17 0.79 -8.81
CA TYR A 71 4.92 0.61 -9.53
C TYR A 71 4.98 -0.65 -10.37
N ASP A 72 4.61 -1.76 -9.76
CA ASP A 72 4.59 -3.06 -10.41
C ASP A 72 3.78 -4.01 -9.54
N GLY A 73 2.88 -3.43 -8.74
CA GLY A 73 2.04 -4.19 -7.83
C GLY A 73 2.56 -4.09 -6.39
N ILE A 74 3.81 -3.64 -6.26
CA ILE A 74 4.47 -3.52 -4.95
C ILE A 74 4.49 -2.08 -4.48
N HIS A 75 3.78 -1.80 -3.37
CA HIS A 75 3.73 -0.43 -2.86
C HIS A 75 3.79 -0.39 -1.33
N TYR A 76 4.92 0.08 -0.80
CA TYR A 76 5.12 0.18 0.66
C TYR A 76 5.09 1.65 1.10
N LEU A 77 4.21 1.98 2.06
CA LEU A 77 4.13 3.36 2.59
C LEU A 77 4.77 3.41 3.98
N ASP A 78 5.95 4.02 4.09
CA ASP A 78 6.64 4.10 5.40
C ASP A 78 6.87 5.55 5.82
N ILE A 79 6.23 5.95 6.93
CA ILE A 79 6.39 7.29 7.46
C ILE A 79 7.70 7.37 8.23
N VAL A 80 8.18 8.58 8.46
CA VAL A 80 9.40 8.78 9.23
C VAL A 80 9.14 9.92 10.20
N ASP A 81 9.99 10.08 11.20
CA ASP A 81 9.79 11.15 12.16
C ASP A 81 9.98 12.50 11.47
N CYS A 82 9.11 12.80 10.50
CA CYS A 82 9.19 14.05 9.75
C CYS A 82 7.82 14.72 9.63
N LYS A 83 6.97 14.17 8.76
CA LYS A 83 5.64 14.73 8.54
C LYS A 83 4.58 13.64 8.72
N SER A 84 3.87 13.70 9.85
CA SER A 84 2.82 12.73 10.14
C SER A 84 1.63 13.40 10.83
N TYR A 85 1.92 14.38 11.69
CA TYR A 85 0.89 15.10 12.47
C TYR A 85 -0.24 15.68 11.60
N ASP A 86 -0.95 14.82 10.88
CA ASP A 86 -2.04 15.28 10.04
C ASP A 86 -2.94 14.11 9.64
N THR A 87 -4.22 14.22 9.95
CA THR A 87 -5.16 13.16 9.65
C THR A 87 -5.75 13.31 8.24
N GLY A 88 -5.74 12.23 7.46
CA GLY A 88 -6.26 12.26 6.08
C GLY A 88 -6.96 10.94 5.75
N GLU A 89 -7.05 10.62 4.46
CA GLU A 89 -7.70 9.37 4.02
C GLU A 89 -6.94 8.71 2.89
N VAL A 90 -6.84 7.38 2.93
CA VAL A 90 -6.12 6.62 1.91
C VAL A 90 -7.10 5.76 1.12
N LYS A 91 -6.92 5.74 -0.20
CA LYS A 91 -7.77 4.95 -1.09
C LYS A 91 -6.88 4.24 -2.10
N VAL A 92 -6.96 2.92 -2.15
CA VAL A 92 -6.12 2.14 -3.05
C VAL A 92 -6.97 1.46 -4.10
N THR A 93 -6.55 1.56 -5.36
CA THR A 93 -7.31 0.96 -6.45
C THR A 93 -6.37 0.46 -7.53
N ALA A 94 -6.84 -0.50 -8.31
CA ALA A 94 -6.04 -1.07 -9.38
C ALA A 94 -6.92 -1.41 -10.57
N GLU A 95 -6.32 -1.43 -11.74
CA GLU A 95 -7.06 -1.73 -12.97
C GLU A 95 -6.49 -3.01 -13.59
N ASN A 96 -7.27 -3.64 -14.45
CA ASN A 96 -6.87 -4.87 -15.12
C ASN A 96 -7.66 -4.99 -16.41
N PRO A 97 -7.20 -5.77 -17.35
CA PRO A 97 -7.92 -5.93 -18.65
C PRO A 97 -9.42 -6.07 -18.45
N GLU A 98 -9.81 -7.09 -17.68
CA GLU A 98 -11.23 -7.35 -17.41
C GLU A 98 -11.54 -7.30 -15.92
N GLY A 99 -10.72 -6.59 -15.13
CA GLY A 99 -10.94 -6.49 -13.69
C GLY A 99 -10.80 -5.06 -13.22
N VAL A 100 -11.80 -4.60 -12.48
CA VAL A 100 -11.81 -3.25 -11.93
C VAL A 100 -12.03 -3.34 -10.42
N ILE A 101 -11.18 -2.71 -9.63
CA ILE A 101 -11.30 -2.78 -8.17
C ILE A 101 -10.91 -1.47 -7.48
N GLU A 102 -11.51 -1.26 -6.32
CA GLU A 102 -11.25 -0.07 -5.50
C GLU A 102 -11.54 -0.40 -4.04
N HIS A 103 -10.83 0.26 -3.11
CA HIS A 103 -11.01 0.00 -1.69
C HIS A 103 -10.84 1.29 -0.88
N LYS A 104 -11.76 1.54 0.06
CA LYS A 104 -11.70 2.75 0.88
C LYS A 104 -11.28 2.43 2.32
N VAL A 105 -10.25 3.15 2.79
CA VAL A 105 -9.74 2.98 4.15
C VAL A 105 -9.31 4.33 4.70
N LYS A 106 -9.55 4.58 6.00
CA LYS A 106 -9.20 5.87 6.61
C LYS A 106 -8.04 5.76 7.60
N LEU A 107 -7.09 6.69 7.46
CA LEU A 107 -5.91 6.75 8.35
C LEU A 107 -5.86 8.12 8.99
N GLU A 108 -5.78 8.19 10.32
CA GLU A 108 -5.73 9.48 11.03
C GLU A 108 -4.48 9.54 11.92
N ILE A 109 -3.65 10.58 11.71
CA ILE A 109 -2.44 10.74 12.51
C ILE A 109 -2.62 11.86 13.52
N GLN A 110 -2.59 11.51 14.82
CA GLN A 110 -2.78 12.51 15.88
C GLN A 110 -1.45 13.10 16.36
N GLN A 111 -1.19 13.03 17.68
CA GLN A 111 0.06 13.59 18.22
C GLN A 111 0.54 12.83 19.45
N LEU A 112 1.87 12.83 19.66
CA LEU A 112 2.46 12.16 20.82
C LEU A 112 1.62 12.38 22.06
N GLU A 113 0.94 11.32 22.50
CA GLU A 113 0.09 11.40 23.68
C GLU A 113 0.91 11.28 24.96
N HIS A 114 0.35 11.76 26.06
CA HIS A 114 1.03 11.69 27.34
C HIS A 114 0.97 10.25 27.88
N HIS A 115 2.07 9.80 28.47
CA HIS A 115 2.13 8.45 29.01
C HIS A 115 0.92 8.16 29.89
N HIS A 116 -0.17 7.71 29.27
CA HIS A 116 -1.38 7.41 30.02
C HIS A 116 -1.13 6.24 30.97
N HIS A 117 -0.44 5.22 30.48
CA HIS A 117 -0.12 4.05 31.29
C HIS A 117 1.13 4.30 32.11
N HIS A 118 1.03 4.07 33.42
CA HIS A 118 2.16 4.28 34.33
C HIS A 118 2.47 3.01 35.10
N HIS A 119 3.73 2.59 35.09
CA HIS A 119 4.13 1.38 35.80
C HIS A 119 5.66 1.31 35.94
N ARG A 1 -2.57 -22.21 -40.65
CA ARG A 1 -3.75 -22.25 -39.75
C ARG A 1 -4.40 -23.64 -39.86
N MET A 2 -3.57 -24.65 -40.08
CA MET A 2 -4.06 -26.02 -40.19
C MET A 2 -4.24 -26.62 -38.80
N ALA A 3 -3.91 -25.82 -37.78
CA ALA A 3 -4.02 -26.28 -36.40
C ALA A 3 -5.42 -26.81 -36.14
N HIS A 4 -5.53 -27.78 -35.24
CA HIS A 4 -6.82 -28.36 -34.93
C HIS A 4 -7.77 -27.31 -34.37
N GLU A 5 -9.01 -27.35 -34.84
CA GLU A 5 -10.02 -26.40 -34.40
C GLU A 5 -10.60 -26.82 -33.05
N GLY A 6 -9.73 -27.31 -32.16
CA GLY A 6 -10.16 -27.75 -30.85
C GLY A 6 -10.69 -26.57 -30.04
N ALA A 7 -10.02 -25.43 -30.17
CA ALA A 7 -10.42 -24.21 -29.47
C ALA A 7 -11.31 -23.35 -30.37
N LEU A 8 -12.46 -22.94 -29.85
CA LEU A 8 -13.38 -22.11 -30.63
C LEU A 8 -12.85 -20.69 -30.76
N THR A 9 -12.95 -20.13 -31.97
CA THR A 9 -12.48 -18.78 -32.23
C THR A 9 -13.53 -17.73 -31.85
N GLY A 10 -13.10 -16.49 -31.68
CA GLY A 10 -13.99 -15.40 -31.32
C GLY A 10 -13.23 -14.26 -30.67
N VAL A 11 -12.46 -14.59 -29.65
CA VAL A 11 -11.67 -13.59 -28.92
C VAL A 11 -10.54 -13.06 -29.80
N THR A 12 -10.22 -11.78 -29.64
CA THR A 12 -9.15 -11.17 -30.41
C THR A 12 -7.80 -11.62 -29.85
N THR A 13 -7.69 -12.91 -29.58
CA THR A 13 -6.47 -13.46 -29.02
C THR A 13 -6.02 -12.64 -27.83
N ASP A 14 -5.19 -11.63 -28.07
CA ASP A 14 -4.66 -10.75 -27.01
C ASP A 14 -4.63 -11.46 -25.66
N GLN A 15 -5.33 -10.89 -24.67
CA GLN A 15 -5.37 -11.49 -23.35
C GLN A 15 -6.39 -12.62 -23.29
N LYS A 16 -5.89 -13.84 -23.14
CA LYS A 16 -6.74 -15.03 -23.08
C LYS A 16 -6.43 -15.85 -21.83
N GLU A 17 -5.68 -15.24 -20.91
CA GLU A 17 -5.33 -15.92 -19.67
C GLU A 17 -6.26 -15.49 -18.54
N LYS A 18 -6.90 -16.46 -17.90
CA LYS A 18 -7.84 -16.18 -16.80
C LYS A 18 -7.14 -16.32 -15.45
N GLN A 19 -7.32 -15.31 -14.61
CA GLN A 19 -6.75 -15.31 -13.28
C GLN A 19 -7.72 -14.62 -12.32
N LYS A 20 -7.65 -14.94 -11.02
CA LYS A 20 -8.53 -14.32 -10.03
C LYS A 20 -7.94 -12.98 -9.55
N PRO A 21 -8.51 -11.82 -9.90
CA PRO A 21 -7.95 -10.51 -9.45
C PRO A 21 -8.19 -10.27 -7.97
N ASP A 22 -7.31 -9.49 -7.36
CA ASP A 22 -7.43 -9.17 -5.94
C ASP A 22 -6.47 -8.05 -5.56
N ILE A 23 -6.66 -7.51 -4.35
CA ILE A 23 -5.81 -6.45 -3.84
C ILE A 23 -5.63 -6.56 -2.32
N VAL A 24 -4.41 -6.34 -1.84
CA VAL A 24 -4.11 -6.40 -0.41
C VAL A 24 -4.06 -4.98 0.14
N LEU A 25 -4.79 -4.72 1.22
CA LEU A 25 -4.84 -3.39 1.80
C LEU A 25 -5.10 -3.45 3.31
N TYR A 26 -5.47 -2.32 3.91
CA TYR A 26 -5.76 -2.25 5.35
C TYR A 26 -7.25 -1.99 5.58
N PRO A 27 -8.06 -3.01 5.76
CA PRO A 27 -9.52 -2.81 6.00
C PRO A 27 -9.79 -2.17 7.36
N GLU A 28 -8.78 -2.24 8.24
CA GLU A 28 -8.91 -1.68 9.59
C GLU A 28 -8.29 -0.27 9.67
N PRO A 29 -9.00 0.74 10.15
CA PRO A 29 -8.41 2.10 10.27
C PRO A 29 -7.20 2.10 11.21
N VAL A 30 -6.19 2.92 10.90
CA VAL A 30 -4.98 3.00 11.75
C VAL A 30 -4.69 4.45 12.14
N ARG A 31 -4.43 4.67 13.43
CA ARG A 31 -4.11 6.00 13.97
C ARG A 31 -2.76 5.97 14.69
N VAL A 32 -1.86 6.89 14.33
CA VAL A 32 -0.53 6.95 14.95
C VAL A 32 -0.33 8.38 15.51
N LEU A 33 0.81 8.65 16.14
CA LEU A 33 1.06 9.98 16.74
C LEU A 33 2.38 10.57 16.19
N GLU A 34 2.34 11.86 15.84
CA GLU A 34 3.55 12.54 15.34
C GLU A 34 4.77 12.09 16.13
N GLY A 35 5.80 11.62 15.43
CA GLY A 35 7.03 11.16 16.09
C GLY A 35 7.09 9.63 16.12
N GLU A 36 6.09 8.98 15.53
CA GLU A 36 6.05 7.51 15.47
C GLU A 36 6.01 7.04 14.02
N THR A 37 6.91 6.13 13.67
CA THR A 37 6.95 5.62 12.31
C THR A 37 5.93 4.50 12.15
N ALA A 38 5.52 4.26 10.91
CA ALA A 38 4.53 3.21 10.63
C ALA A 38 4.93 2.42 9.39
N ARG A 39 4.22 1.31 9.16
CA ARG A 39 4.50 0.45 8.01
C ARG A 39 3.20 -0.10 7.41
N PHE A 40 3.06 0.05 6.10
CA PHE A 40 1.87 -0.44 5.38
C PHE A 40 2.31 -1.19 4.13
N ARG A 41 1.55 -2.23 3.78
CA ARG A 41 1.84 -3.04 2.59
C ARG A 41 0.64 -3.07 1.67
N CYS A 42 0.88 -2.98 0.36
CA CYS A 42 -0.22 -3.01 -0.62
C CYS A 42 0.23 -3.66 -1.92
N ARG A 43 -0.54 -4.66 -2.37
CA ARG A 43 -0.23 -5.39 -3.61
C ARG A 43 -1.44 -5.31 -4.54
N VAL A 44 -1.26 -5.72 -5.81
CA VAL A 44 -2.35 -5.71 -6.79
C VAL A 44 -1.99 -6.69 -7.92
N THR A 45 -2.52 -7.92 -7.88
CA THR A 45 -2.19 -8.90 -8.92
C THR A 45 -3.43 -9.60 -9.48
N GLY A 46 -3.48 -9.67 -10.80
CA GLY A 46 -4.59 -10.32 -11.49
C GLY A 46 -4.26 -10.53 -12.97
N TYR A 47 -3.71 -9.48 -13.59
CA TYR A 47 -3.32 -9.53 -14.99
C TYR A 47 -1.95 -8.86 -15.15
N PRO A 48 -1.36 -8.91 -16.32
CA PRO A 48 -0.03 -8.28 -16.54
C PRO A 48 -0.05 -6.77 -16.29
N GLN A 49 0.93 -6.30 -15.53
CA GLN A 49 1.08 -4.88 -15.21
C GLN A 49 -0.25 -4.14 -15.19
N PRO A 50 -1.05 -4.36 -14.18
CA PRO A 50 -2.36 -3.68 -14.04
C PRO A 50 -2.13 -2.22 -13.63
N LYS A 51 -3.07 -1.33 -13.91
CA LYS A 51 -2.87 0.06 -13.51
C LYS A 51 -2.97 0.17 -11.99
N VAL A 52 -1.98 0.81 -11.38
CA VAL A 52 -1.94 0.96 -9.93
C VAL A 52 -1.72 2.41 -9.54
N ASN A 53 -2.51 2.87 -8.57
CA ASN A 53 -2.39 4.24 -8.07
C ASN A 53 -2.70 4.27 -6.58
N TRP A 54 -1.83 4.94 -5.81
CA TRP A 54 -2.04 5.02 -4.36
C TRP A 54 -2.56 6.40 -4.00
N TYR A 55 -3.50 6.46 -3.06
CA TYR A 55 -4.05 7.75 -2.62
C TYR A 55 -3.76 7.93 -1.14
N LEU A 56 -2.72 8.69 -0.83
CA LEU A 56 -2.35 8.94 0.56
C LEU A 56 -3.04 10.20 1.05
N ASN A 57 -3.60 10.17 2.25
CA ASN A 57 -4.27 11.34 2.79
C ASN A 57 -5.29 11.90 1.80
N GLY A 58 -5.55 11.16 0.71
CA GLY A 58 -6.52 11.60 -0.30
C GLY A 58 -5.81 12.21 -1.51
N GLN A 59 -4.48 12.06 -1.56
CA GLN A 59 -3.67 12.60 -2.67
C GLN A 59 -3.04 11.45 -3.46
N LEU A 60 -3.19 11.47 -4.78
CA LEU A 60 -2.64 10.41 -5.63
C LEU A 60 -1.15 10.61 -5.90
N ILE A 61 -0.43 9.50 -6.11
CA ILE A 61 1.00 9.55 -6.42
C ILE A 61 1.87 9.94 -5.23
N ARG A 62 2.66 8.97 -4.77
CA ARG A 62 3.62 9.19 -3.69
C ARG A 62 4.99 9.40 -4.31
N LYS A 63 5.84 10.18 -3.65
CA LYS A 63 7.17 10.46 -4.19
C LYS A 63 7.99 9.18 -4.34
N SER A 64 8.87 9.19 -5.34
CA SER A 64 9.72 8.04 -5.66
C SER A 64 10.84 7.83 -4.64
N LYS A 65 12.03 7.55 -5.13
CA LYS A 65 13.23 7.29 -4.30
C LYS A 65 13.12 7.82 -2.86
N ARG A 66 12.44 8.93 -2.64
CA ARG A 66 12.32 9.46 -1.28
C ARG A 66 11.57 8.46 -0.42
N PHE A 67 10.56 7.83 -1.00
CA PHE A 67 9.78 6.80 -0.31
C PHE A 67 9.84 5.51 -1.13
N ARG A 68 9.73 4.38 -0.46
CA ARG A 68 9.80 3.09 -1.15
C ARG A 68 8.53 2.87 -1.98
N VAL A 69 8.68 2.88 -3.29
CA VAL A 69 7.55 2.62 -4.19
C VAL A 69 8.05 1.97 -5.49
N ARG A 70 7.47 0.83 -5.84
CA ARG A 70 7.84 0.13 -7.07
C ARG A 70 6.60 0.03 -7.95
N TYR A 71 6.50 0.92 -8.93
CA TYR A 71 5.34 0.94 -9.79
C TYR A 71 5.36 -0.23 -10.77
N ASP A 72 4.59 -1.25 -10.44
CA ASP A 72 4.49 -2.46 -11.25
C ASP A 72 3.49 -3.42 -10.61
N GLY A 73 3.35 -3.30 -9.30
CA GLY A 73 2.44 -4.14 -8.55
C GLY A 73 2.72 -4.02 -7.06
N ILE A 74 3.95 -3.62 -6.73
CA ILE A 74 4.39 -3.47 -5.34
C ILE A 74 4.49 -2.01 -4.93
N HIS A 75 3.74 -1.64 -3.90
CA HIS A 75 3.77 -0.25 -3.42
C HIS A 75 3.71 -0.17 -1.89
N TYR A 76 4.83 0.24 -1.28
CA TYR A 76 4.90 0.36 0.18
C TYR A 76 4.70 1.82 0.60
N LEU A 77 3.73 2.05 1.49
CA LEU A 77 3.45 3.39 2.01
C LEU A 77 4.00 3.52 3.43
N ASP A 78 5.20 4.07 3.57
CA ASP A 78 5.85 4.20 4.89
C ASP A 78 6.00 5.65 5.35
N ILE A 79 5.93 5.85 6.67
CA ILE A 79 6.10 7.17 7.28
C ILE A 79 7.21 7.12 8.31
N VAL A 80 7.72 8.29 8.72
CA VAL A 80 8.82 8.33 9.69
C VAL A 80 8.51 9.33 10.79
N ASP A 81 9.32 9.31 11.84
CA ASP A 81 9.13 10.21 12.97
C ASP A 81 9.32 11.66 12.53
N CYS A 82 8.39 12.12 11.70
CA CYS A 82 8.41 13.48 11.17
C CYS A 82 7.56 13.53 9.91
N LYS A 83 6.84 14.64 9.71
CA LYS A 83 5.99 14.78 8.54
C LYS A 83 4.86 13.75 8.60
N SER A 84 4.08 13.76 9.68
CA SER A 84 2.97 12.83 9.82
C SER A 84 1.72 13.56 10.37
N TYR A 85 1.95 14.55 11.22
CA TYR A 85 0.87 15.33 11.88
C TYR A 85 -0.22 15.86 10.90
N ASP A 86 -0.94 14.95 10.24
CA ASP A 86 -1.99 15.35 9.30
C ASP A 86 -3.06 14.26 9.15
N THR A 87 -4.25 14.49 9.69
CA THR A 87 -5.30 13.48 9.56
C THR A 87 -5.86 13.50 8.14
N GLY A 88 -5.86 12.34 7.47
CA GLY A 88 -6.38 12.27 6.09
C GLY A 88 -7.06 10.93 5.83
N GLU A 89 -7.04 10.49 4.57
CA GLU A 89 -7.68 9.21 4.22
C GLU A 89 -6.87 8.45 3.17
N VAL A 90 -6.81 7.14 3.31
CA VAL A 90 -6.08 6.28 2.38
C VAL A 90 -7.06 5.43 1.59
N LYS A 91 -6.86 5.38 0.28
CA LYS A 91 -7.72 4.59 -0.60
C LYS A 91 -6.86 3.96 -1.69
N VAL A 92 -7.10 2.68 -1.96
CA VAL A 92 -6.33 1.96 -2.98
C VAL A 92 -7.25 1.64 -4.14
N THR A 93 -6.83 2.05 -5.35
CA THR A 93 -7.64 1.81 -6.54
C THR A 93 -6.82 1.18 -7.64
N ALA A 94 -7.34 0.08 -8.18
CA ALA A 94 -6.69 -0.65 -9.26
C ALA A 94 -7.65 -0.73 -10.42
N GLU A 95 -7.15 -0.55 -11.65
CA GLU A 95 -8.03 -0.58 -12.81
C GLU A 95 -7.43 -1.35 -13.98
N ASN A 96 -7.95 -2.55 -14.21
CA ASN A 96 -7.51 -3.40 -15.30
C ASN A 96 -8.59 -3.36 -16.40
N PRO A 97 -8.23 -3.37 -17.66
CA PRO A 97 -9.24 -3.29 -18.76
C PRO A 97 -10.40 -4.31 -18.62
N GLU A 98 -10.28 -5.30 -17.72
CA GLU A 98 -11.34 -6.32 -17.58
C GLU A 98 -12.10 -6.25 -16.26
N GLY A 99 -11.55 -5.59 -15.25
CA GLY A 99 -12.23 -5.47 -13.97
C GLY A 99 -11.64 -4.32 -13.17
N VAL A 100 -12.30 -3.97 -12.08
CA VAL A 100 -11.82 -2.88 -11.22
C VAL A 100 -12.11 -3.21 -9.76
N ILE A 101 -11.15 -2.95 -8.88
CA ILE A 101 -11.33 -3.23 -7.44
C ILE A 101 -10.61 -2.20 -6.59
N GLU A 102 -11.34 -1.65 -5.63
CA GLU A 102 -10.82 -0.65 -4.71
C GLU A 102 -11.45 -0.80 -3.32
N HIS A 103 -10.87 -0.14 -2.32
CA HIS A 103 -11.39 -0.19 -0.96
C HIS A 103 -11.13 1.14 -0.25
N LYS A 104 -12.10 1.58 0.56
CA LYS A 104 -11.95 2.84 1.31
C LYS A 104 -11.39 2.55 2.69
N VAL A 105 -10.38 3.32 3.09
CA VAL A 105 -9.74 3.15 4.39
C VAL A 105 -9.46 4.53 5.00
N LYS A 106 -9.66 4.66 6.31
CA LYS A 106 -9.45 5.95 6.99
C LYS A 106 -8.25 5.90 7.94
N LEU A 107 -7.27 6.78 7.70
CA LEU A 107 -6.09 6.88 8.56
C LEU A 107 -6.00 8.29 9.10
N GLU A 108 -5.90 8.41 10.42
CA GLU A 108 -5.80 9.72 11.06
C GLU A 108 -4.53 9.79 11.88
N ILE A 109 -3.64 10.74 11.58
CA ILE A 109 -2.40 10.86 12.38
C ILE A 109 -2.49 12.13 13.21
N GLN A 110 -2.51 11.91 14.53
CA GLN A 110 -2.64 13.00 15.51
C GLN A 110 -1.29 13.61 15.87
N GLN A 111 -1.00 13.73 17.17
CA GLN A 111 0.26 14.31 17.62
C GLN A 111 0.69 13.73 18.96
N LEU A 112 2.01 13.75 19.22
CA LEU A 112 2.58 13.20 20.48
C LEU A 112 1.54 13.02 21.58
N GLU A 113 1.36 14.05 22.41
CA GLU A 113 0.41 13.98 23.51
C GLU A 113 -0.27 15.33 23.74
N HIS A 114 -1.31 15.60 22.96
CA HIS A 114 -2.05 16.87 23.06
C HIS A 114 -3.37 16.67 23.82
N HIS A 115 -3.78 15.41 23.97
CA HIS A 115 -5.02 15.09 24.67
C HIS A 115 -4.73 14.26 25.91
N HIS A 116 -5.26 14.70 27.05
CA HIS A 116 -5.05 14.00 28.32
C HIS A 116 -6.21 13.03 28.60
N HIS A 117 -6.88 12.60 27.55
CA HIS A 117 -8.00 11.68 27.69
C HIS A 117 -7.55 10.37 28.34
N HIS A 118 -6.39 9.88 27.92
CA HIS A 118 -5.85 8.64 28.46
C HIS A 118 -5.69 8.72 29.97
N HIS A 119 -6.68 8.19 30.69
CA HIS A 119 -6.65 8.19 32.15
C HIS A 119 -6.25 9.56 32.68
N ARG A 1 -10.52 -13.06 4.49
CA ARG A 1 -10.78 -13.68 5.81
C ARG A 1 -9.83 -13.08 6.85
N MET A 2 -10.40 -12.75 8.01
CA MET A 2 -9.63 -12.17 9.11
C MET A 2 -8.60 -13.16 9.62
N ALA A 3 -8.98 -14.43 9.70
CA ALA A 3 -8.09 -15.48 10.20
C ALA A 3 -6.66 -15.30 9.69
N HIS A 4 -5.81 -14.64 10.49
CA HIS A 4 -4.42 -14.43 10.10
C HIS A 4 -3.62 -15.72 10.24
N GLU A 5 -3.84 -16.43 11.34
CA GLU A 5 -3.12 -17.68 11.61
C GLU A 5 -3.66 -18.81 10.73
N GLY A 6 -4.06 -18.49 9.51
CA GLY A 6 -4.58 -19.49 8.59
C GLY A 6 -3.44 -20.23 7.87
N ALA A 7 -3.57 -20.36 6.55
CA ALA A 7 -2.56 -21.04 5.75
C ALA A 7 -1.29 -20.21 5.68
N LEU A 8 -0.14 -20.88 5.63
CA LEU A 8 1.14 -20.17 5.55
C LEU A 8 1.34 -19.64 4.14
N THR A 9 1.81 -18.40 4.04
CA THR A 9 2.05 -17.79 2.75
C THR A 9 3.17 -18.52 2.02
N GLY A 10 3.16 -18.42 0.69
CA GLY A 10 4.18 -19.06 -0.12
C GLY A 10 4.17 -18.49 -1.53
N VAL A 11 4.73 -19.25 -2.47
CA VAL A 11 4.78 -18.81 -3.86
C VAL A 11 3.51 -19.20 -4.58
N THR A 12 2.95 -18.26 -5.33
CA THR A 12 1.73 -18.52 -6.08
C THR A 12 1.90 -19.67 -7.07
N THR A 13 3.01 -20.41 -6.95
CA THR A 13 3.27 -21.53 -7.87
C THR A 13 3.12 -21.07 -9.31
N ASP A 14 4.25 -20.68 -9.92
CA ASP A 14 4.26 -20.21 -11.30
C ASP A 14 3.91 -18.72 -11.34
N GLN A 15 4.81 -17.90 -11.87
CA GLN A 15 4.60 -16.46 -11.95
C GLN A 15 3.90 -16.04 -13.24
N LYS A 16 3.32 -17.01 -13.95
CA LYS A 16 2.60 -16.73 -15.20
C LYS A 16 1.19 -17.31 -15.14
N GLU A 17 0.77 -17.73 -13.95
CA GLU A 17 -0.57 -18.31 -13.78
C GLU A 17 -1.61 -17.21 -13.67
N LYS A 18 -2.83 -17.49 -14.14
CA LYS A 18 -3.91 -16.51 -14.07
C LYS A 18 -4.77 -16.78 -12.83
N GLN A 19 -4.79 -15.82 -11.91
CA GLN A 19 -5.57 -15.97 -10.68
C GLN A 19 -6.78 -15.06 -10.73
N LYS A 20 -7.59 -15.10 -9.67
CA LYS A 20 -8.80 -14.26 -9.63
C LYS A 20 -8.42 -12.84 -9.16
N PRO A 21 -8.98 -11.80 -9.73
CA PRO A 21 -8.64 -10.42 -9.28
C PRO A 21 -8.93 -10.25 -7.79
N ASP A 22 -8.03 -9.55 -7.09
CA ASP A 22 -8.21 -9.29 -5.66
C ASP A 22 -7.02 -8.53 -5.06
N ILE A 23 -7.20 -7.23 -4.84
CA ILE A 23 -6.11 -6.43 -4.28
C ILE A 23 -6.00 -6.61 -2.77
N VAL A 24 -4.78 -6.41 -2.26
CA VAL A 24 -4.48 -6.56 -0.83
C VAL A 24 -4.18 -5.20 -0.22
N LEU A 25 -4.79 -4.90 0.94
CA LEU A 25 -4.57 -3.62 1.62
C LEU A 25 -4.83 -3.77 3.12
N TYR A 26 -4.97 -2.63 3.82
CA TYR A 26 -5.23 -2.68 5.27
C TYR A 26 -6.68 -3.18 5.50
N PRO A 27 -6.88 -4.33 6.12
CA PRO A 27 -8.25 -4.86 6.36
C PRO A 27 -9.12 -3.89 7.17
N GLU A 28 -8.47 -3.05 7.98
CA GLU A 28 -9.21 -2.09 8.81
C GLU A 28 -8.45 -0.75 8.87
N PRO A 29 -9.05 0.29 9.43
CA PRO A 29 -8.39 1.62 9.54
C PRO A 29 -7.34 1.65 10.64
N VAL A 30 -6.39 2.58 10.55
CA VAL A 30 -5.33 2.69 11.57
C VAL A 30 -5.02 4.14 11.90
N ARG A 31 -4.62 4.38 13.17
CA ARG A 31 -4.31 5.73 13.64
C ARG A 31 -2.96 5.73 14.38
N VAL A 32 -2.11 6.73 14.12
CA VAL A 32 -0.81 6.81 14.78
C VAL A 32 -0.61 8.20 15.39
N LEU A 33 0.23 8.30 16.42
CA LEU A 33 0.49 9.57 17.08
C LEU A 33 1.79 10.18 16.56
N GLU A 34 1.76 11.49 16.29
CA GLU A 34 2.94 12.18 15.78
C GLU A 34 4.19 11.83 16.58
N GLY A 35 5.29 11.56 15.89
CA GLY A 35 6.54 11.20 16.54
C GLY A 35 6.77 9.70 16.44
N GLU A 36 5.80 9.03 15.82
CA GLU A 36 5.87 7.59 15.62
C GLU A 36 6.02 7.26 14.14
N THR A 37 7.06 6.51 13.79
CA THR A 37 7.26 6.13 12.39
C THR A 37 6.33 4.97 12.07
N ALA A 38 5.87 4.89 10.82
CA ALA A 38 4.95 3.82 10.42
C ALA A 38 5.42 3.16 9.12
N ARG A 39 4.69 2.13 8.72
CA ARG A 39 4.99 1.40 7.49
C ARG A 39 3.71 0.80 6.90
N PHE A 40 3.60 0.83 5.58
CA PHE A 40 2.43 0.27 4.89
C PHE A 40 2.86 -0.52 3.67
N ARG A 41 2.14 -1.60 3.39
CA ARG A 41 2.45 -2.44 2.23
C ARG A 41 1.17 -2.76 1.46
N CYS A 42 1.28 -2.92 0.15
CA CYS A 42 0.12 -3.22 -0.67
C CYS A 42 0.55 -3.90 -1.96
N ARG A 43 -0.15 -4.97 -2.32
CA ARG A 43 0.14 -5.74 -3.52
C ARG A 43 -1.14 -5.95 -4.30
N VAL A 44 -1.08 -6.56 -5.49
CA VAL A 44 -2.27 -6.83 -6.29
C VAL A 44 -2.35 -8.34 -6.53
N THR A 45 -3.48 -8.81 -7.07
CA THR A 45 -3.62 -10.24 -7.38
C THR A 45 -4.46 -10.41 -8.65
N GLY A 46 -4.28 -11.54 -9.34
CA GLY A 46 -5.04 -11.84 -10.55
C GLY A 46 -4.17 -11.90 -11.80
N TYR A 47 -3.59 -10.77 -12.19
CA TYR A 47 -2.77 -10.71 -13.41
C TYR A 47 -1.50 -9.85 -13.20
N PRO A 48 -0.39 -10.16 -13.85
CA PRO A 48 0.86 -9.36 -13.69
C PRO A 48 0.57 -7.85 -13.80
N GLN A 49 1.56 -7.07 -13.39
CA GLN A 49 1.54 -5.61 -13.40
C GLN A 49 0.30 -5.00 -14.06
N PRO A 50 -0.82 -4.94 -13.35
CA PRO A 50 -2.06 -4.32 -13.86
C PRO A 50 -1.97 -2.79 -13.73
N LYS A 51 -3.11 -2.11 -13.61
CA LYS A 51 -3.09 -0.67 -13.42
C LYS A 51 -3.11 -0.41 -11.91
N VAL A 52 -2.15 0.39 -11.42
CA VAL A 52 -2.07 0.67 -9.98
C VAL A 52 -2.04 2.17 -9.71
N ASN A 53 -2.87 2.61 -8.76
CA ASN A 53 -2.93 4.02 -8.39
C ASN A 53 -3.20 4.14 -6.90
N TRP A 54 -2.39 4.95 -6.20
CA TRP A 54 -2.55 5.10 -4.75
C TRP A 54 -2.89 6.54 -4.39
N TYR A 55 -3.73 6.70 -3.37
CA TYR A 55 -4.12 8.02 -2.90
C TYR A 55 -3.76 8.14 -1.41
N LEU A 56 -2.67 8.84 -1.12
CA LEU A 56 -2.24 9.00 0.27
C LEU A 56 -2.89 10.23 0.86
N ASN A 57 -3.43 10.15 2.07
CA ASN A 57 -4.07 11.30 2.68
C ASN A 57 -5.09 11.91 1.71
N GLY A 58 -5.37 11.19 0.62
CA GLY A 58 -6.32 11.66 -0.39
C GLY A 58 -5.56 12.37 -1.52
N GLN A 59 -4.26 12.09 -1.59
CA GLN A 59 -3.37 12.68 -2.58
C GLN A 59 -2.68 11.57 -3.39
N LEU A 60 -2.66 11.74 -4.71
CA LEU A 60 -2.07 10.74 -5.61
C LEU A 60 -0.56 10.95 -5.82
N ILE A 61 0.15 9.83 -6.09
CA ILE A 61 1.61 9.84 -6.34
C ILE A 61 2.44 10.34 -5.16
N ARG A 62 3.21 9.42 -4.59
CA ARG A 62 4.15 9.71 -3.50
C ARG A 62 5.54 9.90 -4.09
N LYS A 63 6.40 10.60 -3.37
CA LYS A 63 7.75 10.83 -3.86
C LYS A 63 8.49 9.50 -4.02
N SER A 64 9.32 9.43 -5.05
CA SER A 64 10.07 8.23 -5.37
C SER A 64 11.24 8.02 -4.42
N LYS A 65 12.39 7.61 -4.97
CA LYS A 65 13.63 7.32 -4.21
C LYS A 65 13.59 7.67 -2.72
N ARG A 66 13.08 8.83 -2.35
CA ARG A 66 13.03 9.19 -0.94
C ARG A 66 12.21 8.17 -0.17
N PHE A 67 11.20 7.62 -0.84
CA PHE A 67 10.35 6.58 -0.27
C PHE A 67 10.42 5.35 -1.18
N ARG A 68 10.27 4.17 -0.61
CA ARG A 68 10.36 2.95 -1.40
C ARG A 68 9.10 2.70 -2.22
N VAL A 69 9.24 2.71 -3.55
CA VAL A 69 8.11 2.45 -4.44
C VAL A 69 8.58 1.72 -5.70
N ARG A 70 7.91 0.62 -6.03
CA ARG A 70 8.23 -0.17 -7.22
C ARG A 70 6.96 -0.31 -8.05
N TYR A 71 6.85 0.47 -9.09
CA TYR A 71 5.66 0.43 -9.92
C TYR A 71 5.65 -0.84 -10.77
N ASP A 72 5.10 -1.92 -10.20
CA ASP A 72 5.01 -3.21 -10.87
C ASP A 72 4.09 -4.14 -10.08
N GLY A 73 3.12 -3.54 -9.38
CA GLY A 73 2.18 -4.32 -8.56
C GLY A 73 2.50 -4.14 -7.07
N ILE A 74 3.70 -3.61 -6.78
CA ILE A 74 4.14 -3.42 -5.39
C ILE A 74 4.31 -1.94 -5.04
N HIS A 75 3.70 -1.52 -3.95
CA HIS A 75 3.79 -0.12 -3.51
C HIS A 75 3.93 -0.01 -1.99
N TYR A 76 5.13 0.37 -1.54
CA TYR A 76 5.40 0.52 -0.10
C TYR A 76 5.35 2.01 0.25
N LEU A 77 4.38 2.39 1.08
CA LEU A 77 4.22 3.77 1.52
C LEU A 77 4.68 3.91 2.99
N ASP A 78 5.83 4.56 3.21
CA ASP A 78 6.37 4.69 4.58
C ASP A 78 6.53 6.15 5.02
N ILE A 79 6.41 6.35 6.33
CA ILE A 79 6.55 7.67 6.96
C ILE A 79 7.64 7.56 8.02
N VAL A 80 8.16 8.69 8.51
CA VAL A 80 9.22 8.67 9.51
C VAL A 80 8.90 9.61 10.64
N ASP A 81 9.69 9.51 11.71
CA ASP A 81 9.51 10.36 12.89
C ASP A 81 9.54 11.84 12.53
N CYS A 82 8.49 12.29 11.85
CA CYS A 82 8.33 13.69 11.43
C CYS A 82 7.37 13.80 10.26
N LYS A 83 6.57 14.88 10.23
CA LYS A 83 5.58 15.11 9.18
C LYS A 83 4.51 14.02 9.25
N SER A 84 3.79 13.96 10.37
CA SER A 84 2.75 12.95 10.54
C SER A 84 1.46 13.59 11.06
N TYR A 85 1.58 14.55 11.99
CA TYR A 85 0.41 15.23 12.59
C TYR A 85 -0.53 15.83 11.54
N ASP A 86 -1.18 14.97 10.75
CA ASP A 86 -2.10 15.44 9.72
C ASP A 86 -3.16 14.37 9.45
N THR A 87 -4.40 14.61 9.86
CA THR A 87 -5.45 13.62 9.67
C THR A 87 -6.02 13.68 8.26
N GLY A 88 -5.95 12.55 7.53
CA GLY A 88 -6.47 12.51 6.16
C GLY A 88 -7.09 11.13 5.85
N GLU A 89 -7.07 10.74 4.58
CA GLU A 89 -7.65 9.44 4.21
C GLU A 89 -6.85 8.79 3.08
N VAL A 90 -6.80 7.45 3.11
CA VAL A 90 -6.08 6.67 2.10
C VAL A 90 -7.04 5.75 1.35
N LYS A 91 -6.78 5.56 0.06
CA LYS A 91 -7.62 4.71 -0.77
C LYS A 91 -6.74 3.98 -1.78
N VAL A 92 -6.87 2.65 -1.86
CA VAL A 92 -6.07 1.86 -2.79
C VAL A 92 -6.99 1.23 -3.83
N THR A 93 -6.60 1.31 -5.09
CA THR A 93 -7.42 0.75 -6.17
C THR A 93 -6.54 0.22 -7.29
N ALA A 94 -7.07 -0.71 -8.06
CA ALA A 94 -6.34 -1.29 -9.18
C ALA A 94 -7.35 -1.77 -10.20
N GLU A 95 -7.00 -1.71 -11.48
CA GLU A 95 -7.94 -2.12 -12.52
C GLU A 95 -7.28 -2.99 -13.58
N ASN A 96 -7.61 -4.27 -13.56
CA ASN A 96 -7.09 -5.22 -14.54
C ASN A 96 -7.95 -5.14 -15.79
N PRO A 97 -7.59 -5.79 -16.87
CA PRO A 97 -8.39 -5.74 -18.11
C PRO A 97 -9.70 -6.53 -18.00
N GLU A 98 -9.77 -7.42 -17.01
CA GLU A 98 -10.97 -8.26 -16.83
C GLU A 98 -11.81 -7.83 -15.62
N GLY A 99 -11.39 -6.80 -14.89
CA GLY A 99 -12.16 -6.38 -13.72
C GLY A 99 -11.66 -5.07 -13.13
N VAL A 100 -12.39 -4.62 -12.11
CA VAL A 100 -12.08 -3.36 -11.40
C VAL A 100 -12.31 -3.55 -9.90
N ILE A 101 -11.37 -3.05 -9.08
CA ILE A 101 -11.49 -3.15 -7.62
C ILE A 101 -11.06 -1.84 -6.96
N GLU A 102 -11.65 -1.60 -5.78
CA GLU A 102 -11.33 -0.40 -5.01
C GLU A 102 -11.70 -0.61 -3.54
N HIS A 103 -10.91 -0.01 -2.64
CA HIS A 103 -11.15 -0.13 -1.21
C HIS A 103 -10.92 1.22 -0.54
N LYS A 104 -11.86 1.64 0.30
CA LYS A 104 -11.74 2.92 1.01
C LYS A 104 -11.43 2.67 2.48
N VAL A 105 -10.38 3.34 2.98
CA VAL A 105 -9.98 3.22 4.38
C VAL A 105 -9.73 4.61 4.97
N LYS A 106 -9.81 4.73 6.29
CA LYS A 106 -9.59 6.03 6.95
C LYS A 106 -8.36 5.98 7.84
N LEU A 107 -7.42 6.88 7.58
CA LEU A 107 -6.18 6.97 8.36
C LEU A 107 -6.07 8.37 8.93
N GLU A 108 -6.01 8.48 10.26
CA GLU A 108 -5.89 9.80 10.89
C GLU A 108 -4.69 9.83 11.84
N ILE A 109 -3.83 10.82 11.64
CA ILE A 109 -2.63 10.95 12.47
C ILE A 109 -2.83 12.07 13.49
N GLN A 110 -2.93 11.69 14.78
CA GLN A 110 -3.13 12.67 15.84
C GLN A 110 -1.79 13.23 16.33
N GLN A 111 -1.59 13.22 17.66
CA GLN A 111 -0.34 13.72 18.24
C GLN A 111 0.00 12.96 19.51
N LEU A 112 1.29 12.91 19.85
CA LEU A 112 1.74 12.22 21.06
C LEU A 112 1.52 13.10 22.29
N GLU A 113 0.42 12.85 23.00
CA GLU A 113 0.09 13.61 24.20
C GLU A 113 -0.01 12.69 25.40
N HIS A 114 0.74 13.01 26.45
CA HIS A 114 0.72 12.22 27.67
C HIS A 114 -0.62 12.39 28.40
N HIS A 115 -1.68 12.58 27.61
CA HIS A 115 -3.01 12.78 28.17
C HIS A 115 -3.43 11.60 29.04
N HIS A 116 -3.18 10.38 28.55
CA HIS A 116 -3.54 9.16 29.29
C HIS A 116 -2.31 8.38 29.71
N HIS A 117 -1.20 9.08 29.91
CA HIS A 117 0.05 8.43 30.32
C HIS A 117 -0.08 7.82 31.72
N HIS A 118 -0.70 8.57 32.62
CA HIS A 118 -0.89 8.12 34.01
C HIS A 118 -2.38 8.13 34.37
N HIS A 119 -2.86 7.04 34.95
CA HIS A 119 -4.27 6.94 35.32
C HIS A 119 -4.70 8.22 36.05
N ARG A 1 18.89 -19.54 -3.55
CA ARG A 1 19.69 -19.18 -2.35
C ARG A 1 18.80 -18.54 -1.29
N MET A 2 19.13 -18.77 -0.03
CA MET A 2 18.38 -18.21 1.10
C MET A 2 19.08 -16.95 1.61
N ALA A 3 18.38 -15.83 1.56
CA ALA A 3 18.95 -14.57 2.01
C ALA A 3 17.86 -13.57 2.38
N HIS A 4 16.66 -13.79 1.85
CA HIS A 4 15.54 -12.89 2.14
C HIS A 4 15.12 -12.98 3.60
N GLU A 5 14.93 -14.21 4.08
CA GLU A 5 14.51 -14.42 5.47
C GLU A 5 14.55 -15.90 5.82
N GLY A 6 14.23 -16.20 7.07
CA GLY A 6 14.19 -17.57 7.55
C GLY A 6 12.87 -18.24 7.14
N ALA A 7 12.36 -17.87 5.97
CA ALA A 7 11.09 -18.44 5.49
C ALA A 7 11.24 -19.95 5.31
N LEU A 8 10.13 -20.66 5.51
CA LEU A 8 10.14 -22.11 5.37
C LEU A 8 10.05 -22.49 3.89
N THR A 9 10.98 -23.33 3.45
CA THR A 9 11.02 -23.80 2.07
C THR A 9 10.08 -24.99 1.87
N GLY A 10 9.57 -25.17 0.66
CA GLY A 10 8.67 -26.29 0.39
C GLY A 10 7.23 -25.94 0.72
N VAL A 11 6.79 -24.77 0.27
CA VAL A 11 5.43 -24.30 0.54
C VAL A 11 4.64 -24.14 -0.77
N THR A 12 3.54 -24.88 -0.86
CA THR A 12 2.67 -24.84 -2.04
C THR A 12 1.90 -23.51 -2.12
N THR A 13 2.62 -22.41 -2.34
CA THR A 13 1.99 -21.08 -2.42
C THR A 13 1.77 -20.64 -3.87
N ASP A 14 0.52 -20.76 -4.32
CA ASP A 14 0.15 -20.34 -5.67
C ASP A 14 1.23 -20.71 -6.68
N GLN A 15 1.23 -21.95 -7.14
CA GLN A 15 2.22 -22.39 -8.11
C GLN A 15 2.14 -21.57 -9.39
N LYS A 16 1.39 -22.08 -10.37
CA LYS A 16 1.22 -21.41 -11.65
C LYS A 16 -0.27 -21.22 -11.93
N GLU A 17 -1.09 -21.58 -10.94
CA GLU A 17 -2.55 -21.45 -11.07
C GLU A 17 -2.92 -19.98 -11.20
N LYS A 18 -3.84 -19.68 -12.12
CA LYS A 18 -4.23 -18.28 -12.38
C LYS A 18 -4.78 -17.61 -11.13
N GLN A 19 -4.24 -16.44 -10.82
CA GLN A 19 -4.65 -15.68 -9.64
C GLN A 19 -5.93 -14.89 -9.92
N LYS A 20 -6.82 -14.86 -8.95
CA LYS A 20 -8.07 -14.11 -9.08
C LYS A 20 -7.85 -12.66 -8.68
N PRO A 21 -8.34 -11.69 -9.42
CA PRO A 21 -8.14 -10.26 -9.05
C PRO A 21 -8.65 -9.98 -7.63
N ASP A 22 -7.92 -9.13 -6.91
CA ASP A 22 -8.27 -8.74 -5.54
C ASP A 22 -7.05 -8.11 -4.89
N ILE A 23 -7.10 -6.82 -4.62
CA ILE A 23 -5.96 -6.15 -4.00
C ILE A 23 -5.93 -6.39 -2.50
N VAL A 24 -4.75 -6.20 -1.92
CA VAL A 24 -4.57 -6.35 -0.48
C VAL A 24 -4.15 -5.00 0.11
N LEU A 25 -4.78 -4.64 1.22
CA LEU A 25 -4.47 -3.39 1.90
C LEU A 25 -4.84 -3.52 3.38
N TYR A 26 -5.15 -2.40 4.05
CA TYR A 26 -5.52 -2.42 5.47
C TYR A 26 -7.00 -2.06 5.64
N PRO A 27 -7.89 -3.03 5.72
CA PRO A 27 -9.34 -2.74 5.89
C PRO A 27 -9.63 -2.13 7.26
N GLU A 28 -8.71 -2.34 8.21
CA GLU A 28 -8.89 -1.83 9.57
C GLU A 28 -8.23 -0.44 9.70
N PRO A 29 -8.94 0.58 10.15
CA PRO A 29 -8.34 1.93 10.30
C PRO A 29 -7.09 1.88 11.19
N VAL A 30 -6.12 2.73 10.88
CA VAL A 30 -4.88 2.80 11.64
C VAL A 30 -4.62 4.25 12.09
N ARG A 31 -4.16 4.43 13.33
CA ARG A 31 -3.90 5.78 13.84
C ARG A 31 -2.45 5.90 14.33
N VAL A 32 -1.79 6.99 13.91
CA VAL A 32 -0.39 7.22 14.30
C VAL A 32 -0.29 8.48 15.16
N LEU A 33 0.82 8.59 15.86
CA LEU A 33 1.12 9.73 16.71
C LEU A 33 2.27 10.49 16.09
N GLU A 34 2.12 11.81 15.91
CA GLU A 34 3.20 12.61 15.31
C GLU A 34 4.56 12.17 15.83
N GLY A 35 5.41 11.72 14.92
CA GLY A 35 6.77 11.30 15.29
C GLY A 35 6.89 9.79 15.49
N GLU A 36 5.78 9.07 15.34
CA GLU A 36 5.82 7.60 15.46
C GLU A 36 5.80 7.02 14.06
N THR A 37 6.85 6.28 13.73
CA THR A 37 6.97 5.71 12.40
C THR A 37 5.99 4.58 12.21
N ALA A 38 5.41 4.55 11.03
CA ALA A 38 4.42 3.54 10.67
C ALA A 38 4.88 2.78 9.43
N ARG A 39 4.28 1.60 9.22
CA ARG A 39 4.61 0.76 8.06
C ARG A 39 3.34 0.19 7.45
N PHE A 40 3.10 0.52 6.19
CA PHE A 40 1.93 0.04 5.48
C PHE A 40 2.35 -0.76 4.26
N ARG A 41 1.75 -1.93 4.08
CA ARG A 41 2.05 -2.79 2.94
C ARG A 41 0.89 -2.75 1.96
N CYS A 42 1.22 -2.75 0.67
CA CYS A 42 0.19 -2.71 -0.37
C CYS A 42 0.64 -3.45 -1.61
N ARG A 43 0.01 -4.60 -1.88
CA ARG A 43 0.33 -5.41 -3.04
C ARG A 43 -0.95 -5.65 -3.81
N VAL A 44 -0.91 -6.28 -4.99
CA VAL A 44 -2.14 -6.54 -5.74
C VAL A 44 -2.16 -8.02 -6.13
N THR A 45 -3.28 -8.52 -6.66
CA THR A 45 -3.34 -9.92 -7.11
C THR A 45 -4.19 -10.00 -8.37
N GLY A 46 -3.99 -11.07 -9.16
CA GLY A 46 -4.75 -11.23 -10.40
C GLY A 46 -3.86 -11.72 -11.55
N TYR A 47 -3.06 -10.81 -12.08
CA TYR A 47 -2.15 -11.13 -13.19
C TYR A 47 -0.77 -10.50 -12.91
N PRO A 48 0.32 -11.17 -13.22
CA PRO A 48 1.67 -10.61 -12.94
C PRO A 48 1.86 -9.20 -13.52
N GLN A 49 2.11 -8.24 -12.62
CA GLN A 49 2.36 -6.84 -12.98
C GLN A 49 1.13 -6.14 -13.59
N PRO A 50 0.13 -5.85 -12.79
CA PRO A 50 -1.08 -5.09 -13.24
C PRO A 50 -0.84 -3.58 -13.13
N LYS A 51 -1.93 -2.82 -13.10
CA LYS A 51 -1.85 -1.36 -12.93
C LYS A 51 -2.21 -0.99 -11.50
N VAL A 52 -1.49 -0.03 -10.90
CA VAL A 52 -1.79 0.37 -9.52
C VAL A 52 -1.54 1.86 -9.28
N ASN A 53 -2.42 2.46 -8.48
CA ASN A 53 -2.30 3.88 -8.12
C ASN A 53 -2.68 4.05 -6.64
N TRP A 54 -1.97 4.94 -5.91
CA TRP A 54 -2.26 5.13 -4.47
C TRP A 54 -2.62 6.57 -4.16
N TYR A 55 -3.48 6.74 -3.15
CA TYR A 55 -3.90 8.06 -2.71
C TYR A 55 -3.55 8.25 -1.23
N LEU A 56 -2.56 9.09 -0.94
CA LEU A 56 -2.17 9.33 0.47
C LEU A 56 -2.99 10.50 1.00
N ASN A 57 -3.60 10.35 2.18
CA ASN A 57 -4.42 11.39 2.75
C ASN A 57 -5.43 11.89 1.71
N GLY A 58 -5.51 11.17 0.59
CA GLY A 58 -6.43 11.52 -0.50
C GLY A 58 -5.69 12.21 -1.64
N GLN A 59 -4.37 11.94 -1.74
CA GLN A 59 -3.54 12.54 -2.80
C GLN A 59 -2.87 11.47 -3.66
N LEU A 60 -3.21 11.48 -4.94
CA LEU A 60 -2.67 10.55 -5.92
C LEU A 60 -1.18 10.77 -6.14
N ILE A 61 -0.47 9.68 -6.54
CA ILE A 61 1.00 9.69 -6.81
C ILE A 61 1.84 9.88 -5.55
N ARG A 62 2.49 8.79 -5.15
CA ARG A 62 3.39 8.80 -4.00
C ARG A 62 4.78 9.25 -4.48
N LYS A 63 5.61 9.73 -3.56
CA LYS A 63 6.95 10.20 -3.94
C LYS A 63 7.88 9.01 -4.18
N SER A 64 8.73 9.17 -5.20
CA SER A 64 9.66 8.14 -5.63
C SER A 64 10.86 7.96 -4.70
N LYS A 65 12.01 7.79 -5.32
CA LYS A 65 13.30 7.55 -4.65
C LYS A 65 13.33 7.91 -3.15
N ARG A 66 12.66 8.98 -2.72
CA ARG A 66 12.68 9.34 -1.30
C ARG A 66 12.08 8.21 -0.46
N PHE A 67 11.04 7.59 -0.99
CA PHE A 67 10.38 6.47 -0.32
C PHE A 67 10.39 5.27 -1.25
N ARG A 68 10.39 4.07 -0.68
CA ARG A 68 10.43 2.87 -1.50
C ARG A 68 9.10 2.66 -2.22
N VAL A 69 9.13 2.75 -3.55
CA VAL A 69 7.94 2.52 -4.35
C VAL A 69 8.32 1.96 -5.71
N ARG A 70 7.66 0.87 -6.10
CA ARG A 70 7.92 0.22 -7.39
C ARG A 70 6.58 -0.03 -8.07
N TYR A 71 6.24 0.82 -9.02
CA TYR A 71 4.97 0.66 -9.69
C TYR A 71 4.99 -0.56 -10.60
N ASP A 72 4.70 -1.71 -10.00
CA ASP A 72 4.65 -2.97 -10.72
C ASP A 72 3.91 -4.00 -9.87
N GLY A 73 3.06 -3.49 -8.97
CA GLY A 73 2.29 -4.34 -8.07
C GLY A 73 2.83 -4.23 -6.64
N ILE A 74 4.08 -3.76 -6.50
CA ILE A 74 4.74 -3.60 -5.20
C ILE A 74 4.83 -2.14 -4.80
N HIS A 75 4.16 -1.76 -3.73
CA HIS A 75 4.18 -0.35 -3.29
C HIS A 75 4.24 -0.27 -1.77
N TYR A 76 5.37 0.17 -1.23
CA TYR A 76 5.52 0.31 0.22
C TYR A 76 5.30 1.76 0.62
N LEU A 77 4.28 1.99 1.45
CA LEU A 77 3.98 3.33 1.95
C LEU A 77 4.46 3.48 3.39
N ASP A 78 5.56 4.21 3.58
CA ASP A 78 6.14 4.41 4.92
C ASP A 78 6.24 5.89 5.28
N ILE A 79 5.96 6.21 6.56
CA ILE A 79 6.02 7.60 7.05
C ILE A 79 6.81 7.66 8.36
N VAL A 80 7.99 8.26 8.33
CA VAL A 80 8.83 8.34 9.53
C VAL A 80 8.48 9.59 10.32
N ASP A 81 9.44 10.06 11.12
CA ASP A 81 9.22 11.27 11.91
C ASP A 81 9.29 12.48 11.01
N CYS A 82 8.50 12.43 9.93
CA CYS A 82 8.46 13.53 8.97
C CYS A 82 7.14 13.54 8.21
N LYS A 83 6.27 14.49 8.53
CA LYS A 83 4.98 14.62 7.87
C LYS A 83 4.06 13.49 8.33
N SER A 84 3.46 13.67 9.51
CA SER A 84 2.56 12.65 10.05
C SER A 84 1.38 13.29 10.80
N TYR A 85 1.66 14.34 11.57
CA TYR A 85 0.63 15.04 12.38
C TYR A 85 -0.54 15.58 11.55
N ASP A 86 -1.22 14.72 10.82
CA ASP A 86 -2.33 15.18 9.99
C ASP A 86 -3.30 14.07 9.68
N THR A 87 -4.54 14.22 10.13
CA THR A 87 -5.55 13.20 9.92
C THR A 87 -6.18 13.35 8.54
N GLY A 88 -5.97 12.34 7.69
CA GLY A 88 -6.51 12.34 6.32
C GLY A 88 -7.09 10.98 5.98
N GLU A 89 -7.08 10.62 4.69
CA GLU A 89 -7.63 9.33 4.27
C GLU A 89 -6.84 8.74 3.10
N VAL A 90 -6.67 7.41 3.09
CA VAL A 90 -5.94 6.76 2.01
C VAL A 90 -6.85 5.79 1.25
N LYS A 91 -6.75 5.82 -0.08
CA LYS A 91 -7.56 4.95 -0.93
C LYS A 91 -6.67 4.30 -1.99
N VAL A 92 -6.80 2.98 -2.15
CA VAL A 92 -6.00 2.24 -3.12
C VAL A 92 -6.91 1.64 -4.18
N THR A 93 -6.54 1.81 -5.45
CA THR A 93 -7.35 1.27 -6.56
C THR A 93 -6.45 0.62 -7.61
N ALA A 94 -6.98 -0.38 -8.29
CA ALA A 94 -6.23 -1.10 -9.32
C ALA A 94 -7.08 -1.28 -10.56
N GLU A 95 -6.42 -1.53 -11.69
CA GLU A 95 -7.13 -1.73 -12.96
C GLU A 95 -6.58 -2.97 -13.65
N ASN A 96 -7.41 -3.55 -14.51
CA ASN A 96 -7.01 -4.73 -15.27
C ASN A 96 -7.86 -4.78 -16.54
N PRO A 97 -7.37 -5.38 -17.58
CA PRO A 97 -8.14 -5.48 -18.84
C PRO A 97 -9.52 -6.13 -18.64
N GLU A 98 -9.65 -6.99 -17.63
CA GLU A 98 -10.92 -7.68 -17.38
C GLU A 98 -11.47 -7.43 -15.97
N GLY A 99 -10.86 -6.54 -15.18
CA GLY A 99 -11.36 -6.30 -13.84
C GLY A 99 -10.93 -4.95 -13.30
N VAL A 100 -11.69 -4.49 -12.32
CA VAL A 100 -11.43 -3.22 -11.67
C VAL A 100 -11.75 -3.37 -10.18
N ILE A 101 -10.87 -2.84 -9.32
CA ILE A 101 -11.07 -2.95 -7.87
C ILE A 101 -10.89 -1.59 -7.17
N GLU A 102 -11.53 -1.45 -6.01
CA GLU A 102 -11.43 -0.21 -5.22
C GLU A 102 -11.71 -0.50 -3.75
N HIS A 103 -10.88 0.07 -2.87
CA HIS A 103 -11.03 -0.13 -1.43
C HIS A 103 -10.81 1.18 -0.66
N LYS A 104 -11.73 1.49 0.27
CA LYS A 104 -11.64 2.71 1.08
C LYS A 104 -11.32 2.38 2.53
N VAL A 105 -10.33 3.08 3.09
CA VAL A 105 -9.93 2.90 4.49
C VAL A 105 -9.52 4.26 5.06
N LYS A 106 -9.84 4.50 6.33
CA LYS A 106 -9.54 5.80 6.96
C LYS A 106 -8.35 5.73 7.92
N LEU A 107 -7.48 6.73 7.79
CA LEU A 107 -6.31 6.84 8.64
C LEU A 107 -6.27 8.23 9.26
N GLU A 108 -6.24 8.28 10.59
CA GLU A 108 -6.17 9.58 11.28
C GLU A 108 -4.90 9.61 12.12
N ILE A 109 -4.05 10.61 11.86
CA ILE A 109 -2.79 10.72 12.59
C ILE A 109 -2.87 11.85 13.62
N GLN A 110 -2.95 11.46 14.88
CA GLN A 110 -3.03 12.43 15.98
C GLN A 110 -1.70 13.13 16.18
N GLN A 111 -1.24 13.24 17.43
CA GLN A 111 0.02 13.92 17.73
C GLN A 111 0.66 13.41 19.02
N LEU A 112 1.99 13.54 19.09
CA LEU A 112 2.76 13.13 20.27
C LEU A 112 3.35 14.36 20.95
N GLU A 113 3.00 14.58 22.21
CA GLU A 113 3.53 15.74 22.94
C GLU A 113 4.88 15.39 23.56
N HIS A 114 5.91 16.12 23.17
CA HIS A 114 7.25 15.88 23.70
C HIS A 114 7.44 16.60 25.02
N HIS A 115 8.00 15.90 26.00
CA HIS A 115 8.24 16.48 27.32
C HIS A 115 9.52 17.33 27.31
N HIS A 116 10.42 17.03 28.25
CA HIS A 116 11.68 17.78 28.35
C HIS A 116 12.76 16.92 29.00
N HIS A 117 14.01 17.37 28.83
CA HIS A 117 15.16 16.65 29.39
C HIS A 117 15.17 16.79 30.91
N HIS A 118 15.59 15.72 31.58
CA HIS A 118 15.65 15.72 33.04
C HIS A 118 16.88 16.49 33.53
N HIS A 119 16.67 17.30 34.56
CA HIS A 119 17.76 18.09 35.12
C HIS A 119 18.49 18.87 34.04
N ARG A 1 18.94 0.77 -9.53
CA ARG A 1 20.34 0.67 -9.01
C ARG A 1 20.54 -0.71 -8.37
N MET A 2 21.78 -1.19 -8.40
CA MET A 2 22.11 -2.49 -7.83
C MET A 2 22.69 -2.34 -6.43
N ALA A 3 21.82 -2.06 -5.46
CA ALA A 3 22.25 -1.90 -4.07
C ALA A 3 21.04 -1.86 -3.15
N HIS A 4 21.09 -2.64 -2.07
CA HIS A 4 19.98 -2.69 -1.12
C HIS A 4 20.46 -3.11 0.27
N GLU A 5 19.79 -2.61 1.30
CA GLU A 5 20.16 -2.94 2.68
C GLU A 5 19.88 -4.40 2.99
N GLY A 6 18.76 -4.91 2.50
CA GLY A 6 18.39 -6.29 2.73
C GLY A 6 17.21 -6.69 1.85
N ALA A 7 17.25 -7.89 1.29
CA ALA A 7 16.17 -8.35 0.43
C ALA A 7 14.90 -8.55 1.22
N LEU A 8 13.77 -8.17 0.64
CA LEU A 8 12.48 -8.34 1.31
C LEU A 8 12.05 -9.80 1.26
N THR A 9 11.48 -10.29 2.35
CA THR A 9 11.03 -11.67 2.39
C THR A 9 9.79 -11.86 1.52
N GLY A 10 9.75 -12.95 0.77
CA GLY A 10 8.61 -13.24 -0.10
C GLY A 10 8.95 -14.37 -1.07
N VAL A 11 8.04 -15.34 -1.20
CA VAL A 11 8.26 -16.46 -2.10
C VAL A 11 7.74 -16.14 -3.49
N THR A 12 8.60 -16.26 -4.50
CA THR A 12 8.19 -15.98 -5.87
C THR A 12 6.98 -16.84 -6.25
N THR A 13 7.25 -18.06 -6.70
CA THR A 13 6.19 -18.98 -7.09
C THR A 13 5.64 -18.62 -8.48
N ASP A 14 6.15 -19.30 -9.50
CA ASP A 14 5.73 -19.05 -10.88
C ASP A 14 4.44 -19.79 -11.22
N GLN A 15 3.62 -19.18 -12.08
CA GLN A 15 2.36 -19.75 -12.52
C GLN A 15 2.15 -19.49 -14.01
N LYS A 16 1.32 -20.33 -14.64
CA LYS A 16 1.02 -20.21 -16.06
C LYS A 16 -0.50 -20.13 -16.24
N GLU A 17 -1.18 -19.94 -15.11
CA GLU A 17 -2.64 -19.86 -15.09
C GLU A 17 -3.09 -18.46 -14.66
N LYS A 18 -4.01 -17.87 -15.42
CA LYS A 18 -4.50 -16.54 -15.07
C LYS A 18 -5.22 -16.62 -13.72
N GLN A 19 -4.89 -15.70 -12.81
CA GLN A 19 -5.49 -15.72 -11.47
C GLN A 19 -6.75 -14.87 -11.43
N LYS A 20 -7.56 -15.08 -10.39
CA LYS A 20 -8.78 -14.31 -10.20
C LYS A 20 -8.45 -13.01 -9.48
N PRO A 21 -9.02 -11.88 -9.85
CA PRO A 21 -8.71 -10.60 -9.16
C PRO A 21 -9.00 -10.68 -7.66
N ASP A 22 -8.15 -10.02 -6.87
CA ASP A 22 -8.33 -9.99 -5.43
C ASP A 22 -7.34 -9.00 -4.81
N ILE A 23 -7.85 -7.82 -4.46
CA ILE A 23 -7.03 -6.77 -3.90
C ILE A 23 -6.83 -6.97 -2.40
N VAL A 24 -5.58 -6.79 -1.96
CA VAL A 24 -5.20 -6.92 -0.55
C VAL A 24 -4.61 -5.58 -0.08
N LEU A 25 -4.95 -5.14 1.14
CA LEU A 25 -4.43 -3.87 1.66
C LEU A 25 -4.59 -3.80 3.18
N TYR A 26 -4.66 -2.58 3.71
CA TYR A 26 -4.80 -2.36 5.14
C TYR A 26 -5.84 -3.33 5.73
N PRO A 27 -5.47 -4.24 6.59
CA PRO A 27 -6.45 -5.19 7.19
C PRO A 27 -7.47 -4.42 8.03
N GLU A 28 -7.10 -3.21 8.43
CA GLU A 28 -7.98 -2.38 9.24
C GLU A 28 -7.41 -0.96 9.34
N PRO A 29 -8.23 0.05 9.52
CA PRO A 29 -7.75 1.44 9.63
C PRO A 29 -6.63 1.53 10.67
N VAL A 30 -5.68 2.46 10.49
CA VAL A 30 -4.58 2.61 11.44
C VAL A 30 -4.33 4.08 11.75
N ARG A 31 -4.03 4.36 13.01
CA ARG A 31 -3.73 5.71 13.46
C ARG A 31 -2.49 5.70 14.33
N VAL A 32 -1.63 6.70 14.17
CA VAL A 32 -0.40 6.79 14.96
C VAL A 32 -0.37 8.16 15.65
N LEU A 33 0.74 8.47 16.31
CA LEU A 33 0.89 9.75 17.01
C LEU A 33 2.13 10.47 16.48
N GLU A 34 2.10 11.79 16.44
CA GLU A 34 3.25 12.52 15.96
C GLU A 34 4.48 12.08 16.74
N GLY A 35 5.54 11.74 16.03
CA GLY A 35 6.77 11.29 16.67
C GLY A 35 6.90 9.77 16.57
N GLU A 36 5.83 9.12 16.11
CA GLU A 36 5.81 7.67 15.95
C GLU A 36 5.79 7.29 14.47
N THR A 37 6.79 6.52 14.04
CA THR A 37 6.86 6.11 12.63
C THR A 37 5.87 4.98 12.36
N ALA A 38 5.30 4.95 11.15
CA ALA A 38 4.34 3.91 10.78
C ALA A 38 4.88 3.08 9.61
N ARG A 39 4.20 1.96 9.32
CA ARG A 39 4.61 1.08 8.22
C ARG A 39 3.40 0.42 7.58
N PHE A 40 3.30 0.54 6.27
CA PHE A 40 2.17 -0.07 5.55
C PHE A 40 2.65 -0.68 4.23
N ARG A 41 1.92 -1.69 3.78
CA ARG A 41 2.23 -2.36 2.51
C ARG A 41 0.94 -2.52 1.72
N CYS A 42 1.04 -2.66 0.41
CA CYS A 42 -0.14 -2.81 -0.42
C CYS A 42 0.18 -3.58 -1.69
N ARG A 43 -0.52 -4.70 -1.91
CA ARG A 43 -0.32 -5.52 -3.11
C ARG A 43 -1.66 -5.68 -3.78
N VAL A 44 -1.69 -6.29 -4.96
CA VAL A 44 -2.94 -6.53 -5.68
C VAL A 44 -2.84 -7.94 -6.27
N THR A 45 -3.90 -8.49 -6.86
CA THR A 45 -3.79 -9.84 -7.46
C THR A 45 -4.52 -9.88 -8.80
N GLY A 46 -4.08 -10.77 -9.68
CA GLY A 46 -4.70 -10.92 -10.99
C GLY A 46 -3.67 -11.39 -12.02
N TYR A 47 -2.95 -10.43 -12.60
CA TYR A 47 -1.93 -10.73 -13.61
C TYR A 47 -0.65 -9.94 -13.29
N PRO A 48 0.53 -10.52 -13.44
CA PRO A 48 1.79 -9.78 -13.15
C PRO A 48 1.89 -8.49 -13.96
N GLN A 49 2.47 -7.46 -13.34
CA GLN A 49 2.63 -6.14 -13.96
C GLN A 49 1.28 -5.51 -14.28
N PRO A 50 0.52 -5.13 -13.27
CA PRO A 50 -0.80 -4.45 -13.44
C PRO A 50 -0.60 -2.93 -13.64
N LYS A 51 -1.68 -2.18 -13.49
CA LYS A 51 -1.62 -0.72 -13.63
C LYS A 51 -2.50 -0.06 -12.57
N VAL A 52 -1.89 0.23 -11.41
CA VAL A 52 -2.62 0.82 -10.29
C VAL A 52 -1.93 2.10 -9.78
N ASN A 53 -2.64 2.85 -8.95
CA ASN A 53 -2.11 4.09 -8.37
C ASN A 53 -2.58 4.21 -6.91
N TRP A 54 -1.98 5.15 -6.17
CA TRP A 54 -2.34 5.34 -4.75
C TRP A 54 -2.73 6.78 -4.46
N TYR A 55 -3.56 6.95 -3.44
CA TYR A 55 -3.98 8.27 -2.99
C TYR A 55 -3.64 8.40 -1.51
N LEU A 56 -2.57 9.11 -1.19
CA LEU A 56 -2.17 9.27 0.21
C LEU A 56 -2.93 10.46 0.80
N ASN A 57 -3.44 10.31 2.02
CA ASN A 57 -4.19 11.38 2.66
C ASN A 57 -5.20 12.01 1.70
N GLY A 58 -5.39 11.38 0.54
CA GLY A 58 -6.31 11.88 -0.47
C GLY A 58 -5.54 12.63 -1.57
N GLN A 59 -4.27 12.26 -1.75
CA GLN A 59 -3.40 12.88 -2.77
C GLN A 59 -2.82 11.81 -3.69
N LEU A 60 -3.12 11.91 -4.98
CA LEU A 60 -2.66 10.93 -5.98
C LEU A 60 -1.15 11.02 -6.25
N ILE A 61 -0.50 9.84 -6.35
CA ILE A 61 0.94 9.77 -6.67
C ILE A 61 1.83 10.03 -5.46
N ARG A 62 2.47 8.97 -5.00
CA ARG A 62 3.44 9.07 -3.90
C ARG A 62 4.82 9.29 -4.51
N LYS A 63 5.65 10.09 -3.85
CA LYS A 63 6.99 10.35 -4.37
C LYS A 63 7.81 9.07 -4.40
N SER A 64 8.68 8.98 -5.39
CA SER A 64 9.53 7.80 -5.57
C SER A 64 10.68 7.78 -4.56
N LYS A 65 11.86 7.43 -5.05
CA LYS A 65 13.10 7.30 -4.24
C LYS A 65 13.00 7.80 -2.80
N ARG A 66 12.36 8.93 -2.54
CA ARG A 66 12.26 9.41 -1.15
C ARG A 66 11.54 8.36 -0.34
N PHE A 67 10.52 7.77 -0.94
CA PHE A 67 9.75 6.70 -0.33
C PHE A 67 9.82 5.49 -1.24
N ARG A 68 9.65 4.31 -0.68
CA ARG A 68 9.70 3.10 -1.49
C ARG A 68 8.42 2.89 -2.26
N VAL A 69 8.53 2.81 -3.58
CA VAL A 69 7.37 2.56 -4.45
C VAL A 69 7.81 1.78 -5.69
N ARG A 70 7.23 0.60 -5.87
CA ARG A 70 7.56 -0.23 -7.03
C ARG A 70 6.30 -0.35 -7.88
N TYR A 71 6.23 0.44 -8.93
CA TYR A 71 5.06 0.44 -9.77
C TYR A 71 5.02 -0.83 -10.62
N ASP A 72 4.42 -1.88 -10.06
CA ASP A 72 4.31 -3.16 -10.76
C ASP A 72 3.49 -4.15 -9.92
N GLY A 73 2.61 -3.61 -9.07
CA GLY A 73 1.76 -4.45 -8.21
C GLY A 73 2.08 -4.23 -6.73
N ILE A 74 3.29 -3.73 -6.45
CA ILE A 74 3.74 -3.50 -5.07
C ILE A 74 3.94 -2.01 -4.76
N HIS A 75 3.36 -1.55 -3.65
CA HIS A 75 3.49 -0.14 -3.26
C HIS A 75 3.65 0.00 -1.75
N TYR A 76 4.84 0.41 -1.30
CA TYR A 76 5.08 0.60 0.12
C TYR A 76 4.79 2.05 0.52
N LEU A 77 3.87 2.21 1.47
CA LEU A 77 3.49 3.53 1.98
C LEU A 77 4.03 3.67 3.40
N ASP A 78 5.20 4.28 3.55
CA ASP A 78 5.83 4.42 4.88
C ASP A 78 6.06 5.89 5.27
N ILE A 79 5.91 6.17 6.56
CA ILE A 79 6.14 7.50 7.14
C ILE A 79 7.22 7.35 8.22
N VAL A 80 7.81 8.44 8.69
CA VAL A 80 8.83 8.36 9.73
C VAL A 80 8.62 9.47 10.75
N ASP A 81 9.38 9.42 11.84
CA ASP A 81 9.26 10.44 12.89
C ASP A 81 9.56 11.83 12.32
N CYS A 82 8.64 12.34 11.50
CA CYS A 82 8.76 13.67 10.90
C CYS A 82 7.60 13.94 9.94
N LYS A 83 6.98 15.11 10.04
CA LYS A 83 5.84 15.48 9.18
C LYS A 83 4.81 14.36 9.09
N SER A 84 4.14 14.10 10.22
CA SER A 84 3.10 13.08 10.29
C SER A 84 1.82 13.69 10.86
N TYR A 85 1.99 14.64 11.78
CA TYR A 85 0.87 15.31 12.49
C TYR A 85 -0.21 15.87 11.53
N ASP A 86 -0.85 14.99 10.76
CA ASP A 86 -1.92 15.41 9.84
C ASP A 86 -2.90 14.27 9.58
N THR A 87 -4.12 14.40 10.08
CA THR A 87 -5.12 13.37 9.88
C THR A 87 -5.74 13.47 8.49
N GLY A 88 -5.74 12.37 7.73
CA GLY A 88 -6.32 12.38 6.39
C GLY A 88 -6.95 11.04 6.04
N GLU A 89 -6.98 10.72 4.74
CA GLU A 89 -7.57 9.45 4.30
C GLU A 89 -6.79 8.85 3.15
N VAL A 90 -6.70 7.52 3.12
CA VAL A 90 -5.97 6.82 2.07
C VAL A 90 -6.93 5.93 1.27
N LYS A 91 -6.81 5.99 -0.05
CA LYS A 91 -7.64 5.21 -0.94
C LYS A 91 -6.80 4.67 -2.09
N VAL A 92 -6.90 3.37 -2.36
CA VAL A 92 -6.12 2.76 -3.43
C VAL A 92 -7.04 2.07 -4.42
N THR A 93 -6.82 2.34 -5.70
CA THR A 93 -7.64 1.75 -6.78
C THR A 93 -6.75 0.99 -7.75
N ALA A 94 -7.16 -0.23 -8.08
CA ALA A 94 -6.41 -1.07 -9.01
C ALA A 94 -7.21 -1.33 -10.28
N GLU A 95 -6.50 -1.48 -11.39
CA GLU A 95 -7.14 -1.73 -12.68
C GLU A 95 -6.40 -2.84 -13.42
N ASN A 96 -7.13 -3.54 -14.28
CA ASN A 96 -6.56 -4.63 -15.07
C ASN A 96 -7.37 -4.82 -16.35
N PRO A 97 -6.78 -5.32 -17.40
CA PRO A 97 -7.51 -5.50 -18.69
C PRO A 97 -8.77 -6.37 -18.55
N GLU A 98 -8.78 -7.29 -17.58
CA GLU A 98 -9.94 -8.19 -17.40
C GLU A 98 -10.58 -8.05 -16.01
N GLY A 99 -10.29 -6.99 -15.26
CA GLY A 99 -10.88 -6.86 -13.94
C GLY A 99 -10.76 -5.44 -13.41
N VAL A 100 -11.66 -5.10 -12.48
CA VAL A 100 -11.66 -3.79 -11.84
C VAL A 100 -11.87 -3.98 -10.34
N ILE A 101 -11.06 -3.30 -9.53
CA ILE A 101 -11.16 -3.41 -8.07
C ILE A 101 -10.74 -2.10 -7.39
N GLU A 102 -11.20 -1.92 -6.16
CA GLU A 102 -10.87 -0.71 -5.41
C GLU A 102 -11.31 -0.85 -3.94
N HIS A 103 -10.72 -0.03 -3.07
CA HIS A 103 -11.05 -0.07 -1.64
C HIS A 103 -10.78 1.28 -0.99
N LYS A 104 -11.56 1.60 0.05
CA LYS A 104 -11.41 2.87 0.79
C LYS A 104 -11.09 2.57 2.26
N VAL A 105 -10.10 3.30 2.79
CA VAL A 105 -9.67 3.11 4.18
C VAL A 105 -9.47 4.47 4.85
N LYS A 106 -9.39 4.49 6.18
CA LYS A 106 -9.20 5.75 6.93
C LYS A 106 -7.94 5.71 7.80
N LEU A 107 -7.06 6.68 7.57
CA LEU A 107 -5.82 6.78 8.34
C LEU A 107 -5.73 8.16 8.95
N GLU A 108 -5.54 8.24 10.27
CA GLU A 108 -5.44 9.54 10.93
C GLU A 108 -4.27 9.57 11.90
N ILE A 109 -3.36 10.54 11.73
CA ILE A 109 -2.19 10.65 12.63
C ILE A 109 -2.36 11.88 13.53
N GLN A 110 -2.59 11.60 14.81
CA GLN A 110 -2.82 12.66 15.80
C GLN A 110 -1.50 13.26 16.32
N GLN A 111 -1.32 13.24 17.65
CA GLN A 111 -0.11 13.81 18.27
C GLN A 111 0.25 13.05 19.54
N LEU A 112 1.52 13.11 19.93
CA LEU A 112 1.96 12.45 21.14
C LEU A 112 1.23 13.05 22.34
N GLU A 113 1.09 14.37 22.34
CA GLU A 113 0.40 15.08 23.43
C GLU A 113 -1.05 15.31 23.06
N HIS A 114 -1.96 14.80 23.88
CA HIS A 114 -3.39 14.96 23.64
C HIS A 114 -4.16 14.86 24.95
N HIS A 115 -4.20 15.96 25.69
CA HIS A 115 -4.90 15.98 26.97
C HIS A 115 -5.26 17.42 27.36
N HIS A 116 -5.34 18.29 26.36
CA HIS A 116 -5.67 19.70 26.61
C HIS A 116 -7.18 19.93 26.59
N HIS A 117 -7.91 19.12 27.36
CA HIS A 117 -9.37 19.24 27.45
C HIS A 117 -9.79 19.56 28.88
N HIS A 118 -10.80 20.43 29.02
CA HIS A 118 -11.29 20.80 30.34
C HIS A 118 -11.95 19.61 31.02
N HIS A 119 -12.79 18.90 30.28
CA HIS A 119 -13.50 17.73 30.80
C HIS A 119 -13.99 18.01 32.22
N ARG A 1 32.62 -22.28 -8.73
CA ARG A 1 31.53 -22.54 -9.71
C ARG A 1 31.73 -21.60 -10.90
N MET A 2 31.78 -22.20 -12.09
CA MET A 2 32.01 -21.43 -13.31
C MET A 2 30.93 -20.38 -13.54
N ALA A 3 29.68 -20.73 -13.26
CA ALA A 3 28.57 -19.80 -13.45
C ALA A 3 28.55 -18.74 -12.35
N HIS A 4 28.02 -17.57 -12.67
CA HIS A 4 27.93 -16.49 -11.70
C HIS A 4 26.79 -16.75 -10.72
N GLU A 5 26.97 -16.31 -9.49
CA GLU A 5 25.94 -16.52 -8.46
C GLU A 5 24.64 -15.83 -8.87
N GLY A 6 23.56 -16.59 -8.89
CA GLY A 6 22.25 -16.04 -9.25
C GLY A 6 21.16 -17.06 -8.97
N ALA A 7 19.91 -16.60 -8.97
CA ALA A 7 18.78 -17.49 -8.72
C ALA A 7 18.55 -18.40 -9.92
N LEU A 8 18.23 -19.66 -9.66
CA LEU A 8 18.00 -20.61 -10.75
C LEU A 8 16.66 -20.32 -11.44
N THR A 9 16.64 -20.43 -12.75
CA THR A 9 15.43 -20.17 -13.53
C THR A 9 14.52 -21.39 -13.51
N GLY A 10 13.24 -21.16 -13.80
CA GLY A 10 12.25 -22.24 -13.84
C GLY A 10 12.01 -22.70 -15.27
N VAL A 11 12.89 -22.28 -16.18
CA VAL A 11 12.78 -22.64 -17.61
C VAL A 11 11.33 -22.45 -18.10
N THR A 12 11.13 -22.66 -19.40
CA THR A 12 9.79 -22.50 -19.99
C THR A 12 9.03 -21.34 -19.35
N THR A 13 9.32 -20.11 -19.82
CA THR A 13 8.67 -18.92 -19.29
C THR A 13 7.38 -18.64 -20.06
N ASP A 14 6.27 -18.56 -19.35
CA ASP A 14 4.98 -18.28 -19.97
C ASP A 14 3.90 -18.08 -18.93
N GLN A 15 3.58 -16.82 -18.66
CA GLN A 15 2.55 -16.49 -17.66
C GLN A 15 1.79 -15.25 -18.11
N LYS A 16 1.05 -15.37 -19.22
CA LYS A 16 0.27 -14.27 -19.77
C LYS A 16 -1.19 -14.65 -19.92
N GLU A 17 -1.58 -15.77 -19.31
CA GLU A 17 -2.95 -16.23 -19.38
C GLU A 17 -3.81 -15.51 -18.35
N LYS A 18 -5.11 -15.75 -18.40
CA LYS A 18 -6.03 -15.12 -17.47
C LYS A 18 -5.83 -15.68 -16.06
N GLN A 19 -5.86 -14.79 -15.07
CA GLN A 19 -5.69 -15.16 -13.66
C GLN A 19 -6.68 -14.35 -12.85
N LYS A 20 -7.01 -14.79 -11.64
CA LYS A 20 -7.96 -14.05 -10.80
C LYS A 20 -7.26 -12.92 -10.04
N PRO A 21 -7.51 -11.64 -10.35
CA PRO A 21 -6.83 -10.54 -9.62
C PRO A 21 -7.39 -10.38 -8.21
N ASP A 22 -6.63 -9.69 -7.35
CA ASP A 22 -7.06 -9.48 -5.98
C ASP A 22 -6.04 -8.64 -5.19
N ILE A 23 -6.45 -7.43 -4.84
CA ILE A 23 -5.60 -6.48 -4.12
C ILE A 23 -5.73 -6.63 -2.60
N VAL A 24 -4.60 -6.49 -1.91
CA VAL A 24 -4.53 -6.57 -0.45
C VAL A 24 -4.13 -5.21 0.11
N LEU A 25 -4.76 -4.82 1.23
CA LEU A 25 -4.47 -3.54 1.88
C LEU A 25 -4.79 -3.62 3.37
N TYR A 26 -4.96 -2.47 4.03
CA TYR A 26 -5.29 -2.40 5.47
C TYR A 26 -6.82 -2.25 5.63
N PRO A 27 -7.57 -3.30 5.94
CA PRO A 27 -9.06 -3.19 6.09
C PRO A 27 -9.45 -2.43 7.36
N GLU A 28 -8.56 -2.40 8.35
CA GLU A 28 -8.85 -1.72 9.61
C GLU A 28 -8.22 -0.32 9.65
N PRO A 29 -8.94 0.70 10.07
CA PRO A 29 -8.36 2.07 10.13
C PRO A 29 -7.14 2.11 11.08
N VAL A 30 -6.16 2.94 10.76
CA VAL A 30 -4.95 3.05 11.61
C VAL A 30 -4.68 4.50 11.99
N ARG A 31 -4.39 4.74 13.26
CA ARG A 31 -4.10 6.08 13.77
C ARG A 31 -2.75 6.09 14.49
N VAL A 32 -1.91 7.07 14.18
CA VAL A 32 -0.58 7.17 14.82
C VAL A 32 -0.37 8.58 15.35
N LEU A 33 0.45 8.71 16.39
CA LEU A 33 0.71 10.03 16.98
C LEU A 33 1.98 10.62 16.38
N GLU A 34 1.95 11.91 16.08
CA GLU A 34 3.10 12.56 15.44
C GLU A 34 4.41 12.18 16.13
N GLY A 35 5.40 11.82 15.31
CA GLY A 35 6.71 11.44 15.82
C GLY A 35 6.88 9.92 15.84
N GLU A 36 5.88 9.22 15.29
CA GLU A 36 5.91 7.76 15.22
C GLU A 36 5.86 7.32 13.76
N THR A 37 6.84 6.55 13.33
CA THR A 37 6.89 6.06 11.96
C THR A 37 5.85 4.97 11.76
N ALA A 38 5.39 4.78 10.52
CA ALA A 38 4.37 3.78 10.22
C ALA A 38 4.90 2.76 9.22
N ARG A 39 4.28 1.58 9.20
CA ARG A 39 4.67 0.52 8.28
C ARG A 39 3.45 -0.05 7.58
N PHE A 40 3.28 0.32 6.32
CA PHE A 40 2.14 -0.16 5.52
C PHE A 40 2.64 -0.89 4.28
N ARG A 41 1.87 -1.88 3.86
CA ARG A 41 2.22 -2.67 2.68
C ARG A 41 1.00 -2.80 1.79
N CYS A 42 1.24 -2.89 0.49
CA CYS A 42 0.16 -3.04 -0.47
C CYS A 42 0.67 -3.78 -1.68
N ARG A 43 -0.03 -4.84 -2.05
CA ARG A 43 0.36 -5.66 -3.20
C ARG A 43 -0.84 -5.83 -4.11
N VAL A 44 -0.65 -6.47 -5.26
CA VAL A 44 -1.75 -6.70 -6.19
C VAL A 44 -1.60 -8.14 -6.70
N THR A 45 -2.58 -8.66 -7.43
CA THR A 45 -2.46 -10.03 -7.96
C THR A 45 -3.04 -10.11 -9.37
N GLY A 46 -2.54 -11.06 -10.16
CA GLY A 46 -2.99 -11.25 -11.54
C GLY A 46 -1.80 -11.53 -12.47
N TYR A 47 -1.30 -10.48 -13.13
CA TYR A 47 -0.16 -10.61 -14.04
C TYR A 47 0.84 -9.46 -13.82
N PRO A 48 2.05 -9.57 -14.33
CA PRO A 48 3.06 -8.47 -14.18
C PRO A 48 2.64 -7.18 -14.87
N GLN A 49 2.97 -6.05 -14.24
CA GLN A 49 2.67 -4.73 -14.78
C GLN A 49 1.16 -4.46 -14.87
N PRO A 50 0.50 -4.29 -13.76
CA PRO A 50 -0.96 -3.98 -13.72
C PRO A 50 -1.19 -2.46 -13.80
N LYS A 51 -2.45 -2.03 -13.85
CA LYS A 51 -2.78 -0.60 -13.88
C LYS A 51 -3.31 -0.24 -12.51
N VAL A 52 -2.52 0.49 -11.71
CA VAL A 52 -2.96 0.88 -10.37
C VAL A 52 -2.39 2.23 -9.95
N ASN A 53 -2.97 2.79 -8.91
CA ASN A 53 -2.53 4.06 -8.35
C ASN A 53 -2.97 4.11 -6.89
N TRP A 54 -2.21 4.83 -6.05
CA TRP A 54 -2.58 4.93 -4.62
C TRP A 54 -2.92 6.36 -4.25
N TYR A 55 -3.77 6.52 -3.24
CA TYR A 55 -4.16 7.85 -2.77
C TYR A 55 -3.85 7.96 -1.28
N LEU A 56 -2.74 8.62 -0.94
CA LEU A 56 -2.35 8.79 0.46
C LEU A 56 -3.00 10.05 1.02
N ASN A 57 -3.50 10.01 2.26
CA ASN A 57 -4.14 11.18 2.84
C ASN A 57 -5.13 11.80 1.86
N GLY A 58 -5.43 11.08 0.77
CA GLY A 58 -6.36 11.56 -0.25
C GLY A 58 -5.61 12.27 -1.38
N GLN A 59 -4.33 11.93 -1.53
CA GLN A 59 -3.48 12.50 -2.57
C GLN A 59 -2.87 11.40 -3.44
N LEU A 60 -2.96 11.56 -4.75
CA LEU A 60 -2.43 10.56 -5.69
C LEU A 60 -0.93 10.75 -5.94
N ILE A 61 -0.26 9.62 -6.28
CA ILE A 61 1.20 9.60 -6.56
C ILE A 61 2.03 10.03 -5.35
N ARG A 62 2.73 9.06 -4.79
CA ARG A 62 3.63 9.28 -3.64
C ARG A 62 5.06 9.36 -4.15
N LYS A 63 5.91 10.09 -3.46
CA LYS A 63 7.29 10.25 -3.90
C LYS A 63 7.98 8.89 -4.07
N SER A 64 8.76 8.79 -5.15
CA SER A 64 9.48 7.58 -5.50
C SER A 64 10.70 7.36 -4.60
N LYS A 65 11.82 6.96 -5.22
CA LYS A 65 13.09 6.66 -4.55
C LYS A 65 13.20 7.18 -3.11
N ARG A 66 12.58 8.32 -2.80
CA ARG A 66 12.66 8.84 -1.43
C ARG A 66 12.06 7.81 -0.47
N PHE A 67 10.95 7.19 -0.90
CA PHE A 67 10.30 6.14 -0.12
C PHE A 67 10.27 4.86 -0.95
N ARG A 68 10.00 3.72 -0.32
CA ARG A 68 9.99 2.46 -1.06
C ARG A 68 8.78 2.40 -2.01
N VAL A 69 9.07 2.46 -3.31
CA VAL A 69 8.03 2.40 -4.33
C VAL A 69 8.51 1.58 -5.54
N ARG A 70 7.66 0.70 -6.05
CA ARG A 70 7.97 -0.09 -7.24
C ARG A 70 6.69 -0.23 -8.05
N TYR A 71 6.56 0.57 -9.10
CA TYR A 71 5.37 0.52 -9.91
C TYR A 71 5.35 -0.76 -10.75
N ASP A 72 4.78 -1.81 -10.18
CA ASP A 72 4.69 -3.09 -10.86
C ASP A 72 3.86 -4.05 -9.99
N GLY A 73 2.96 -3.48 -9.20
CA GLY A 73 2.10 -4.26 -8.31
C GLY A 73 2.52 -4.08 -6.85
N ILE A 74 3.78 -3.69 -6.64
CA ILE A 74 4.32 -3.50 -5.29
C ILE A 74 4.43 -2.03 -4.91
N HIS A 75 3.71 -1.65 -3.88
CA HIS A 75 3.75 -0.27 -3.39
C HIS A 75 3.74 -0.21 -1.87
N TYR A 76 4.90 0.08 -1.28
CA TYR A 76 5.03 0.17 0.18
C TYR A 76 5.00 1.63 0.60
N LEU A 77 4.09 1.94 1.54
CA LEU A 77 3.95 3.31 2.04
C LEU A 77 4.46 3.43 3.47
N ASP A 78 5.64 4.05 3.66
CA ASP A 78 6.22 4.19 5.00
C ASP A 78 6.32 5.65 5.45
N ILE A 79 6.03 5.89 6.74
CA ILE A 79 6.15 7.23 7.31
C ILE A 79 7.45 7.32 8.10
N VAL A 80 7.91 8.54 8.37
CA VAL A 80 9.15 8.74 9.12
C VAL A 80 8.88 9.72 10.24
N ASP A 81 9.76 9.73 11.26
CA ASP A 81 9.59 10.64 12.39
C ASP A 81 9.56 12.09 11.91
N CYS A 82 8.46 12.44 11.23
CA CYS A 82 8.28 13.80 10.70
C CYS A 82 7.26 13.76 9.55
N LYS A 83 6.53 14.86 9.40
CA LYS A 83 5.52 14.98 8.34
C LYS A 83 4.42 13.94 8.52
N SER A 84 3.73 13.97 9.66
CA SER A 84 2.67 13.02 9.93
C SER A 84 1.46 13.71 10.57
N TYR A 85 1.72 14.69 11.45
CA TYR A 85 0.64 15.40 12.16
C TYR A 85 -0.43 15.99 11.24
N ASP A 86 -1.19 15.13 10.56
CA ASP A 86 -2.23 15.59 9.67
C ASP A 86 -3.21 14.45 9.40
N THR A 87 -4.47 14.66 9.78
CA THR A 87 -5.47 13.62 9.58
C THR A 87 -6.01 13.63 8.16
N GLY A 88 -5.84 12.51 7.46
CA GLY A 88 -6.30 12.39 6.07
C GLY A 88 -7.01 11.07 5.85
N GLU A 89 -7.01 10.58 4.61
CA GLU A 89 -7.67 9.31 4.30
C GLU A 89 -6.91 8.57 3.21
N VAL A 90 -6.92 7.24 3.30
CA VAL A 90 -6.24 6.40 2.31
C VAL A 90 -7.27 5.61 1.52
N LYS A 91 -7.01 5.49 0.23
CA LYS A 91 -7.88 4.75 -0.67
C LYS A 91 -6.99 4.12 -1.72
N VAL A 92 -7.16 2.82 -1.93
CA VAL A 92 -6.33 2.12 -2.91
C VAL A 92 -7.21 1.59 -4.04
N THR A 93 -6.76 1.84 -5.26
CA THR A 93 -7.50 1.40 -6.44
C THR A 93 -6.61 0.56 -7.34
N ALA A 94 -7.05 -0.66 -7.56
CA ALA A 94 -6.34 -1.62 -8.42
C ALA A 94 -7.31 -2.11 -9.48
N GLU A 95 -6.90 -2.08 -10.74
CA GLU A 95 -7.79 -2.52 -11.81
C GLU A 95 -7.03 -3.11 -12.98
N ASN A 96 -7.56 -4.22 -13.48
CA ASN A 96 -7.00 -4.91 -14.64
C ASN A 96 -7.95 -4.65 -15.82
N PRO A 97 -7.61 -5.03 -17.02
CA PRO A 97 -8.51 -4.78 -18.19
C PRO A 97 -9.81 -5.58 -18.12
N GLU A 98 -9.84 -6.64 -17.30
CA GLU A 98 -11.05 -7.48 -17.19
C GLU A 98 -11.84 -7.17 -15.92
N GLY A 99 -11.38 -6.24 -15.10
CA GLY A 99 -12.10 -5.91 -13.88
C GLY A 99 -11.55 -4.68 -13.18
N VAL A 100 -12.26 -4.26 -12.14
CA VAL A 100 -11.88 -3.10 -11.35
C VAL A 100 -12.06 -3.38 -9.86
N ILE A 101 -11.32 -2.65 -9.02
CA ILE A 101 -11.41 -2.83 -7.57
C ILE A 101 -11.18 -1.49 -6.84
N GLU A 102 -11.85 -1.30 -5.71
CA GLU A 102 -11.70 -0.07 -4.93
C GLU A 102 -12.01 -0.32 -3.44
N HIS A 103 -11.16 0.19 -2.55
CA HIS A 103 -11.36 0.01 -1.10
C HIS A 103 -11.16 1.33 -0.36
N LYS A 104 -12.08 1.66 0.55
CA LYS A 104 -11.97 2.89 1.33
C LYS A 104 -11.38 2.60 2.71
N VAL A 105 -10.47 3.48 3.13
CA VAL A 105 -9.80 3.34 4.42
C VAL A 105 -9.59 4.73 5.04
N LYS A 106 -9.71 4.81 6.38
CA LYS A 106 -9.54 6.10 7.07
C LYS A 106 -8.33 6.07 8.01
N LEU A 107 -7.38 6.98 7.78
CA LEU A 107 -6.19 7.08 8.62
C LEU A 107 -6.10 8.50 9.16
N GLU A 108 -6.00 8.62 10.48
CA GLU A 108 -5.92 9.93 11.13
C GLU A 108 -4.64 10.02 11.97
N ILE A 109 -3.83 11.05 11.72
CA ILE A 109 -2.58 11.21 12.47
C ILE A 109 -2.71 12.36 13.47
N GLN A 110 -2.66 12.04 14.76
CA GLN A 110 -2.79 13.05 15.82
C GLN A 110 -1.41 13.55 16.26
N GLN A 111 -1.18 13.58 17.59
CA GLN A 111 0.10 14.04 18.13
C GLN A 111 0.45 13.29 19.41
N LEU A 112 1.75 13.17 19.70
CA LEU A 112 2.20 12.50 20.91
C LEU A 112 1.76 13.29 22.14
N GLU A 113 1.17 12.60 23.10
CA GLU A 113 0.69 13.25 24.30
C GLU A 113 1.83 13.97 25.01
N HIS A 114 2.63 13.22 25.78
CA HIS A 114 3.77 13.82 26.50
C HIS A 114 5.03 13.74 25.65
N HIS A 115 5.69 14.88 25.48
CA HIS A 115 6.92 14.96 24.70
C HIS A 115 8.13 14.61 25.56
N HIS A 116 8.30 15.35 26.67
CA HIS A 116 9.42 15.11 27.57
C HIS A 116 9.12 15.61 28.97
N HIS A 117 9.94 15.19 29.94
CA HIS A 117 9.73 15.61 31.32
C HIS A 117 10.03 17.09 31.48
N HIS A 118 9.20 17.78 32.24
CA HIS A 118 9.39 19.21 32.48
C HIS A 118 10.56 19.42 33.45
N HIS A 119 11.43 20.37 33.12
CA HIS A 119 12.59 20.65 33.97
C HIS A 119 12.17 20.73 35.45
N ARG A 1 19.63 -17.69 -13.89
CA ARG A 1 18.81 -18.00 -12.68
C ARG A 1 19.43 -17.32 -11.47
N MET A 2 20.62 -16.75 -11.64
CA MET A 2 21.30 -16.08 -10.54
C MET A 2 20.63 -14.76 -10.19
N ALA A 3 19.87 -14.21 -11.14
CA ALA A 3 19.19 -12.94 -10.91
C ALA A 3 18.22 -13.05 -9.73
N HIS A 4 17.59 -14.22 -9.57
CA HIS A 4 16.66 -14.45 -8.47
C HIS A 4 17.38 -15.14 -7.32
N GLU A 5 17.28 -14.58 -6.11
CA GLU A 5 17.95 -15.16 -4.95
C GLU A 5 17.36 -16.52 -4.60
N GLY A 6 16.05 -16.64 -4.67
CA GLY A 6 15.36 -17.90 -4.37
C GLY A 6 14.97 -18.62 -5.64
N ALA A 7 15.97 -19.05 -6.40
CA ALA A 7 15.71 -19.75 -7.66
C ALA A 7 15.08 -21.12 -7.38
N LEU A 8 14.10 -21.47 -8.22
CA LEU A 8 13.42 -22.75 -8.08
C LEU A 8 14.21 -23.86 -8.76
N THR A 9 14.28 -25.01 -8.10
CA THR A 9 15.01 -26.16 -8.65
C THR A 9 14.09 -26.98 -9.55
N GLY A 10 14.50 -27.19 -10.80
CA GLY A 10 13.69 -27.94 -11.74
C GLY A 10 12.32 -27.27 -11.91
N VAL A 11 11.26 -28.08 -11.93
CA VAL A 11 9.91 -27.55 -12.07
C VAL A 11 8.89 -28.55 -11.52
N THR A 12 8.09 -28.10 -10.56
CA THR A 12 7.06 -28.94 -9.95
C THR A 12 5.71 -28.26 -10.06
N THR A 13 5.62 -27.08 -9.46
CA THR A 13 4.38 -26.29 -9.48
C THR A 13 4.40 -25.30 -10.65
N ASP A 14 3.28 -25.22 -11.38
CA ASP A 14 3.18 -24.29 -12.51
C ASP A 14 2.42 -23.04 -12.10
N GLN A 15 3.15 -21.94 -11.92
CA GLN A 15 2.54 -20.65 -11.52
C GLN A 15 2.49 -19.70 -12.72
N LYS A 16 1.98 -20.19 -13.85
CA LYS A 16 1.90 -19.38 -15.07
C LYS A 16 0.46 -19.37 -15.60
N GLU A 17 -0.49 -19.81 -14.78
CA GLU A 17 -1.89 -19.84 -15.20
C GLU A 17 -2.58 -18.52 -14.90
N LYS A 18 -3.52 -18.13 -15.78
CA LYS A 18 -4.27 -16.90 -15.61
C LYS A 18 -5.20 -17.02 -14.40
N GLN A 19 -5.11 -16.08 -13.45
CA GLN A 19 -5.95 -16.12 -12.25
C GLN A 19 -6.84 -14.87 -12.15
N LYS A 20 -7.76 -14.88 -11.21
CA LYS A 20 -8.67 -13.75 -11.01
C LYS A 20 -8.01 -12.66 -10.13
N PRO A 21 -8.18 -11.38 -10.46
CA PRO A 21 -7.57 -10.28 -9.65
C PRO A 21 -8.03 -10.32 -8.18
N ASP A 22 -7.19 -9.77 -7.29
CA ASP A 22 -7.53 -9.70 -5.87
C ASP A 22 -6.49 -8.88 -5.11
N ILE A 23 -6.85 -7.63 -4.82
CA ILE A 23 -5.95 -6.70 -4.14
C ILE A 23 -5.95 -6.88 -2.61
N VAL A 24 -4.77 -6.68 -2.02
CA VAL A 24 -4.58 -6.77 -0.57
C VAL A 24 -4.22 -5.38 0.00
N LEU A 25 -4.85 -5.01 1.12
CA LEU A 25 -4.58 -3.73 1.78
C LEU A 25 -4.86 -3.86 3.27
N TYR A 26 -5.05 -2.73 3.96
CA TYR A 26 -5.36 -2.74 5.41
C TYR A 26 -6.87 -2.50 5.61
N PRO A 27 -7.69 -3.51 5.86
CA PRO A 27 -9.15 -3.32 6.06
C PRO A 27 -9.46 -2.59 7.37
N GLU A 28 -8.52 -2.65 8.31
CA GLU A 28 -8.68 -2.01 9.62
C GLU A 28 -8.05 -0.61 9.62
N PRO A 29 -8.78 0.44 9.96
CA PRO A 29 -8.19 1.81 9.99
C PRO A 29 -7.02 1.89 10.98
N VAL A 30 -6.04 2.74 10.69
CA VAL A 30 -4.87 2.89 11.58
C VAL A 30 -4.56 4.36 11.84
N ARG A 31 -4.30 4.67 13.10
CA ARG A 31 -3.94 6.02 13.51
C ARG A 31 -2.61 6.00 14.25
N VAL A 32 -1.73 6.95 13.95
CA VAL A 32 -0.41 7.01 14.60
C VAL A 32 -0.18 8.41 15.15
N LEU A 33 0.76 8.53 16.10
CA LEU A 33 1.04 9.83 16.72
C LEU A 33 2.33 10.41 16.17
N GLU A 34 2.29 11.69 15.83
CA GLU A 34 3.47 12.36 15.30
C GLU A 34 4.69 12.00 16.14
N GLY A 35 5.77 11.63 15.46
CA GLY A 35 7.00 11.24 16.14
C GLY A 35 7.10 9.73 16.24
N GLU A 36 6.06 9.04 15.74
CA GLU A 36 6.03 7.57 15.74
C GLU A 36 6.03 7.08 14.30
N THR A 37 6.98 6.22 13.95
CA THR A 37 7.05 5.69 12.60
C THR A 37 6.02 4.60 12.40
N ALA A 38 5.52 4.47 11.17
CA ALA A 38 4.51 3.45 10.86
C ALA A 38 4.90 2.65 9.62
N ARG A 39 4.22 1.52 9.41
CA ARG A 39 4.50 0.67 8.25
C ARG A 39 3.21 0.10 7.65
N PHE A 40 3.03 0.37 6.36
CA PHE A 40 1.86 -0.12 5.62
C PHE A 40 2.32 -0.82 4.34
N ARG A 41 1.57 -1.84 3.92
CA ARG A 41 1.92 -2.60 2.71
C ARG A 41 0.74 -2.64 1.75
N CYS A 42 1.04 -2.58 0.46
CA CYS A 42 0.00 -2.65 -0.57
C CYS A 42 0.52 -3.46 -1.76
N ARG A 43 -0.09 -4.61 -2.00
CA ARG A 43 0.33 -5.48 -3.09
C ARG A 43 -0.90 -5.84 -3.92
N VAL A 44 -0.71 -6.53 -5.05
CA VAL A 44 -1.84 -6.95 -5.89
C VAL A 44 -1.65 -8.45 -6.16
N THR A 45 -2.64 -9.12 -6.75
CA THR A 45 -2.49 -10.55 -7.06
C THR A 45 -3.14 -10.86 -8.40
N GLY A 46 -2.65 -11.90 -9.06
CA GLY A 46 -3.20 -12.32 -10.35
C GLY A 46 -2.09 -12.56 -11.38
N TYR A 47 -1.87 -11.56 -12.22
CA TYR A 47 -0.85 -11.63 -13.28
C TYR A 47 0.26 -10.60 -13.03
N PRO A 48 1.41 -10.79 -13.64
CA PRO A 48 2.56 -9.86 -13.48
C PRO A 48 2.15 -8.38 -13.57
N GLN A 49 3.05 -7.51 -13.08
CA GLN A 49 2.88 -6.06 -13.06
C GLN A 49 1.59 -5.57 -13.74
N PRO A 50 0.48 -5.58 -13.04
CA PRO A 50 -0.81 -5.09 -13.58
C PRO A 50 -0.86 -3.55 -13.54
N LYS A 51 -2.07 -2.99 -13.53
CA LYS A 51 -2.23 -1.54 -13.47
C LYS A 51 -2.69 -1.14 -12.07
N VAL A 52 -2.05 -0.14 -11.47
CA VAL A 52 -2.42 0.27 -10.12
C VAL A 52 -2.23 1.78 -9.89
N ASN A 53 -3.01 2.30 -8.94
CA ASN A 53 -2.96 3.71 -8.56
C ASN A 53 -3.43 3.82 -7.11
N TRP A 54 -2.78 4.66 -6.29
CA TRP A 54 -3.18 4.80 -4.88
C TRP A 54 -3.10 6.26 -4.46
N TYR A 55 -3.83 6.62 -3.40
CA TYR A 55 -3.84 8.00 -2.90
C TYR A 55 -3.64 8.06 -1.39
N LEU A 56 -2.62 8.80 -0.95
CA LEU A 56 -2.34 8.96 0.48
C LEU A 56 -3.14 10.16 1.00
N ASN A 57 -3.77 10.04 2.16
CA ASN A 57 -4.53 11.15 2.71
C ASN A 57 -5.45 11.77 1.65
N GLY A 58 -5.55 11.11 0.49
CA GLY A 58 -6.38 11.61 -0.61
C GLY A 58 -5.51 12.29 -1.68
N GLN A 59 -4.21 11.98 -1.70
CA GLN A 59 -3.27 12.57 -2.67
C GLN A 59 -2.59 11.45 -3.48
N LEU A 60 -2.70 11.56 -4.81
CA LEU A 60 -2.13 10.55 -5.72
C LEU A 60 -0.65 10.78 -6.02
N ILE A 61 0.08 9.69 -6.34
CA ILE A 61 1.51 9.75 -6.68
C ILE A 61 2.37 10.35 -5.56
N ARG A 62 3.21 9.48 -4.99
CA ARG A 62 4.17 9.86 -3.96
C ARG A 62 5.55 9.85 -4.60
N LYS A 63 6.46 10.65 -4.09
CA LYS A 63 7.81 10.71 -4.64
C LYS A 63 8.51 9.35 -4.58
N SER A 64 9.39 9.13 -5.55
CA SER A 64 10.14 7.88 -5.69
C SER A 64 11.26 7.77 -4.64
N LYS A 65 12.42 7.28 -5.10
CA LYS A 65 13.62 7.05 -4.27
C LYS A 65 13.54 7.58 -2.83
N ARG A 66 12.97 8.76 -2.61
CA ARG A 66 12.90 9.29 -1.26
C ARG A 66 12.06 8.35 -0.39
N PHE A 67 11.02 7.77 -0.99
CA PHE A 67 10.15 6.82 -0.31
C PHE A 67 10.19 5.48 -1.05
N ARG A 68 10.12 4.37 -0.32
CA ARG A 68 10.18 3.06 -0.97
C ARG A 68 8.89 2.80 -1.74
N VAL A 69 9.00 2.79 -3.08
CA VAL A 69 7.86 2.54 -3.94
C VAL A 69 8.32 1.92 -5.25
N ARG A 70 7.60 0.88 -5.70
CA ARG A 70 7.92 0.21 -6.96
C ARG A 70 6.65 0.01 -7.76
N TYR A 71 6.50 0.80 -8.82
CA TYR A 71 5.30 0.69 -9.64
C TYR A 71 5.33 -0.57 -10.49
N ASP A 72 4.79 -1.64 -9.93
CA ASP A 72 4.73 -2.94 -10.62
C ASP A 72 3.84 -3.88 -9.80
N GLY A 73 2.93 -3.28 -9.02
CA GLY A 73 2.01 -4.05 -8.18
C GLY A 73 2.30 -3.79 -6.69
N ILE A 74 3.49 -3.25 -6.40
CA ILE A 74 3.92 -2.99 -5.01
C ILE A 74 4.10 -1.50 -4.71
N HIS A 75 3.42 -1.03 -3.68
CA HIS A 75 3.52 0.37 -3.26
C HIS A 75 3.52 0.44 -1.73
N TYR A 76 4.64 0.84 -1.14
CA TYR A 76 4.70 0.91 0.33
C TYR A 76 4.42 2.32 0.83
N LEU A 77 3.45 2.43 1.71
CA LEU A 77 3.10 3.69 2.34
C LEU A 77 3.90 3.80 3.64
N ASP A 78 5.16 4.19 3.54
CA ASP A 78 6.03 4.27 4.72
C ASP A 78 6.23 5.71 5.23
N ILE A 79 6.14 5.86 6.55
CA ILE A 79 6.33 7.15 7.21
C ILE A 79 7.37 7.00 8.32
N VAL A 80 7.90 8.12 8.81
CA VAL A 80 8.91 8.06 9.86
C VAL A 80 8.59 9.06 10.96
N ASP A 81 9.32 8.99 12.07
CA ASP A 81 9.07 9.90 13.19
C ASP A 81 9.25 11.35 12.75
N CYS A 82 8.32 11.84 11.94
CA CYS A 82 8.35 13.20 11.44
C CYS A 82 7.49 13.31 10.18
N LYS A 83 6.79 14.44 10.02
CA LYS A 83 5.93 14.68 8.87
C LYS A 83 4.75 13.70 8.85
N SER A 84 3.89 13.79 9.88
CA SER A 84 2.74 12.92 9.99
C SER A 84 1.54 13.69 10.58
N TYR A 85 1.81 14.61 11.50
CA TYR A 85 0.76 15.37 12.21
C TYR A 85 -0.31 15.98 11.30
N ASP A 86 -1.11 15.12 10.67
CA ASP A 86 -2.17 15.56 9.78
C ASP A 86 -3.13 14.40 9.52
N THR A 87 -4.39 14.56 9.90
CA THR A 87 -5.36 13.48 9.71
C THR A 87 -5.90 13.48 8.28
N GLY A 88 -5.87 12.32 7.60
CA GLY A 88 -6.36 12.26 6.22
C GLY A 88 -7.10 10.96 5.95
N GLU A 89 -7.20 10.61 4.68
CA GLU A 89 -7.87 9.38 4.28
C GLU A 89 -7.14 8.73 3.12
N VAL A 90 -7.12 7.40 3.11
CA VAL A 90 -6.44 6.65 2.06
C VAL A 90 -7.43 5.76 1.32
N LYS A 91 -7.37 5.80 0.01
CA LYS A 91 -8.24 5.00 -0.85
C LYS A 91 -7.39 4.43 -1.96
N VAL A 92 -7.56 3.15 -2.23
CA VAL A 92 -6.76 2.47 -3.26
C VAL A 92 -7.63 2.04 -4.42
N THR A 93 -7.25 2.44 -5.62
CA THR A 93 -7.97 2.08 -6.84
C THR A 93 -7.05 1.33 -7.78
N ALA A 94 -7.47 0.13 -8.18
CA ALA A 94 -6.68 -0.70 -9.07
C ALA A 94 -7.46 -0.98 -10.34
N GLU A 95 -6.72 -1.23 -11.41
CA GLU A 95 -7.32 -1.52 -12.71
C GLU A 95 -6.71 -2.80 -13.24
N ASN A 96 -7.44 -3.50 -14.10
CA ASN A 96 -6.95 -4.74 -14.70
C ASN A 96 -7.68 -4.98 -16.03
N PRO A 97 -7.06 -5.63 -16.98
CA PRO A 97 -7.73 -5.90 -18.28
C PRO A 97 -9.05 -6.67 -18.13
N GLU A 98 -9.22 -7.43 -17.04
CA GLU A 98 -10.45 -8.23 -16.84
C GLU A 98 -11.28 -7.78 -15.63
N GLY A 99 -10.88 -6.71 -14.93
CA GLY A 99 -11.66 -6.27 -13.78
C GLY A 99 -11.14 -4.96 -13.21
N VAL A 100 -11.87 -4.45 -12.23
CA VAL A 100 -11.52 -3.21 -11.54
C VAL A 100 -11.92 -3.33 -10.08
N ILE A 101 -11.07 -2.83 -9.17
CA ILE A 101 -11.35 -2.93 -7.74
C ILE A 101 -11.10 -1.61 -7.02
N GLU A 102 -11.68 -1.48 -5.82
CA GLU A 102 -11.50 -0.26 -5.02
C GLU A 102 -11.87 -0.52 -3.57
N HIS A 103 -11.15 0.12 -2.64
CA HIS A 103 -11.41 -0.04 -1.21
C HIS A 103 -11.25 1.28 -0.47
N LYS A 104 -12.16 1.54 0.47
CA LYS A 104 -12.13 2.77 1.26
C LYS A 104 -11.59 2.49 2.66
N VAL A 105 -10.51 3.18 3.02
CA VAL A 105 -9.89 3.04 4.34
C VAL A 105 -9.65 4.44 4.90
N LYS A 106 -9.43 4.53 6.21
CA LYS A 106 -9.22 5.84 6.85
C LYS A 106 -8.01 5.84 7.78
N LEU A 107 -7.09 6.78 7.53
CA LEU A 107 -5.90 6.92 8.36
C LEU A 107 -5.87 8.31 8.96
N GLU A 108 -5.85 8.39 10.29
CA GLU A 108 -5.83 9.69 10.97
C GLU A 108 -4.66 9.73 11.95
N ILE A 109 -3.78 10.74 11.84
CA ILE A 109 -2.63 10.82 12.76
C ILE A 109 -2.70 12.08 13.61
N GLN A 110 -2.68 11.85 14.92
CA GLN A 110 -2.73 12.91 15.90
C GLN A 110 -1.31 13.40 16.22
N GLN A 111 -0.94 13.39 17.50
CA GLN A 111 0.39 13.85 17.89
C GLN A 111 0.82 13.22 19.21
N LEU A 112 2.12 13.21 19.46
CA LEU A 112 2.68 12.64 20.69
C LEU A 112 3.20 13.76 21.59
N GLU A 113 4.38 14.27 21.26
CA GLU A 113 4.99 15.35 22.04
C GLU A 113 4.47 16.70 21.58
N HIS A 114 3.93 17.48 22.51
CA HIS A 114 3.40 18.80 22.18
C HIS A 114 4.50 19.71 21.63
N HIS A 115 5.65 19.74 22.30
CA HIS A 115 6.78 20.56 21.87
C HIS A 115 8.10 19.84 22.12
N HIS A 116 9.02 19.94 21.15
CA HIS A 116 10.32 19.30 21.29
C HIS A 116 11.26 20.17 22.10
N HIS A 117 11.87 19.58 23.13
CA HIS A 117 12.78 20.32 23.99
C HIS A 117 13.69 19.36 24.75
N HIS A 118 13.32 18.07 24.73
CA HIS A 118 14.08 17.04 25.44
C HIS A 118 14.78 16.10 24.47
N HIS A 119 15.97 15.65 24.83
CA HIS A 119 16.74 14.74 23.98
C HIS A 119 16.66 15.18 22.52
N ARG A 1 14.74 -14.50 -21.03
CA ARG A 1 15.90 -15.18 -20.39
C ARG A 1 16.02 -14.71 -18.94
N MET A 2 15.09 -13.86 -18.50
CA MET A 2 15.11 -13.36 -17.12
C MET A 2 14.68 -14.46 -16.15
N ALA A 3 14.82 -15.71 -16.57
CA ALA A 3 14.43 -16.84 -15.75
C ALA A 3 15.25 -16.88 -14.44
N HIS A 4 16.53 -16.55 -14.52
CA HIS A 4 17.39 -16.57 -13.34
C HIS A 4 17.00 -15.44 -12.38
N GLU A 5 15.75 -15.47 -11.91
CA GLU A 5 15.26 -14.44 -10.99
C GLU A 5 15.95 -14.56 -9.63
N GLY A 6 15.81 -15.72 -9.01
CA GLY A 6 16.41 -15.95 -7.71
C GLY A 6 16.29 -17.41 -7.29
N ALA A 7 15.51 -17.65 -6.26
CA ALA A 7 15.32 -19.00 -5.76
C ALA A 7 14.70 -19.89 -6.85
N LEU A 8 15.04 -21.17 -6.80
CA LEU A 8 14.53 -22.12 -7.78
C LEU A 8 13.18 -22.66 -7.29
N THR A 9 12.13 -22.51 -8.12
CA THR A 9 10.79 -22.97 -7.76
C THR A 9 10.46 -24.28 -8.48
N GLY A 10 9.68 -25.13 -7.80
CA GLY A 10 9.31 -26.43 -8.38
C GLY A 10 7.98 -26.34 -9.11
N VAL A 11 7.48 -25.11 -9.28
CA VAL A 11 6.22 -24.87 -9.96
C VAL A 11 6.43 -23.94 -11.15
N THR A 12 5.91 -24.35 -12.30
CA THR A 12 6.02 -23.56 -13.53
C THR A 12 4.70 -22.90 -13.86
N THR A 13 4.23 -22.06 -12.94
CA THR A 13 2.96 -21.35 -13.12
C THR A 13 3.23 -19.87 -13.26
N ASP A 14 2.36 -19.05 -12.66
CA ASP A 14 2.53 -17.60 -12.73
C ASP A 14 2.74 -17.15 -14.16
N GLN A 15 2.25 -17.93 -15.10
CA GLN A 15 2.41 -17.59 -16.51
C GLN A 15 1.60 -16.33 -16.85
N LYS A 16 0.73 -16.45 -17.85
CA LYS A 16 -0.10 -15.31 -18.27
C LYS A 16 -1.57 -15.72 -18.24
N GLU A 17 -1.83 -16.89 -17.69
CA GLU A 17 -3.18 -17.41 -17.60
C GLU A 17 -4.04 -16.48 -16.74
N LYS A 18 -5.34 -16.41 -17.05
CA LYS A 18 -6.24 -15.55 -16.28
C LYS A 18 -6.53 -16.17 -14.93
N GLN A 19 -6.61 -15.31 -13.91
CA GLN A 19 -6.87 -15.73 -12.54
C GLN A 19 -7.90 -14.78 -11.94
N LYS A 20 -8.43 -15.10 -10.76
CA LYS A 20 -9.43 -14.25 -10.11
C LYS A 20 -8.77 -13.06 -9.40
N PRO A 21 -9.02 -11.82 -9.81
CA PRO A 21 -8.42 -10.62 -9.15
C PRO A 21 -8.85 -10.51 -7.68
N ASP A 22 -8.02 -9.83 -6.91
CA ASP A 22 -8.29 -9.63 -5.49
C ASP A 22 -7.11 -8.90 -4.84
N ILE A 23 -7.29 -7.61 -4.56
CA ILE A 23 -6.22 -6.83 -3.96
C ILE A 23 -6.16 -7.04 -2.45
N VAL A 24 -4.95 -6.83 -1.90
CA VAL A 24 -4.72 -6.97 -0.45
C VAL A 24 -4.34 -5.61 0.10
N LEU A 25 -4.92 -5.24 1.25
CA LEU A 25 -4.65 -3.95 1.88
C LEU A 25 -4.96 -4.05 3.37
N TYR A 26 -5.19 -2.91 4.03
CA TYR A 26 -5.52 -2.92 5.46
C TYR A 26 -7.03 -3.14 5.64
N PRO A 27 -7.48 -4.28 6.17
CA PRO A 27 -8.93 -4.53 6.35
C PRO A 27 -9.59 -3.55 7.32
N GLU A 28 -8.79 -2.94 8.20
CA GLU A 28 -9.33 -1.98 9.19
C GLU A 28 -8.52 -0.67 9.16
N PRO A 29 -8.98 0.39 9.82
CA PRO A 29 -8.25 1.69 9.83
C PRO A 29 -7.06 1.63 10.80
N VAL A 30 -6.03 2.45 10.58
CA VAL A 30 -4.88 2.47 11.48
C VAL A 30 -4.42 3.90 11.75
N ARG A 31 -3.99 4.15 12.99
CA ARG A 31 -3.55 5.49 13.39
C ARG A 31 -2.32 5.42 14.30
N VAL A 32 -1.47 6.45 14.22
CA VAL A 32 -0.26 6.54 15.05
C VAL A 32 -0.22 7.89 15.76
N LEU A 33 0.88 8.19 16.46
CA LEU A 33 1.03 9.45 17.18
C LEU A 33 2.23 10.23 16.63
N GLU A 34 2.10 11.55 16.53
CA GLU A 34 3.20 12.38 16.03
C GLU A 34 4.46 12.04 16.81
N GLY A 35 5.54 11.79 16.07
CA GLY A 35 6.82 11.43 16.69
C GLY A 35 7.05 9.92 16.55
N GLU A 36 6.05 9.24 15.97
CA GLU A 36 6.14 7.80 15.75
C GLU A 36 6.06 7.50 14.26
N THR A 37 7.00 6.71 13.75
CA THR A 37 7.01 6.37 12.34
C THR A 37 5.98 5.27 12.08
N ALA A 38 5.52 5.16 10.83
CA ALA A 38 4.50 4.16 10.49
C ALA A 38 4.98 3.22 9.40
N ARG A 39 4.42 2.01 9.38
CA ARG A 39 4.80 1.01 8.39
C ARG A 39 3.56 0.38 7.77
N PHE A 40 3.31 0.73 6.51
CA PHE A 40 2.15 0.19 5.79
C PHE A 40 2.63 -0.48 4.50
N ARG A 41 1.91 -1.52 4.08
CA ARG A 41 2.24 -2.26 2.87
C ARG A 41 0.99 -2.52 2.06
N CYS A 42 1.13 -2.62 0.76
CA CYS A 42 -0.02 -2.90 -0.10
C CYS A 42 0.44 -3.61 -1.36
N ARG A 43 -0.22 -4.70 -1.70
CA ARG A 43 0.13 -5.48 -2.88
C ARG A 43 -1.16 -5.76 -3.64
N VAL A 44 -1.08 -6.39 -4.80
CA VAL A 44 -2.29 -6.74 -5.56
C VAL A 44 -2.19 -8.22 -5.92
N THR A 45 -3.26 -8.80 -6.48
CA THR A 45 -3.22 -10.22 -6.86
C THR A 45 -3.94 -10.43 -8.19
N GLY A 46 -3.45 -11.39 -8.97
CA GLY A 46 -4.05 -11.70 -10.27
C GLY A 46 -3.03 -12.30 -11.21
N TYR A 47 -2.41 -11.47 -12.04
CA TYR A 47 -1.41 -11.94 -13.00
C TYR A 47 -0.21 -10.99 -13.01
N PRO A 48 0.92 -11.45 -13.49
CA PRO A 48 2.14 -10.61 -13.54
C PRO A 48 1.94 -9.33 -14.37
N GLN A 49 2.53 -8.25 -13.88
CA GLN A 49 2.46 -6.95 -14.55
C GLN A 49 1.07 -6.32 -14.44
N PRO A 50 0.69 -5.87 -13.25
CA PRO A 50 -0.61 -5.18 -13.02
C PRO A 50 -0.52 -3.68 -13.35
N LYS A 51 -1.68 -3.03 -13.53
CA LYS A 51 -1.71 -1.58 -13.79
C LYS A 51 -2.57 -0.89 -12.75
N VAL A 52 -2.00 -0.51 -11.60
CA VAL A 52 -2.79 0.12 -10.54
C VAL A 52 -2.21 1.47 -10.13
N ASN A 53 -3.04 2.25 -9.46
CA ASN A 53 -2.65 3.57 -8.97
C ASN A 53 -3.22 3.73 -7.56
N TRP A 54 -2.72 4.70 -6.81
CA TRP A 54 -3.20 4.88 -5.42
C TRP A 54 -3.13 6.33 -5.00
N TYR A 55 -3.76 6.64 -3.87
CA TYR A 55 -3.78 8.01 -3.37
C TYR A 55 -3.40 8.07 -1.88
N LEU A 56 -2.30 8.74 -1.57
CA LEU A 56 -1.89 8.88 -0.17
C LEU A 56 -2.63 10.07 0.43
N ASN A 57 -3.13 9.95 1.66
CA ASN A 57 -3.84 11.05 2.30
C ASN A 57 -4.90 11.63 1.37
N GLY A 58 -5.14 10.95 0.25
CA GLY A 58 -6.12 11.41 -0.74
C GLY A 58 -5.41 12.17 -1.85
N GLN A 59 -4.12 11.86 -2.03
CA GLN A 59 -3.30 12.50 -3.07
C GLN A 59 -2.65 11.44 -3.97
N LEU A 60 -2.94 11.53 -5.28
CA LEU A 60 -2.39 10.60 -6.26
C LEU A 60 -0.93 10.91 -6.56
N ILE A 61 -0.16 9.86 -6.90
CA ILE A 61 1.27 9.98 -7.22
C ILE A 61 2.10 10.49 -6.03
N ARG A 62 2.92 9.57 -5.50
CA ARG A 62 3.83 9.85 -4.40
C ARG A 62 5.27 9.81 -4.90
N LYS A 63 6.11 10.66 -4.30
CA LYS A 63 7.50 10.76 -4.72
C LYS A 63 8.25 9.43 -4.53
N SER A 64 9.26 9.24 -5.37
CA SER A 64 10.08 8.02 -5.40
C SER A 64 11.07 7.92 -4.23
N LYS A 65 12.27 7.42 -4.54
CA LYS A 65 13.36 7.17 -3.59
C LYS A 65 13.14 7.69 -2.15
N ARG A 66 12.59 8.89 -1.97
CA ARG A 66 12.37 9.39 -0.60
C ARG A 66 11.44 8.44 0.14
N PHE A 67 10.42 7.96 -0.57
CA PHE A 67 9.46 7.01 -0.01
C PHE A 67 9.50 5.73 -0.84
N ARG A 68 9.43 4.55 -0.20
CA ARG A 68 9.49 3.30 -0.94
C ARG A 68 8.23 3.13 -1.79
N VAL A 69 8.44 3.11 -3.11
CA VAL A 69 7.32 2.95 -4.02
C VAL A 69 7.78 2.29 -5.33
N ARG A 70 7.01 1.31 -5.78
CA ARG A 70 7.30 0.59 -7.01
C ARG A 70 6.02 0.38 -7.80
N TYR A 71 5.84 1.21 -8.81
CA TYR A 71 4.62 1.13 -9.60
C TYR A 71 4.63 -0.11 -10.48
N ASP A 72 4.11 -1.21 -9.91
CA ASP A 72 4.03 -2.49 -10.62
C ASP A 72 3.30 -3.52 -9.74
N GLY A 73 2.40 -3.02 -8.89
CA GLY A 73 1.63 -3.88 -7.98
C GLY A 73 2.00 -3.65 -6.53
N ILE A 74 3.21 -3.12 -6.30
CA ILE A 74 3.72 -2.86 -4.94
C ILE A 74 3.80 -1.37 -4.62
N HIS A 75 3.13 -0.97 -3.55
CA HIS A 75 3.13 0.43 -3.11
C HIS A 75 3.28 0.53 -1.58
N TYR A 76 4.47 0.93 -1.11
CA TYR A 76 4.71 1.03 0.33
C TYR A 76 4.58 2.49 0.80
N LEU A 77 3.69 2.70 1.77
CA LEU A 77 3.48 4.03 2.34
C LEU A 77 4.18 4.11 3.71
N ASP A 78 5.40 4.67 3.76
CA ASP A 78 6.14 4.75 5.03
C ASP A 78 6.30 6.19 5.54
N ILE A 79 6.18 6.33 6.87
CA ILE A 79 6.37 7.62 7.52
C ILE A 79 7.68 7.58 8.31
N VAL A 80 8.21 8.75 8.64
CA VAL A 80 9.46 8.85 9.40
C VAL A 80 9.25 9.85 10.54
N ASP A 81 10.20 9.92 11.48
CA ASP A 81 10.09 10.85 12.60
C ASP A 81 10.08 12.29 12.10
N CYS A 82 9.01 12.65 11.40
CA CYS A 82 8.86 13.99 10.85
C CYS A 82 7.76 14.01 9.79
N LYS A 83 6.87 15.00 9.89
CA LYS A 83 5.77 15.16 8.94
C LYS A 83 4.75 14.03 9.03
N SER A 84 4.14 13.86 10.21
CA SER A 84 3.15 12.83 10.42
C SER A 84 1.86 13.45 10.99
N TYR A 85 2.02 14.42 11.89
CA TYR A 85 0.89 15.10 12.57
C TYR A 85 -0.18 15.65 11.61
N ASP A 86 -0.82 14.78 10.84
CA ASP A 86 -1.85 15.22 9.90
C ASP A 86 -2.80 14.05 9.56
N THR A 87 -4.05 14.17 9.99
CA THR A 87 -5.01 13.11 9.72
C THR A 87 -5.55 13.24 8.30
N GLY A 88 -5.53 12.14 7.51
CA GLY A 88 -6.02 12.19 6.15
C GLY A 88 -6.65 10.86 5.76
N GLU A 89 -6.60 10.52 4.47
CA GLU A 89 -7.20 9.26 4.03
C GLU A 89 -6.44 8.62 2.88
N VAL A 90 -6.38 7.29 2.90
CA VAL A 90 -5.71 6.52 1.86
C VAL A 90 -6.73 5.62 1.16
N LYS A 91 -6.64 5.55 -0.15
CA LYS A 91 -7.55 4.75 -0.96
C LYS A 91 -6.77 4.07 -2.07
N VAL A 92 -6.91 2.76 -2.16
CA VAL A 92 -6.20 1.98 -3.17
C VAL A 92 -7.14 1.53 -4.27
N THR A 93 -6.89 2.00 -5.50
CA THR A 93 -7.70 1.64 -6.66
C THR A 93 -6.84 0.88 -7.66
N ALA A 94 -7.32 -0.29 -8.09
CA ALA A 94 -6.58 -1.11 -9.04
C ALA A 94 -7.33 -1.23 -10.35
N GLU A 95 -6.58 -1.49 -11.41
CA GLU A 95 -7.16 -1.63 -12.75
C GLU A 95 -6.52 -2.82 -13.45
N ASN A 96 -7.29 -3.46 -14.32
CA ASN A 96 -6.81 -4.62 -15.06
C ASN A 96 -7.60 -4.75 -16.37
N PRO A 97 -7.04 -5.35 -17.40
CA PRO A 97 -7.78 -5.48 -18.68
C PRO A 97 -9.09 -6.25 -18.52
N GLU A 98 -9.15 -7.17 -17.55
CA GLU A 98 -10.35 -7.99 -17.34
C GLU A 98 -10.99 -7.76 -15.96
N GLY A 99 -10.45 -6.84 -15.15
CA GLY A 99 -11.02 -6.62 -13.82
C GLY A 99 -10.71 -5.23 -13.28
N VAL A 100 -11.60 -4.74 -12.42
CA VAL A 100 -11.46 -3.43 -11.79
C VAL A 100 -11.89 -3.54 -10.33
N ILE A 101 -11.15 -2.90 -9.41
CA ILE A 101 -11.50 -2.97 -7.97
C ILE A 101 -11.25 -1.64 -7.28
N GLU A 102 -11.97 -1.41 -6.18
CA GLU A 102 -11.82 -0.18 -5.41
C GLU A 102 -11.96 -0.45 -3.91
N HIS A 103 -10.98 0.02 -3.13
CA HIS A 103 -10.98 -0.17 -1.68
C HIS A 103 -10.68 1.18 -1.00
N LYS A 104 -11.52 1.58 -0.05
CA LYS A 104 -11.33 2.84 0.68
C LYS A 104 -11.04 2.56 2.14
N VAL A 105 -10.01 3.22 2.67
CA VAL A 105 -9.63 3.06 4.07
C VAL A 105 -9.36 4.42 4.68
N LYS A 106 -9.42 4.50 6.01
CA LYS A 106 -9.19 5.76 6.71
C LYS A 106 -7.93 5.67 7.57
N LEU A 107 -6.99 6.57 7.30
CA LEU A 107 -5.73 6.60 8.05
C LEU A 107 -5.57 7.98 8.67
N GLU A 108 -5.38 8.03 9.98
CA GLU A 108 -5.21 9.31 10.66
C GLU A 108 -4.09 9.26 11.68
N ILE A 109 -3.24 10.30 11.69
CA ILE A 109 -2.12 10.35 12.64
C ILE A 109 -2.33 11.54 13.59
N GLN A 110 -2.57 11.20 14.85
CA GLN A 110 -2.84 12.18 15.90
C GLN A 110 -1.57 12.85 16.41
N GLN A 111 -1.41 12.88 17.74
CA GLN A 111 -0.23 13.49 18.34
C GLN A 111 0.12 12.81 19.65
N LEU A 112 1.39 12.89 20.04
CA LEU A 112 1.83 12.27 21.29
C LEU A 112 0.97 12.77 22.44
N GLU A 113 0.37 11.84 23.17
CA GLU A 113 -0.49 12.18 24.30
C GLU A 113 0.29 12.94 25.37
N HIS A 114 -0.39 13.91 26.00
CA HIS A 114 0.22 14.71 27.06
C HIS A 114 -0.12 14.11 28.42
N HIS A 115 0.85 14.12 29.33
CA HIS A 115 0.65 13.55 30.66
C HIS A 115 -0.48 14.25 31.41
N HIS A 116 -1.28 13.45 32.12
CA HIS A 116 -2.40 13.98 32.88
C HIS A 116 -2.67 13.14 34.14
N HIS A 117 -2.67 11.82 33.98
CA HIS A 117 -2.93 10.92 35.12
C HIS A 117 -2.28 9.56 34.87
N HIS A 118 -2.67 8.92 33.76
CA HIS A 118 -2.13 7.61 33.41
C HIS A 118 -0.84 7.76 32.61
N HIS A 119 0.23 7.11 33.10
CA HIS A 119 1.53 7.19 32.44
C HIS A 119 2.28 5.88 32.62
N ARG A 1 14.20 -48.63 -1.50
CA ARG A 1 14.92 -47.84 -2.54
C ARG A 1 14.90 -46.37 -2.16
N MET A 2 15.83 -45.59 -2.71
CA MET A 2 15.90 -44.16 -2.42
C MET A 2 14.90 -43.39 -3.29
N ALA A 3 14.28 -42.37 -2.70
CA ALA A 3 13.31 -41.56 -3.41
C ALA A 3 13.33 -40.12 -2.89
N HIS A 4 12.78 -39.21 -3.67
CA HIS A 4 12.76 -37.80 -3.28
C HIS A 4 12.06 -37.64 -1.93
N GLU A 5 12.58 -36.72 -1.11
CA GLU A 5 12.03 -36.48 0.22
C GLU A 5 10.62 -35.90 0.12
N GLY A 6 10.40 -34.98 -0.81
CA GLY A 6 9.08 -34.37 -0.97
C GLY A 6 9.00 -33.55 -2.25
N ALA A 7 10.15 -33.14 -2.76
CA ALA A 7 10.19 -32.34 -3.98
C ALA A 7 9.60 -33.14 -5.15
N LEU A 8 8.82 -32.45 -5.99
CA LEU A 8 8.20 -33.10 -7.15
C LEU A 8 9.04 -32.86 -8.41
N THR A 9 9.30 -33.94 -9.14
CA THR A 9 10.09 -33.85 -10.37
C THR A 9 9.21 -33.36 -11.52
N GLY A 10 9.68 -32.33 -12.23
CA GLY A 10 8.92 -31.80 -13.36
C GLY A 10 9.28 -30.34 -13.62
N VAL A 11 8.36 -29.61 -14.23
CA VAL A 11 8.60 -28.21 -14.53
C VAL A 11 8.58 -27.39 -13.23
N THR A 12 9.09 -26.17 -13.29
CA THR A 12 9.14 -25.32 -12.11
C THR A 12 7.73 -24.92 -11.65
N THR A 13 7.03 -25.88 -11.06
CA THR A 13 5.68 -25.68 -10.53
C THR A 13 4.98 -24.45 -11.12
N ASP A 14 4.84 -23.40 -10.31
CA ASP A 14 4.20 -22.17 -10.76
C ASP A 14 2.78 -22.45 -11.29
N GLN A 15 1.79 -21.86 -10.61
CA GLN A 15 0.39 -22.02 -11.00
C GLN A 15 0.07 -21.21 -12.24
N LYS A 16 -0.72 -21.78 -13.16
CA LYS A 16 -1.12 -21.09 -14.39
C LYS A 16 -2.64 -20.96 -14.46
N GLU A 17 -3.32 -21.32 -13.37
CA GLU A 17 -4.77 -21.21 -13.31
C GLU A 17 -5.18 -19.74 -13.36
N LYS A 18 -6.06 -19.39 -14.29
CA LYS A 18 -6.48 -18.00 -14.43
C LYS A 18 -7.17 -17.49 -13.15
N GLN A 19 -6.56 -16.46 -12.56
CA GLN A 19 -7.07 -15.87 -11.31
C GLN A 19 -7.54 -14.44 -11.55
N LYS A 20 -8.64 -14.07 -10.89
CA LYS A 20 -9.20 -12.73 -11.03
C LYS A 20 -8.51 -11.75 -10.06
N PRO A 21 -8.45 -10.47 -10.40
CA PRO A 21 -7.80 -9.45 -9.55
C PRO A 21 -8.30 -9.49 -8.09
N ASP A 22 -7.48 -8.96 -7.18
CA ASP A 22 -7.84 -8.90 -5.76
C ASP A 22 -6.77 -8.13 -4.98
N ILE A 23 -7.07 -6.88 -4.64
CA ILE A 23 -6.10 -6.06 -3.93
C ILE A 23 -6.07 -6.34 -2.43
N VAL A 24 -4.87 -6.23 -1.87
CA VAL A 24 -4.67 -6.43 -0.43
C VAL A 24 -4.32 -5.08 0.17
N LEU A 25 -4.92 -4.75 1.32
CA LEU A 25 -4.67 -3.48 1.97
C LEU A 25 -4.96 -3.57 3.46
N TYR A 26 -5.25 -2.44 4.11
CA TYR A 26 -5.55 -2.40 5.54
C TYR A 26 -7.03 -2.05 5.77
N PRO A 27 -7.90 -3.03 5.88
CA PRO A 27 -9.35 -2.75 6.13
C PRO A 27 -9.55 -2.15 7.52
N GLU A 28 -8.59 -2.42 8.40
CA GLU A 28 -8.65 -1.92 9.77
C GLU A 28 -8.07 -0.50 9.85
N PRO A 29 -8.83 0.50 10.24
CA PRO A 29 -8.27 1.88 10.32
C PRO A 29 -7.11 1.91 11.31
N VAL A 30 -6.12 2.76 11.04
CA VAL A 30 -4.95 2.86 11.93
C VAL A 30 -4.61 4.33 12.17
N ARG A 31 -4.30 4.67 13.42
CA ARG A 31 -3.96 6.04 13.81
C ARG A 31 -2.63 6.05 14.57
N VAL A 32 -1.78 7.04 14.27
CA VAL A 32 -0.48 7.16 14.93
C VAL A 32 -0.23 8.59 15.38
N LEU A 33 0.63 8.74 16.40
CA LEU A 33 0.96 10.06 16.92
C LEU A 33 2.16 10.64 16.16
N GLU A 34 2.03 11.88 15.70
CA GLU A 34 3.12 12.49 14.93
C GLU A 34 4.46 12.27 15.61
N GLY A 35 5.48 12.05 14.78
CA GLY A 35 6.84 11.79 15.28
C GLY A 35 7.10 10.30 15.33
N GLU A 36 6.10 9.54 14.86
CA GLU A 36 6.19 8.08 14.83
C GLU A 36 6.12 7.58 13.40
N THR A 37 6.85 6.51 13.12
CA THR A 37 6.86 5.93 11.77
C THR A 37 5.69 4.96 11.62
N ALA A 38 5.07 4.96 10.45
CA ALA A 38 3.93 4.09 10.18
C ALA A 38 4.31 3.05 9.15
N ARG A 39 3.76 1.84 9.27
CA ARG A 39 4.09 0.76 8.33
C ARG A 39 2.83 0.09 7.79
N PHE A 40 2.59 0.28 6.51
CA PHE A 40 1.45 -0.34 5.83
C PHE A 40 1.94 -0.93 4.51
N ARG A 41 1.20 -1.91 3.99
CA ARG A 41 1.57 -2.56 2.73
C ARG A 41 0.44 -2.42 1.72
N CYS A 42 0.81 -2.31 0.44
CA CYS A 42 -0.17 -2.19 -0.62
C CYS A 42 0.30 -2.99 -1.82
N ARG A 43 -0.29 -4.15 -2.04
CA ARG A 43 0.10 -5.01 -3.16
C ARG A 43 -1.14 -5.40 -3.93
N VAL A 44 -1.02 -6.09 -5.05
CA VAL A 44 -2.18 -6.50 -5.83
C VAL A 44 -1.95 -7.96 -6.22
N THR A 45 -2.94 -8.64 -6.81
CA THR A 45 -2.72 -10.02 -7.21
C THR A 45 -3.77 -10.45 -8.23
N GLY A 46 -3.65 -11.69 -8.71
CA GLY A 46 -4.59 -12.25 -9.67
C GLY A 46 -4.08 -12.06 -11.10
N TYR A 47 -3.28 -11.01 -11.30
CA TYR A 47 -2.72 -10.71 -12.63
C TYR A 47 -1.26 -10.23 -12.49
N PRO A 48 -0.28 -10.93 -13.04
CA PRO A 48 1.14 -10.48 -12.92
C PRO A 48 1.40 -9.13 -13.63
N GLN A 49 1.79 -8.12 -12.84
CA GLN A 49 2.08 -6.79 -13.36
C GLN A 49 0.86 -6.07 -13.94
N PRO A 50 -0.07 -5.68 -13.11
CA PRO A 50 -1.27 -4.90 -13.54
C PRO A 50 -0.92 -3.41 -13.59
N LYS A 51 -1.95 -2.56 -13.61
CA LYS A 51 -1.74 -1.12 -13.62
C LYS A 51 -2.61 -0.48 -12.55
N VAL A 52 -2.10 -0.38 -11.31
CA VAL A 52 -2.88 0.16 -10.20
C VAL A 52 -2.37 1.54 -9.77
N ASN A 53 -3.20 2.22 -8.97
CA ASN A 53 -2.88 3.54 -8.45
C ASN A 53 -3.37 3.62 -7.01
N TRP A 54 -2.82 4.54 -6.21
CA TRP A 54 -3.25 4.65 -4.82
C TRP A 54 -3.21 6.10 -4.33
N TYR A 55 -3.81 6.37 -3.17
CA TYR A 55 -3.85 7.73 -2.64
C TYR A 55 -3.59 7.77 -1.13
N LEU A 56 -2.52 8.46 -0.74
CA LEU A 56 -2.20 8.60 0.69
C LEU A 56 -2.99 9.78 1.23
N ASN A 57 -3.60 9.64 2.42
CA ASN A 57 -4.37 10.75 2.98
C ASN A 57 -5.28 11.37 1.92
N GLY A 58 -5.41 10.70 0.76
CA GLY A 58 -6.24 11.21 -0.34
C GLY A 58 -5.37 11.93 -1.37
N GLN A 59 -4.09 11.55 -1.45
CA GLN A 59 -3.15 12.18 -2.40
C GLN A 59 -2.48 11.12 -3.29
N LEU A 60 -2.67 11.26 -4.60
CA LEU A 60 -2.11 10.33 -5.59
C LEU A 60 -0.63 10.59 -5.87
N ILE A 61 0.09 9.52 -6.24
CA ILE A 61 1.53 9.58 -6.57
C ILE A 61 2.39 10.04 -5.39
N ARG A 62 3.16 9.07 -4.88
CA ARG A 62 4.10 9.29 -3.79
C ARG A 62 5.50 9.37 -4.39
N LYS A 63 6.40 10.07 -3.74
CA LYS A 63 7.74 10.23 -4.30
C LYS A 63 8.44 8.89 -4.48
N SER A 64 9.25 8.82 -5.53
CA SER A 64 9.99 7.62 -5.90
C SER A 64 11.16 7.34 -4.95
N LYS A 65 12.28 6.95 -5.56
CA LYS A 65 13.53 6.59 -4.86
C LYS A 65 13.63 7.15 -3.44
N ARG A 66 13.04 8.30 -3.16
CA ARG A 66 13.12 8.85 -1.81
C ARG A 66 12.49 7.86 -0.83
N PHE A 67 11.37 7.27 -1.23
CA PHE A 67 10.66 6.28 -0.41
C PHE A 67 10.51 4.97 -1.20
N ARG A 68 10.35 3.85 -0.50
CA ARG A 68 10.23 2.57 -1.17
C ARG A 68 8.91 2.47 -1.92
N VAL A 69 8.98 2.60 -3.24
CA VAL A 69 7.79 2.50 -4.07
C VAL A 69 8.19 2.11 -5.49
N ARG A 70 7.56 1.06 -6.01
CA ARG A 70 7.85 0.60 -7.37
C ARG A 70 6.54 0.30 -8.08
N TYR A 71 6.27 1.01 -9.17
CA TYR A 71 5.04 0.80 -9.89
C TYR A 71 5.10 -0.45 -10.73
N ASP A 72 4.70 -1.55 -10.12
CA ASP A 72 4.68 -2.85 -10.75
C ASP A 72 3.78 -3.75 -9.93
N GLY A 73 2.83 -3.13 -9.23
CA GLY A 73 1.90 -3.83 -8.36
C GLY A 73 2.31 -3.68 -6.89
N ILE A 74 3.55 -3.23 -6.66
CA ILE A 74 4.08 -3.08 -5.30
C ILE A 74 4.29 -1.63 -4.90
N HIS A 75 3.66 -1.24 -3.80
CA HIS A 75 3.78 0.11 -3.27
C HIS A 75 3.89 0.05 -1.75
N TYR A 76 5.11 0.27 -1.24
CA TYR A 76 5.34 0.24 0.21
C TYR A 76 5.03 1.61 0.81
N LEU A 77 4.15 1.60 1.79
CA LEU A 77 3.72 2.80 2.50
C LEU A 77 4.55 3.00 3.78
N ASP A 78 5.77 3.53 3.66
CA ASP A 78 6.61 3.76 4.85
C ASP A 78 6.91 5.25 5.05
N ILE A 79 6.26 5.84 6.06
CA ILE A 79 6.48 7.26 6.37
C ILE A 79 7.27 7.39 7.66
N VAL A 80 8.48 7.92 7.57
CA VAL A 80 9.32 8.08 8.75
C VAL A 80 8.94 9.36 9.47
N ASP A 81 9.90 9.99 10.13
CA ASP A 81 9.65 11.23 10.85
C ASP A 81 9.72 12.42 9.90
N CYS A 82 8.89 12.40 8.86
CA CYS A 82 8.87 13.50 7.88
C CYS A 82 7.63 14.34 8.13
N LYS A 83 6.52 13.88 7.56
CA LYS A 83 5.23 14.54 7.71
C LYS A 83 4.17 13.50 8.08
N SER A 84 3.51 13.70 9.21
CA SER A 84 2.50 12.75 9.66
C SER A 84 1.31 13.47 10.32
N TYR A 85 1.63 14.50 11.10
CA TYR A 85 0.62 15.26 11.85
C TYR A 85 -0.55 15.80 11.01
N ASP A 86 -1.29 14.91 10.37
CA ASP A 86 -2.43 15.33 9.55
C ASP A 86 -3.39 14.17 9.35
N THR A 87 -4.61 14.33 9.84
CA THR A 87 -5.61 13.28 9.71
C THR A 87 -6.25 13.31 8.32
N GLY A 88 -6.11 12.21 7.58
CA GLY A 88 -6.67 12.12 6.24
C GLY A 88 -7.27 10.74 6.01
N GLU A 89 -7.24 10.28 4.76
CA GLU A 89 -7.79 8.96 4.44
C GLU A 89 -7.00 8.29 3.33
N VAL A 90 -6.93 6.95 3.36
CA VAL A 90 -6.20 6.19 2.36
C VAL A 90 -7.16 5.30 1.57
N LYS A 91 -7.00 5.31 0.25
CA LYS A 91 -7.85 4.51 -0.63
C LYS A 91 -7.00 3.79 -1.68
N VAL A 92 -7.18 2.48 -1.82
CA VAL A 92 -6.40 1.70 -2.78
C VAL A 92 -7.32 1.05 -3.81
N THR A 93 -6.94 1.16 -5.08
CA THR A 93 -7.73 0.57 -6.17
C THR A 93 -6.82 0.03 -7.25
N ALA A 94 -7.29 -1.00 -7.96
CA ALA A 94 -6.50 -1.62 -9.02
C ALA A 94 -7.26 -1.61 -10.33
N GLU A 95 -6.53 -1.48 -11.44
CA GLU A 95 -7.16 -1.47 -12.75
C GLU A 95 -6.38 -2.34 -13.73
N ASN A 96 -6.77 -3.61 -13.80
CA ASN A 96 -6.12 -4.55 -14.71
C ASN A 96 -6.94 -4.57 -16.01
N PRO A 97 -6.50 -5.24 -17.02
CA PRO A 97 -7.24 -5.27 -18.31
C PRO A 97 -8.57 -6.04 -18.21
N GLU A 98 -8.71 -6.87 -17.17
CA GLU A 98 -9.93 -7.69 -17.01
C GLU A 98 -10.76 -7.35 -15.77
N GLY A 99 -10.38 -6.35 -14.97
CA GLY A 99 -11.17 -6.06 -13.79
C GLY A 99 -10.75 -4.76 -13.10
N VAL A 100 -11.55 -4.38 -12.11
CA VAL A 100 -11.31 -3.18 -11.32
C VAL A 100 -11.74 -3.42 -9.88
N ILE A 101 -11.05 -2.79 -8.93
CA ILE A 101 -11.38 -2.95 -7.51
C ILE A 101 -11.16 -1.62 -6.77
N GLU A 102 -11.88 -1.44 -5.67
CA GLU A 102 -11.75 -0.22 -4.86
C GLU A 102 -12.06 -0.53 -3.39
N HIS A 103 -11.24 0.01 -2.48
CA HIS A 103 -11.44 -0.21 -1.04
C HIS A 103 -11.25 1.10 -0.27
N LYS A 104 -12.19 1.40 0.62
CA LYS A 104 -12.11 2.61 1.43
C LYS A 104 -11.48 2.30 2.78
N VAL A 105 -10.54 3.16 3.19
CA VAL A 105 -9.83 3.00 4.46
C VAL A 105 -9.53 4.37 5.05
N LYS A 106 -9.59 4.49 6.38
CA LYS A 106 -9.34 5.78 7.04
C LYS A 106 -8.15 5.70 8.01
N LEU A 107 -7.22 6.64 7.83
CA LEU A 107 -6.04 6.74 8.70
C LEU A 107 -6.00 8.15 9.28
N GLU A 108 -6.04 8.25 10.61
CA GLU A 108 -6.02 9.56 11.26
C GLU A 108 -4.72 9.73 12.05
N ILE A 109 -3.92 10.73 11.67
CA ILE A 109 -2.65 10.96 12.38
C ILE A 109 -2.78 12.16 13.32
N GLN A 110 -2.71 11.87 14.62
CA GLN A 110 -2.83 12.91 15.65
C GLN A 110 -1.47 13.56 15.94
N GLN A 111 -1.11 13.66 17.22
CA GLN A 111 0.17 14.27 17.61
C GLN A 111 0.68 13.68 18.92
N LEU A 112 2.01 13.71 19.08
CA LEU A 112 2.65 13.20 20.30
C LEU A 112 3.04 14.34 21.22
N GLU A 113 3.15 15.55 20.65
CA GLU A 113 3.54 16.73 21.42
C GLU A 113 2.32 17.51 21.91
N HIS A 114 2.22 17.66 23.23
CA HIS A 114 1.10 18.39 23.86
C HIS A 114 1.66 19.40 24.86
N HIS A 115 2.97 19.62 24.81
CA HIS A 115 3.62 20.55 25.71
C HIS A 115 3.23 21.99 25.37
N HIS A 116 2.82 22.20 24.13
CA HIS A 116 2.42 23.53 23.67
C HIS A 116 0.93 23.76 23.94
N HIS A 117 0.64 24.44 25.05
CA HIS A 117 -0.74 24.74 25.42
C HIS A 117 -1.15 26.12 24.94
N HIS A 118 -0.44 27.14 25.42
CA HIS A 118 -0.75 28.51 25.03
C HIS A 118 -0.46 28.72 23.54
N HIS A 119 0.70 28.22 23.10
CA HIS A 119 1.08 28.36 21.70
C HIS A 119 2.21 27.38 21.37
N ARG A 1 -1.67 -36.79 -3.71
CA ARG A 1 -2.99 -36.45 -4.32
C ARG A 1 -4.03 -37.49 -3.90
N MET A 2 -3.76 -38.76 -4.20
CA MET A 2 -4.70 -39.82 -3.84
C MET A 2 -4.79 -39.89 -2.33
N ALA A 3 -3.65 -39.76 -1.67
CA ALA A 3 -3.61 -39.81 -0.21
C ALA A 3 -4.25 -38.58 0.42
N HIS A 4 -4.85 -38.78 1.60
CA HIS A 4 -5.51 -37.68 2.33
C HIS A 4 -4.63 -37.14 3.45
N GLU A 5 -3.41 -37.67 3.57
CA GLU A 5 -2.50 -37.22 4.63
C GLU A 5 -2.06 -35.78 4.41
N GLY A 6 -1.79 -35.43 3.16
CA GLY A 6 -1.33 -34.08 2.86
C GLY A 6 -2.43 -33.04 3.10
N ALA A 7 -2.09 -32.02 3.90
CA ALA A 7 -3.05 -30.96 4.20
C ALA A 7 -3.32 -30.12 2.96
N LEU A 8 -4.56 -29.64 2.83
CA LEU A 8 -4.93 -28.83 1.68
C LEU A 8 -4.53 -27.37 1.91
N THR A 9 -3.85 -26.77 0.93
CA THR A 9 -3.38 -25.38 1.05
C THR A 9 -4.48 -24.40 0.69
N GLY A 10 -4.31 -23.17 1.15
CA GLY A 10 -5.31 -22.14 0.89
C GLY A 10 -5.04 -21.45 -0.42
N VAL A 11 -6.09 -20.89 -1.03
CA VAL A 11 -5.97 -20.20 -2.33
C VAL A 11 -5.05 -20.98 -3.25
N THR A 12 -5.66 -21.88 -4.05
CA THR A 12 -4.93 -22.71 -5.00
C THR A 12 -3.62 -22.06 -5.43
N THR A 13 -3.73 -20.95 -6.15
CA THR A 13 -2.55 -20.22 -6.61
C THR A 13 -1.54 -21.16 -7.25
N ASP A 14 -1.84 -21.61 -8.45
CA ASP A 14 -0.95 -22.51 -9.18
C ASP A 14 0.50 -22.02 -9.05
N GLN A 15 0.89 -21.11 -9.95
CA GLN A 15 2.24 -20.55 -9.95
C GLN A 15 2.19 -19.08 -10.34
N LYS A 16 2.37 -18.81 -11.65
CA LYS A 16 2.34 -17.44 -12.18
C LYS A 16 1.28 -17.29 -13.27
N GLU A 17 0.41 -18.27 -13.36
CA GLU A 17 -0.64 -18.27 -14.35
C GLU A 17 -1.71 -17.23 -14.01
N LYS A 18 -2.61 -16.99 -14.97
CA LYS A 18 -3.68 -16.03 -14.73
C LYS A 18 -4.51 -16.51 -13.55
N GLN A 19 -4.80 -15.57 -12.64
CA GLN A 19 -5.56 -15.89 -11.43
C GLN A 19 -6.55 -14.76 -11.18
N LYS A 20 -7.40 -14.92 -10.18
CA LYS A 20 -8.40 -13.89 -9.90
C LYS A 20 -7.78 -12.76 -9.08
N PRO A 21 -8.20 -11.52 -9.28
CA PRO A 21 -7.65 -10.36 -8.53
C PRO A 21 -7.66 -10.59 -7.02
N ASP A 22 -6.55 -10.22 -6.39
CA ASP A 22 -6.39 -10.31 -4.95
C ASP A 22 -5.83 -8.97 -4.48
N ILE A 23 -6.45 -8.38 -3.46
CA ILE A 23 -6.01 -7.08 -2.95
C ILE A 23 -5.72 -7.16 -1.45
N VAL A 24 -4.47 -6.90 -1.06
CA VAL A 24 -4.09 -6.94 0.37
C VAL A 24 -3.75 -5.53 0.86
N LEU A 25 -4.42 -5.11 1.93
CA LEU A 25 -4.21 -3.78 2.52
C LEU A 25 -4.69 -3.79 3.97
N TYR A 26 -5.09 -2.64 4.48
CA TYR A 26 -5.58 -2.49 5.86
C TYR A 26 -7.07 -2.12 5.85
N PRO A 27 -7.98 -3.07 5.91
CA PRO A 27 -9.44 -2.78 5.92
C PRO A 27 -9.87 -2.04 7.21
N GLU A 28 -9.02 -2.12 8.23
CA GLU A 28 -9.30 -1.47 9.52
C GLU A 28 -8.62 -0.08 9.61
N PRO A 29 -9.29 0.95 10.04
CA PRO A 29 -8.66 2.30 10.14
C PRO A 29 -7.45 2.28 11.07
N VAL A 30 -6.42 3.09 10.74
CA VAL A 30 -5.20 3.18 11.57
C VAL A 30 -4.85 4.63 11.87
N ARG A 31 -4.56 4.91 13.12
CA ARG A 31 -4.21 6.25 13.56
C ARG A 31 -3.05 6.18 14.56
N VAL A 32 -2.11 7.11 14.47
CA VAL A 32 -0.93 7.10 15.37
C VAL A 32 -0.66 8.49 15.90
N LEU A 33 0.08 8.58 17.01
CA LEU A 33 0.40 9.87 17.62
C LEU A 33 1.79 10.34 17.17
N GLU A 34 1.87 11.59 16.73
CA GLU A 34 3.14 12.16 16.27
C GLU A 34 4.30 11.71 17.13
N GLY A 35 5.36 11.20 16.49
CA GLY A 35 6.55 10.73 17.23
C GLY A 35 6.65 9.21 17.12
N GLU A 36 5.77 8.61 16.31
CA GLU A 36 5.77 7.16 16.14
C GLU A 36 5.88 6.77 14.68
N THR A 37 6.64 5.74 14.41
CA THR A 37 6.83 5.27 13.04
C THR A 37 5.75 4.23 12.71
N ALA A 38 5.20 4.32 11.50
CA ALA A 38 4.13 3.40 11.05
C ALA A 38 4.54 2.62 9.81
N ARG A 39 3.81 1.56 9.53
CA ARG A 39 4.08 0.73 8.35
C ARG A 39 2.77 0.35 7.65
N PHE A 40 2.77 0.50 6.32
CA PHE A 40 1.61 0.14 5.49
C PHE A 40 2.08 -0.57 4.23
N ARG A 41 1.33 -1.56 3.76
CA ARG A 41 1.73 -2.30 2.57
C ARG A 41 0.53 -2.47 1.63
N CYS A 42 0.81 -2.46 0.33
CA CYS A 42 -0.26 -2.63 -0.65
C CYS A 42 0.22 -3.38 -1.88
N ARG A 43 -0.43 -4.50 -2.16
CA ARG A 43 -0.06 -5.32 -3.32
C ARG A 43 -1.33 -5.66 -4.09
N VAL A 44 -1.17 -6.27 -5.26
CA VAL A 44 -2.30 -6.66 -6.07
C VAL A 44 -1.84 -7.76 -7.02
N THR A 45 -2.14 -9.02 -6.71
CA THR A 45 -1.69 -10.14 -7.56
C THR A 45 -2.83 -10.99 -8.00
N GLY A 46 -2.91 -11.22 -9.30
CA GLY A 46 -3.98 -12.03 -9.87
C GLY A 46 -3.90 -12.03 -11.38
N TYR A 47 -3.33 -10.95 -11.94
CA TYR A 47 -3.17 -10.81 -13.39
C TYR A 47 -1.78 -10.25 -13.66
N PRO A 48 -1.07 -10.73 -14.67
CA PRO A 48 0.29 -10.20 -14.95
C PRO A 48 0.30 -8.68 -15.09
N GLN A 49 1.36 -8.06 -14.60
CA GLN A 49 1.52 -6.60 -14.69
C GLN A 49 0.20 -5.85 -14.51
N PRO A 50 -0.32 -5.81 -13.31
CA PRO A 50 -1.59 -5.09 -13.01
C PRO A 50 -1.40 -3.58 -12.97
N LYS A 51 -2.46 -2.82 -13.26
CA LYS A 51 -2.37 -1.36 -13.21
C LYS A 51 -2.94 -0.89 -11.88
N VAL A 52 -2.26 0.07 -11.22
CA VAL A 52 -2.74 0.60 -9.94
C VAL A 52 -2.40 2.07 -9.77
N ASN A 53 -3.02 2.68 -8.77
CA ASN A 53 -2.78 4.10 -8.44
C ASN A 53 -2.90 4.29 -6.94
N TRP A 54 -1.96 5.04 -6.32
CA TRP A 54 -2.05 5.29 -4.86
C TRP A 54 -2.48 6.72 -4.60
N TYR A 55 -3.38 6.85 -3.62
CA TYR A 55 -3.87 8.16 -3.20
C TYR A 55 -3.60 8.34 -1.72
N LEU A 56 -2.56 9.08 -1.40
CA LEU A 56 -2.19 9.29 0.01
C LEU A 56 -2.82 10.57 0.50
N ASN A 57 -3.37 10.55 1.73
CA ASN A 57 -4.02 11.74 2.26
C ASN A 57 -5.07 12.29 1.29
N GLY A 58 -5.33 11.54 0.23
CA GLY A 58 -6.29 11.96 -0.78
C GLY A 58 -5.58 12.61 -1.97
N GLN A 59 -4.30 12.31 -2.13
CA GLN A 59 -3.50 12.89 -3.22
C GLN A 59 -2.84 11.78 -4.03
N LEU A 60 -2.99 11.81 -5.35
CA LEU A 60 -2.43 10.81 -6.24
C LEU A 60 -0.92 11.01 -6.46
N ILE A 61 -0.22 9.90 -6.80
CA ILE A 61 1.21 9.92 -7.09
C ILE A 61 2.05 10.40 -5.91
N ARG A 62 2.83 9.47 -5.36
CA ARG A 62 3.74 9.75 -4.26
C ARG A 62 5.16 9.78 -4.83
N LYS A 63 5.97 10.72 -4.37
CA LYS A 63 7.31 10.87 -4.90
C LYS A 63 8.07 9.55 -4.92
N SER A 64 9.02 9.44 -5.84
CA SER A 64 9.81 8.22 -5.99
C SER A 64 10.80 8.03 -4.85
N LYS A 65 12.03 7.62 -5.22
CA LYS A 65 13.13 7.36 -4.30
C LYS A 65 12.91 7.89 -2.86
N ARG A 66 12.24 9.05 -2.71
CA ARG A 66 11.98 9.58 -1.38
C ARG A 66 11.11 8.61 -0.60
N PHE A 67 10.17 7.98 -1.31
CA PHE A 67 9.26 6.98 -0.74
C PHE A 67 9.41 5.68 -1.49
N ARG A 68 9.19 4.55 -0.81
CA ARG A 68 9.34 3.24 -1.44
C ARG A 68 8.15 2.93 -2.35
N VAL A 69 8.41 2.92 -3.67
CA VAL A 69 7.36 2.62 -4.66
C VAL A 69 7.91 1.90 -5.88
N ARG A 70 7.21 0.89 -6.32
CA ARG A 70 7.58 0.12 -7.49
C ARG A 70 6.34 -0.07 -8.36
N TYR A 71 6.25 0.69 -9.46
CA TYR A 71 5.07 0.56 -10.32
C TYR A 71 5.12 -0.78 -11.10
N ASP A 72 4.62 -1.84 -10.46
CA ASP A 72 4.59 -3.16 -11.06
C ASP A 72 3.72 -4.08 -10.19
N GLY A 73 2.76 -3.48 -9.48
CA GLY A 73 1.86 -4.19 -8.60
C GLY A 73 2.32 -4.04 -7.14
N ILE A 74 3.60 -3.64 -6.96
CA ILE A 74 4.21 -3.49 -5.63
C ILE A 74 4.29 -2.02 -5.21
N HIS A 75 3.58 -1.69 -4.15
CA HIS A 75 3.53 -0.32 -3.63
C HIS A 75 3.52 -0.29 -2.09
N TYR A 76 4.67 0.05 -1.50
CA TYR A 76 4.81 0.11 -0.04
C TYR A 76 4.84 1.56 0.46
N LEU A 77 3.96 1.89 1.42
CA LEU A 77 3.93 3.24 2.01
C LEU A 77 4.43 3.21 3.45
N ASP A 78 5.67 3.70 3.66
CA ASP A 78 6.28 3.71 4.98
C ASP A 78 6.56 5.15 5.48
N ILE A 79 6.36 5.35 6.78
CA ILE A 79 6.60 6.66 7.41
C ILE A 79 7.51 6.46 8.61
N VAL A 80 8.09 7.55 9.10
CA VAL A 80 8.98 7.49 10.24
C VAL A 80 8.70 8.63 11.18
N ASP A 81 9.62 8.83 12.14
CA ASP A 81 9.47 9.91 13.11
C ASP A 81 9.95 11.24 12.52
N CYS A 82 9.41 11.59 11.36
CA CYS A 82 9.77 12.84 10.69
C CYS A 82 8.58 13.80 10.76
N LYS A 83 7.57 13.50 9.96
CA LYS A 83 6.34 14.29 9.93
C LYS A 83 5.15 13.31 9.94
N SER A 84 4.20 13.53 10.85
CA SER A 84 3.07 12.64 10.96
C SER A 84 1.80 13.39 11.41
N TYR A 85 1.95 14.37 12.30
CA TYR A 85 0.82 15.15 12.83
C TYR A 85 -0.06 15.77 11.73
N ASP A 86 -0.69 14.92 10.92
CA ASP A 86 -1.54 15.42 9.84
C ASP A 86 -2.58 14.37 9.46
N THR A 87 -3.85 14.65 9.71
CA THR A 87 -4.89 13.67 9.44
C THR A 87 -5.34 13.75 7.97
N GLY A 88 -5.40 12.59 7.28
CA GLY A 88 -5.81 12.56 5.86
C GLY A 88 -6.59 11.27 5.53
N GLU A 89 -6.60 10.93 4.23
CA GLU A 89 -7.32 9.73 3.77
C GLU A 89 -6.53 8.99 2.73
N VAL A 90 -6.49 7.67 2.86
CA VAL A 90 -5.75 6.82 1.94
C VAL A 90 -6.73 5.94 1.18
N LYS A 91 -6.56 5.85 -0.14
CA LYS A 91 -7.43 5.04 -0.98
C LYS A 91 -6.61 4.47 -2.13
N VAL A 92 -6.88 3.23 -2.52
CA VAL A 92 -6.13 2.59 -3.63
C VAL A 92 -7.11 2.09 -4.68
N THR A 93 -6.76 2.34 -5.95
CA THR A 93 -7.58 1.90 -7.08
C THR A 93 -6.73 1.02 -7.99
N ALA A 94 -7.11 -0.25 -8.09
CA ALA A 94 -6.39 -1.20 -8.94
C ALA A 94 -7.38 -1.89 -9.86
N GLU A 95 -6.92 -2.30 -11.02
CA GLU A 95 -7.80 -2.95 -11.95
C GLU A 95 -7.04 -3.68 -13.07
N ASN A 96 -7.50 -4.88 -13.36
CA ASN A 96 -6.91 -5.71 -14.41
C ASN A 96 -7.87 -5.73 -15.60
N PRO A 97 -7.51 -6.32 -16.70
CA PRO A 97 -8.39 -6.34 -17.90
C PRO A 97 -9.63 -7.23 -17.73
N GLU A 98 -9.63 -8.09 -16.73
CA GLU A 98 -10.76 -9.01 -16.50
C GLU A 98 -11.63 -8.58 -15.32
N GLY A 99 -11.19 -7.60 -14.53
CA GLY A 99 -11.99 -7.15 -13.41
C GLY A 99 -11.46 -5.86 -12.80
N VAL A 100 -12.15 -5.37 -11.76
CA VAL A 100 -11.74 -4.14 -11.07
C VAL A 100 -11.97 -4.28 -9.56
N ILE A 101 -10.97 -3.86 -8.77
CA ILE A 101 -11.06 -3.90 -7.30
C ILE A 101 -10.38 -2.68 -6.68
N GLU A 102 -10.88 -2.29 -5.52
CA GLU A 102 -10.37 -1.13 -4.78
C GLU A 102 -10.91 -1.13 -3.35
N HIS A 103 -10.29 -0.37 -2.45
CA HIS A 103 -10.74 -0.29 -1.06
C HIS A 103 -10.48 1.10 -0.48
N LYS A 104 -11.45 1.60 0.26
CA LYS A 104 -11.33 2.93 0.88
C LYS A 104 -11.02 2.77 2.36
N VAL A 105 -10.06 3.55 2.85
CA VAL A 105 -9.71 3.50 4.27
C VAL A 105 -9.51 4.91 4.82
N LYS A 106 -9.60 5.04 6.15
CA LYS A 106 -9.42 6.34 6.81
C LYS A 106 -8.26 6.28 7.79
N LEU A 107 -7.24 7.11 7.53
CA LEU A 107 -6.05 7.16 8.37
C LEU A 107 -5.89 8.59 8.91
N GLU A 108 -5.86 8.74 10.23
CA GLU A 108 -5.72 10.05 10.88
C GLU A 108 -4.59 10.02 11.89
N ILE A 109 -3.68 10.99 11.78
CA ILE A 109 -2.54 11.07 12.69
C ILE A 109 -2.68 12.25 13.63
N GLN A 110 -2.78 11.94 14.93
CA GLN A 110 -2.91 12.98 15.94
C GLN A 110 -1.55 13.50 16.41
N GLN A 111 -1.31 13.46 17.71
CA GLN A 111 -0.04 13.96 18.25
C GLN A 111 0.24 13.40 19.65
N LEU A 112 1.47 13.49 20.07
CA LEU A 112 1.85 13.02 21.38
C LEU A 112 1.21 13.88 22.47
N GLU A 113 0.59 13.21 23.44
CA GLU A 113 -0.09 13.90 24.55
C GLU A 113 0.66 13.67 25.89
N HIS A 114 -0.04 13.07 26.87
CA HIS A 114 0.56 12.80 28.17
C HIS A 114 0.64 11.30 28.41
N HIS A 115 1.82 10.84 28.75
CA HIS A 115 2.03 9.42 28.98
C HIS A 115 1.27 8.99 30.22
N HIS A 116 0.39 8.00 30.04
CA HIS A 116 -0.42 7.47 31.13
C HIS A 116 0.43 6.55 32.01
N HIS A 117 1.73 6.42 31.69
CA HIS A 117 2.61 5.55 32.47
C HIS A 117 2.96 6.21 33.79
N HIS A 118 2.58 5.55 34.89
CA HIS A 118 2.87 6.08 36.22
C HIS A 118 4.31 5.78 36.64
N HIS A 119 4.87 4.69 36.11
CA HIS A 119 6.24 4.27 36.47
C HIS A 119 7.23 5.40 36.21
N ARG A 1 21.15 -24.03 -32.95
CA ARG A 1 21.50 -22.68 -33.46
C ARG A 1 20.37 -21.69 -33.16
N MET A 2 19.13 -22.16 -33.21
CA MET A 2 17.98 -21.31 -32.95
C MET A 2 17.97 -20.82 -31.51
N ALA A 3 18.31 -21.71 -30.59
CA ALA A 3 18.35 -21.36 -29.17
C ALA A 3 19.53 -22.03 -28.48
N HIS A 4 20.62 -21.30 -28.35
CA HIS A 4 21.82 -21.81 -27.71
C HIS A 4 21.74 -21.62 -26.19
N GLU A 5 20.64 -21.04 -25.73
CA GLU A 5 20.42 -20.81 -24.30
C GLU A 5 19.13 -21.49 -23.87
N GLY A 6 19.11 -21.98 -22.63
CA GLY A 6 17.92 -22.67 -22.11
C GLY A 6 16.76 -21.70 -21.91
N ALA A 7 15.69 -22.18 -21.28
CA ALA A 7 14.51 -21.35 -21.06
C ALA A 7 14.86 -20.08 -20.30
N LEU A 8 14.25 -18.98 -20.69
CA LEU A 8 14.48 -17.70 -20.04
C LEU A 8 13.64 -17.61 -18.77
N THR A 9 14.28 -17.25 -17.66
CA THR A 9 13.57 -17.14 -16.40
C THR A 9 12.65 -15.93 -16.41
N GLY A 10 11.43 -16.11 -15.91
CA GLY A 10 10.47 -15.02 -15.86
C GLY A 10 9.05 -15.55 -15.78
N VAL A 11 8.49 -15.87 -16.93
CA VAL A 11 7.12 -16.38 -17.01
C VAL A 11 7.16 -17.90 -17.08
N THR A 12 8.27 -18.43 -17.61
CA THR A 12 8.45 -19.87 -17.74
C THR A 12 8.38 -20.61 -16.40
N THR A 13 7.96 -19.91 -15.35
CA THR A 13 7.87 -20.55 -14.03
C THR A 13 6.65 -21.47 -13.97
N ASP A 14 6.62 -22.35 -12.96
CA ASP A 14 5.50 -23.28 -12.80
C ASP A 14 4.22 -22.51 -12.47
N GLN A 15 4.37 -21.48 -11.64
CA GLN A 15 3.23 -20.64 -11.23
C GLN A 15 3.03 -19.50 -12.22
N LYS A 16 2.40 -19.81 -13.35
CA LYS A 16 2.16 -18.80 -14.38
C LYS A 16 0.68 -18.73 -14.74
N GLU A 17 -0.15 -19.48 -14.01
CA GLU A 17 -1.59 -19.50 -14.27
C GLU A 17 -2.21 -18.13 -14.05
N LYS A 18 -3.17 -17.78 -14.90
CA LYS A 18 -3.83 -16.49 -14.76
C LYS A 18 -4.80 -16.52 -13.60
N GLN A 19 -4.53 -15.71 -12.57
CA GLN A 19 -5.37 -15.69 -11.37
C GLN A 19 -6.38 -14.55 -11.45
N LYS A 20 -7.34 -14.55 -10.52
CA LYS A 20 -8.38 -13.53 -10.50
C LYS A 20 -7.88 -12.27 -9.78
N PRO A 21 -8.18 -11.08 -10.28
CA PRO A 21 -7.73 -9.82 -9.60
C PRO A 21 -8.26 -9.72 -8.17
N ASP A 22 -7.48 -9.08 -7.30
CA ASP A 22 -7.87 -8.85 -5.91
C ASP A 22 -6.71 -8.23 -5.13
N ILE A 23 -6.87 -6.95 -4.79
CA ILE A 23 -5.84 -6.22 -4.06
C ILE A 23 -5.91 -6.47 -2.57
N VAL A 24 -4.76 -6.33 -1.92
CA VAL A 24 -4.64 -6.48 -0.49
C VAL A 24 -4.22 -5.15 0.13
N LEU A 25 -4.88 -4.75 1.22
CA LEU A 25 -4.57 -3.51 1.90
C LEU A 25 -4.90 -3.63 3.39
N TYR A 26 -5.15 -2.50 4.07
CA TYR A 26 -5.50 -2.49 5.50
C TYR A 26 -6.99 -2.19 5.71
N PRO A 27 -7.85 -3.19 5.87
CA PRO A 27 -9.30 -2.94 6.10
C PRO A 27 -9.54 -2.29 7.46
N GLU A 28 -8.57 -2.46 8.36
CA GLU A 28 -8.67 -1.89 9.70
C GLU A 28 -8.08 -0.48 9.73
N PRO A 29 -8.84 0.55 10.13
CA PRO A 29 -8.28 1.93 10.19
C PRO A 29 -7.08 2.01 11.12
N VAL A 30 -6.10 2.87 10.81
CA VAL A 30 -4.91 3.01 11.67
C VAL A 30 -4.62 4.47 12.01
N ARG A 31 -4.34 4.72 13.29
CA ARG A 31 -4.03 6.08 13.76
C ARG A 31 -2.74 6.06 14.58
N VAL A 32 -1.86 7.05 14.36
CA VAL A 32 -0.58 7.10 15.07
C VAL A 32 -0.35 8.51 15.63
N LEU A 33 0.51 8.61 16.63
CA LEU A 33 0.81 9.90 17.24
C LEU A 33 2.06 10.50 16.57
N GLU A 34 1.96 11.75 16.13
CA GLU A 34 3.09 12.39 15.44
C GLU A 34 4.40 12.15 16.17
N GLY A 35 5.45 11.93 15.39
CA GLY A 35 6.77 11.66 15.97
C GLY A 35 6.97 10.16 16.14
N GLU A 36 5.99 9.39 15.68
CA GLU A 36 6.01 7.93 15.76
C GLU A 36 6.10 7.33 14.35
N THR A 37 7.07 6.43 14.15
CA THR A 37 7.23 5.80 12.84
C THR A 37 6.18 4.73 12.65
N ALA A 38 5.64 4.65 11.43
CA ALA A 38 4.59 3.66 11.13
C ALA A 38 5.00 2.81 9.93
N ARG A 39 4.28 1.69 9.72
CA ARG A 39 4.61 0.79 8.61
C ARG A 39 3.34 0.31 7.92
N PHE A 40 3.27 0.54 6.61
CA PHE A 40 2.12 0.12 5.80
C PHE A 40 2.64 -0.60 4.56
N ARG A 41 1.93 -1.65 4.14
CA ARG A 41 2.32 -2.42 2.96
C ARG A 41 1.09 -2.67 2.11
N CYS A 42 1.27 -2.80 0.80
CA CYS A 42 0.14 -3.07 -0.06
C CYS A 42 0.62 -3.65 -1.39
N ARG A 43 -0.07 -4.71 -1.83
CA ARG A 43 0.26 -5.41 -3.08
C ARG A 43 -1.01 -5.65 -3.89
N VAL A 44 -0.87 -6.26 -5.07
CA VAL A 44 -2.03 -6.58 -5.91
C VAL A 44 -1.89 -8.04 -6.32
N THR A 45 -2.89 -8.62 -6.99
CA THR A 45 -2.74 -10.00 -7.44
C THR A 45 -3.60 -10.22 -8.69
N GLY A 46 -3.43 -11.38 -9.36
CA GLY A 46 -4.20 -11.67 -10.58
C GLY A 46 -3.29 -12.10 -11.73
N TYR A 47 -3.01 -11.15 -12.64
CA TYR A 47 -2.16 -11.40 -13.82
C TYR A 47 -1.01 -10.40 -13.88
N PRO A 48 -0.09 -10.52 -14.83
CA PRO A 48 1.08 -9.60 -14.94
C PRO A 48 0.72 -8.19 -15.47
N GLN A 49 1.70 -7.28 -15.33
CA GLN A 49 1.60 -5.88 -15.77
C GLN A 49 0.19 -5.29 -15.62
N PRO A 50 -0.27 -5.07 -14.41
CA PRO A 50 -1.60 -4.44 -14.13
C PRO A 50 -1.47 -2.91 -14.11
N LYS A 51 -2.59 -2.20 -14.26
CA LYS A 51 -2.52 -0.74 -14.15
C LYS A 51 -2.56 -0.43 -12.66
N VAL A 52 -1.59 0.34 -12.17
CA VAL A 52 -1.53 0.64 -10.74
C VAL A 52 -1.38 2.13 -10.43
N ASN A 53 -2.20 2.58 -9.48
CA ASN A 53 -2.21 3.96 -9.00
C ASN A 53 -2.80 3.98 -7.59
N TRP A 54 -2.18 4.70 -6.65
CA TRP A 54 -2.70 4.74 -5.27
C TRP A 54 -3.01 6.17 -4.84
N TYR A 55 -3.88 6.30 -3.84
CA TYR A 55 -4.29 7.62 -3.31
C TYR A 55 -4.02 7.73 -1.81
N LEU A 56 -2.95 8.42 -1.43
CA LEU A 56 -2.62 8.59 -0.01
C LEU A 56 -3.27 9.88 0.52
N ASN A 57 -3.84 9.82 1.73
CA ASN A 57 -4.46 10.99 2.31
C ASN A 57 -5.43 11.66 1.34
N GLY A 58 -5.67 11.01 0.19
CA GLY A 58 -6.55 11.56 -0.83
C GLY A 58 -5.74 12.22 -1.94
N GLN A 59 -4.47 11.81 -2.06
CA GLN A 59 -3.55 12.34 -3.08
C GLN A 59 -2.97 11.19 -3.91
N LEU A 60 -3.07 11.32 -5.24
CA LEU A 60 -2.58 10.29 -6.15
C LEU A 60 -1.05 10.34 -6.31
N ILE A 61 -0.43 9.16 -6.54
CA ILE A 61 1.02 9.09 -6.77
C ILE A 61 1.84 9.12 -5.48
N ARG A 62 2.47 7.99 -5.20
CA ARG A 62 3.34 7.88 -4.05
C ARG A 62 4.72 8.39 -4.45
N LYS A 63 5.39 9.08 -3.52
CA LYS A 63 6.71 9.61 -3.82
C LYS A 63 7.69 8.49 -4.16
N SER A 64 8.47 8.69 -5.23
CA SER A 64 9.40 7.67 -5.68
C SER A 64 10.64 7.56 -4.78
N LYS A 65 11.80 7.36 -5.42
CA LYS A 65 13.09 7.19 -4.73
C LYS A 65 13.13 7.72 -3.29
N ARG A 66 12.42 8.82 -3.00
CA ARG A 66 12.45 9.33 -1.63
C ARG A 66 11.85 8.28 -0.69
N PHE A 67 10.78 7.64 -1.16
CA PHE A 67 10.09 6.59 -0.42
C PHE A 67 10.13 5.29 -1.24
N ARG A 68 10.15 4.15 -0.56
CA ARG A 68 10.23 2.87 -1.25
C ARG A 68 8.92 2.56 -1.97
N VAL A 69 8.99 2.47 -3.31
CA VAL A 69 7.83 2.15 -4.12
C VAL A 69 8.26 1.52 -5.44
N ARG A 70 7.53 0.51 -5.89
CA ARG A 70 7.85 -0.17 -7.15
C ARG A 70 6.59 -0.26 -7.99
N TYR A 71 6.46 0.63 -8.96
CA TYR A 71 5.28 0.63 -9.79
C TYR A 71 5.30 -0.54 -10.75
N ASP A 72 4.60 -1.59 -10.37
CA ASP A 72 4.53 -2.80 -11.18
C ASP A 72 3.57 -3.80 -10.53
N GLY A 73 3.44 -3.69 -9.21
CA GLY A 73 2.57 -4.57 -8.43
C GLY A 73 2.79 -4.38 -6.94
N ILE A 74 3.99 -3.92 -6.60
CA ILE A 74 4.38 -3.70 -5.20
C ILE A 74 4.52 -2.22 -4.87
N HIS A 75 3.80 -1.76 -3.85
CA HIS A 75 3.90 -0.36 -3.41
C HIS A 75 4.01 -0.29 -1.90
N TYR A 76 5.18 0.09 -1.41
CA TYR A 76 5.43 0.20 0.03
C TYR A 76 5.26 1.65 0.47
N LEU A 77 4.23 1.90 1.28
CA LEU A 77 3.97 3.22 1.82
C LEU A 77 4.58 3.30 3.22
N ASP A 78 5.80 3.82 3.33
CA ASP A 78 6.49 3.87 4.62
C ASP A 78 6.63 5.29 5.17
N ILE A 79 6.49 5.42 6.51
CA ILE A 79 6.65 6.72 7.18
C ILE A 79 7.69 6.56 8.30
N VAL A 80 8.23 7.68 8.77
CA VAL A 80 9.22 7.66 9.85
C VAL A 80 8.91 8.78 10.84
N ASP A 81 9.70 9.85 10.78
CA ASP A 81 9.50 11.00 11.65
C ASP A 81 9.64 12.28 10.83
N CYS A 82 8.83 12.41 9.78
CA CYS A 82 8.88 13.60 8.92
C CYS A 82 7.68 14.48 9.21
N LYS A 83 6.58 14.19 8.53
CA LYS A 83 5.33 14.92 8.70
C LYS A 83 4.22 13.89 8.91
N SER A 84 3.48 14.01 10.01
CA SER A 84 2.43 13.04 10.33
C SER A 84 1.18 13.69 10.93
N TYR A 85 1.37 14.69 11.79
CA TYR A 85 0.27 15.38 12.48
C TYR A 85 -0.81 15.92 11.52
N ASP A 86 -1.48 15.04 10.81
CA ASP A 86 -2.52 15.46 9.89
C ASP A 86 -3.45 14.29 9.57
N THR A 87 -4.72 14.44 9.94
CA THR A 87 -5.68 13.38 9.70
C THR A 87 -6.14 13.39 8.25
N GLY A 88 -5.81 12.34 7.50
CA GLY A 88 -6.18 12.24 6.09
C GLY A 88 -6.95 10.94 5.84
N GLU A 89 -7.03 10.54 4.57
CA GLU A 89 -7.72 9.30 4.21
C GLU A 89 -6.94 8.53 3.17
N VAL A 90 -6.82 7.21 3.36
CA VAL A 90 -6.09 6.37 2.40
C VAL A 90 -7.08 5.53 1.62
N LYS A 91 -6.85 5.47 0.33
CA LYS A 91 -7.68 4.71 -0.57
C LYS A 91 -6.77 4.16 -1.62
N VAL A 92 -6.89 2.88 -1.90
CA VAL A 92 -6.04 2.25 -2.89
C VAL A 92 -6.87 1.82 -4.09
N THR A 93 -6.32 2.00 -5.30
CA THR A 93 -7.07 1.63 -6.50
C THR A 93 -6.21 0.94 -7.55
N ALA A 94 -6.72 -0.20 -8.04
CA ALA A 94 -6.07 -0.99 -9.08
C ALA A 94 -7.07 -1.15 -10.22
N GLU A 95 -6.60 -1.48 -11.43
CA GLU A 95 -7.51 -1.64 -12.55
C GLU A 95 -6.96 -2.59 -13.60
N ASN A 96 -7.37 -3.85 -13.55
CA ASN A 96 -6.91 -4.82 -14.53
C ASN A 96 -7.77 -4.67 -15.81
N PRO A 97 -7.44 -5.32 -16.90
CA PRO A 97 -8.23 -5.19 -18.16
C PRO A 97 -9.60 -5.90 -18.07
N GLU A 98 -9.72 -6.84 -17.13
CA GLU A 98 -10.98 -7.59 -16.98
C GLU A 98 -11.78 -7.15 -15.74
N GLY A 99 -11.27 -6.20 -14.97
CA GLY A 99 -11.99 -5.75 -13.80
C GLY A 99 -11.38 -4.50 -13.20
N VAL A 100 -12.06 -3.98 -12.18
CA VAL A 100 -11.62 -2.78 -11.46
C VAL A 100 -11.92 -2.93 -9.97
N ILE A 101 -10.98 -2.49 -9.13
CA ILE A 101 -11.16 -2.61 -7.67
C ILE A 101 -10.74 -1.33 -6.95
N GLU A 102 -11.38 -1.11 -5.80
CA GLU A 102 -11.07 0.03 -4.96
C GLU A 102 -11.45 -0.31 -3.52
N HIS A 103 -10.62 0.11 -2.56
CA HIS A 103 -10.88 -0.16 -1.14
C HIS A 103 -10.71 1.14 -0.34
N LYS A 104 -11.68 1.41 0.53
CA LYS A 104 -11.66 2.65 1.34
C LYS A 104 -11.37 2.36 2.81
N VAL A 105 -10.31 3.00 3.31
CA VAL A 105 -9.89 2.87 4.71
C VAL A 105 -9.39 4.24 5.17
N LYS A 106 -9.76 4.63 6.38
CA LYS A 106 -9.37 5.94 6.90
C LYS A 106 -8.24 5.88 7.92
N LEU A 107 -7.27 6.79 7.76
CA LEU A 107 -6.13 6.88 8.67
C LEU A 107 -6.10 8.28 9.26
N GLU A 108 -6.08 8.38 10.59
CA GLU A 108 -6.08 9.67 11.27
C GLU A 108 -4.83 9.81 12.12
N ILE A 109 -4.00 10.81 11.82
CA ILE A 109 -2.77 11.01 12.58
C ILE A 109 -2.91 12.17 13.56
N GLN A 110 -2.77 11.87 14.84
CA GLN A 110 -2.87 12.87 15.90
C GLN A 110 -1.49 13.44 16.25
N GLN A 111 -1.19 13.53 17.54
CA GLN A 111 0.10 14.05 18.00
C GLN A 111 0.47 13.48 19.37
N LEU A 112 1.76 13.50 19.70
CA LEU A 112 2.20 12.98 20.99
C LEU A 112 1.29 13.50 22.11
N GLU A 113 1.12 12.69 23.15
CA GLU A 113 0.26 13.08 24.27
C GLU A 113 0.95 14.12 25.15
N HIS A 114 0.48 15.35 25.08
CA HIS A 114 1.05 16.43 25.88
C HIS A 114 0.41 16.46 27.25
N HIS A 115 1.25 16.45 28.29
CA HIS A 115 0.76 16.46 29.65
C HIS A 115 0.03 17.76 29.95
N HIS A 116 -0.23 18.02 31.22
CA HIS A 116 -0.92 19.23 31.63
C HIS A 116 0.01 20.43 31.49
N HIS A 117 -0.53 21.53 30.99
CA HIS A 117 0.23 22.75 30.81
C HIS A 117 0.46 23.43 32.15
N HIS A 118 -0.12 22.83 33.19
CA HIS A 118 0.00 23.36 34.54
C HIS A 118 1.44 23.27 35.02
N HIS A 119 2.09 22.14 34.76
CA HIS A 119 3.47 21.93 35.19
C HIS A 119 3.57 22.04 36.70
N ARG A 1 20.83 -0.37 -23.67
CA ARG A 1 21.13 -0.09 -22.23
C ARG A 1 19.87 -0.34 -21.42
N MET A 2 18.73 -0.31 -22.09
CA MET A 2 17.45 -0.52 -21.43
C MET A 2 17.39 -1.92 -20.82
N ALA A 3 17.86 -2.91 -21.57
CA ALA A 3 17.86 -4.30 -21.08
C ALA A 3 19.07 -4.56 -20.20
N HIS A 4 18.91 -5.39 -19.17
CA HIS A 4 20.01 -5.73 -18.27
C HIS A 4 20.56 -7.14 -18.54
N GLU A 5 21.86 -7.22 -18.87
CA GLU A 5 22.50 -8.52 -19.14
C GLU A 5 23.10 -9.11 -17.88
N GLY A 6 23.21 -8.30 -16.83
CA GLY A 6 23.79 -8.77 -15.57
C GLY A 6 22.83 -9.72 -14.85
N ALA A 7 23.35 -10.43 -13.84
CA ALA A 7 22.54 -11.37 -13.08
C ALA A 7 21.35 -10.66 -12.44
N LEU A 8 20.24 -11.36 -12.31
CA LEU A 8 19.04 -10.80 -11.72
C LEU A 8 19.21 -10.66 -10.21
N THR A 9 18.83 -9.49 -9.68
CA THR A 9 18.97 -9.22 -8.26
C THR A 9 18.10 -10.17 -7.44
N GLY A 10 18.67 -10.68 -6.36
CA GLY A 10 17.94 -11.59 -5.49
C GLY A 10 17.55 -12.86 -6.23
N VAL A 11 16.32 -13.32 -6.00
CA VAL A 11 15.84 -14.54 -6.65
C VAL A 11 15.73 -14.36 -8.16
N THR A 12 16.31 -15.28 -8.90
CA THR A 12 16.29 -15.22 -10.36
C THR A 12 14.86 -15.02 -10.86
N THR A 13 14.13 -16.12 -11.02
CA THR A 13 12.75 -16.08 -11.50
C THR A 13 11.90 -17.13 -10.80
N ASP A 14 10.61 -16.85 -10.66
CA ASP A 14 9.72 -17.80 -10.00
C ASP A 14 8.25 -17.42 -10.23
N GLN A 15 8.01 -16.50 -11.16
CA GLN A 15 6.65 -16.06 -11.47
C GLN A 15 6.58 -15.55 -12.91
N LYS A 16 6.14 -16.42 -13.81
CA LYS A 16 6.02 -16.08 -15.24
C LYS A 16 4.60 -16.31 -15.73
N GLU A 17 3.92 -17.29 -15.16
CA GLU A 17 2.56 -17.61 -15.57
C GLU A 17 1.56 -16.62 -14.97
N LYS A 18 0.38 -16.56 -15.58
CA LYS A 18 -0.68 -15.67 -15.12
C LYS A 18 -1.28 -16.18 -13.82
N GLN A 19 -1.56 -15.26 -12.90
CA GLN A 19 -2.14 -15.63 -11.59
C GLN A 19 -3.54 -15.04 -11.46
N LYS A 20 -4.13 -15.18 -10.29
CA LYS A 20 -5.46 -14.65 -10.02
C LYS A 20 -5.35 -13.16 -9.62
N PRO A 21 -5.93 -12.24 -10.36
CA PRO A 21 -5.85 -10.80 -9.99
C PRO A 21 -6.46 -10.54 -8.61
N ASP A 22 -5.83 -9.66 -7.83
CA ASP A 22 -6.32 -9.34 -6.50
C ASP A 22 -5.58 -8.15 -5.93
N ILE A 23 -6.06 -7.63 -4.79
CA ILE A 23 -5.41 -6.48 -4.14
C ILE A 23 -5.38 -6.66 -2.62
N VAL A 24 -4.21 -6.44 -2.03
CA VAL A 24 -4.05 -6.53 -0.58
C VAL A 24 -3.96 -5.11 -0.01
N LEU A 25 -4.74 -4.85 1.05
CA LEU A 25 -4.77 -3.54 1.69
C LEU A 25 -5.00 -3.64 3.20
N TYR A 26 -5.31 -2.48 3.82
CA TYR A 26 -5.57 -2.39 5.26
C TYR A 26 -7.07 -2.10 5.48
N PRO A 27 -7.91 -3.08 5.69
CA PRO A 27 -9.36 -2.84 5.91
C PRO A 27 -9.60 -2.19 7.27
N GLU A 28 -8.64 -2.40 8.18
CA GLU A 28 -8.73 -1.83 9.52
C GLU A 28 -8.17 -0.41 9.54
N PRO A 29 -8.93 0.60 9.92
CA PRO A 29 -8.39 1.98 9.98
C PRO A 29 -7.19 2.03 10.94
N VAL A 30 -6.19 2.87 10.64
CA VAL A 30 -4.99 2.96 11.51
C VAL A 30 -4.71 4.41 11.92
N ARG A 31 -4.46 4.62 13.22
CA ARG A 31 -4.16 5.96 13.76
C ARG A 31 -2.73 6.00 14.31
N VAL A 32 -1.92 6.91 13.79
CA VAL A 32 -0.54 7.06 14.21
C VAL A 32 -0.36 8.37 14.97
N LEU A 33 0.49 8.33 15.99
CA LEU A 33 0.77 9.50 16.81
C LEU A 33 2.06 10.14 16.33
N GLU A 34 2.00 11.42 15.98
CA GLU A 34 3.16 12.15 15.47
C GLU A 34 4.46 11.70 16.13
N GLY A 35 5.36 11.12 15.33
CA GLY A 35 6.66 10.68 15.85
C GLY A 35 6.80 9.17 15.83
N GLU A 36 5.87 8.50 15.17
CA GLU A 36 5.91 7.03 15.07
C GLU A 36 6.00 6.60 13.62
N THR A 37 6.93 5.69 13.35
CA THR A 37 7.12 5.17 12.00
C THR A 37 6.00 4.21 11.69
N ALA A 38 5.51 4.27 10.46
CA ALA A 38 4.40 3.41 10.04
C ALA A 38 4.81 2.55 8.86
N ARG A 39 4.10 1.44 8.69
CA ARG A 39 4.39 0.50 7.61
C ARG A 39 3.08 -0.03 7.01
N PHE A 40 2.89 0.18 5.71
CA PHE A 40 1.69 -0.30 5.02
C PHE A 40 2.08 -1.01 3.72
N ARG A 41 1.30 -2.03 3.34
CA ARG A 41 1.58 -2.79 2.12
C ARG A 41 0.43 -2.68 1.12
N CYS A 42 0.77 -2.51 -0.16
CA CYS A 42 -0.23 -2.40 -1.22
C CYS A 42 0.27 -3.11 -2.46
N ARG A 43 -0.37 -4.23 -2.80
CA ARG A 43 0.05 -5.01 -3.98
C ARG A 43 -1.14 -5.18 -4.92
N VAL A 44 -0.91 -5.66 -6.14
CA VAL A 44 -1.96 -5.91 -7.11
C VAL A 44 -1.47 -7.02 -8.03
N THR A 45 -1.84 -8.27 -7.75
CA THR A 45 -1.34 -9.40 -8.54
C THR A 45 -2.16 -9.65 -9.80
N GLY A 46 -1.84 -10.78 -10.44
CA GLY A 46 -2.51 -11.22 -11.66
C GLY A 46 -1.48 -11.50 -12.76
N TYR A 47 -1.17 -10.46 -13.53
CA TYR A 47 -0.21 -10.56 -14.65
C TYR A 47 0.72 -9.34 -14.65
N PRO A 48 1.84 -9.44 -15.34
CA PRO A 48 2.84 -8.34 -15.44
C PRO A 48 2.18 -6.99 -15.82
N GLN A 49 2.89 -5.93 -15.46
CA GLN A 49 2.50 -4.55 -15.75
C GLN A 49 1.00 -4.28 -15.72
N PRO A 50 0.38 -4.29 -14.56
CA PRO A 50 -1.06 -3.95 -14.39
C PRO A 50 -1.24 -2.43 -14.28
N LYS A 51 -2.48 -1.94 -14.33
CA LYS A 51 -2.72 -0.51 -14.16
C LYS A 51 -3.07 -0.29 -12.69
N VAL A 52 -2.25 0.48 -11.99
CA VAL A 52 -2.46 0.70 -10.56
C VAL A 52 -2.19 2.14 -10.15
N ASN A 53 -3.09 2.67 -9.31
CA ASN A 53 -2.95 4.02 -8.78
C ASN A 53 -3.47 4.04 -7.35
N TRP A 54 -2.85 4.82 -6.47
CA TRP A 54 -3.31 4.89 -5.06
C TRP A 54 -3.24 6.31 -4.56
N TYR A 55 -3.90 6.60 -3.43
CA TYR A 55 -3.92 7.96 -2.90
C TYR A 55 -3.74 7.98 -1.39
N LEU A 56 -2.66 8.61 -0.93
CA LEU A 56 -2.42 8.75 0.50
C LEU A 56 -3.17 9.98 0.97
N ASN A 57 -3.81 9.91 2.13
CA ASN A 57 -4.54 11.05 2.64
C ASN A 57 -5.43 11.68 1.57
N GLY A 58 -5.58 11.01 0.42
CA GLY A 58 -6.40 11.51 -0.68
C GLY A 58 -5.54 12.18 -1.76
N GLN A 59 -4.25 11.85 -1.80
CA GLN A 59 -3.32 12.42 -2.79
C GLN A 59 -2.57 11.33 -3.57
N LEU A 60 -2.64 11.38 -4.90
CA LEU A 60 -1.99 10.41 -5.79
C LEU A 60 -0.48 10.68 -5.94
N ILE A 61 0.27 9.60 -6.21
CA ILE A 61 1.73 9.67 -6.43
C ILE A 61 2.49 10.19 -5.20
N ARG A 62 3.27 9.28 -4.61
CA ARG A 62 4.11 9.58 -3.46
C ARG A 62 5.55 9.71 -3.96
N LYS A 63 6.34 10.57 -3.31
CA LYS A 63 7.72 10.78 -3.72
C LYS A 63 8.48 9.44 -3.83
N SER A 64 9.40 9.39 -4.79
CA SER A 64 10.17 8.16 -5.06
C SER A 64 11.19 7.89 -3.95
N LYS A 65 12.40 7.51 -4.37
CA LYS A 65 13.51 7.15 -3.48
C LYS A 65 13.39 7.75 -2.07
N ARG A 66 12.70 8.87 -1.91
CA ARG A 66 12.56 9.45 -0.58
C ARG A 66 11.84 8.45 0.31
N PHE A 67 10.86 7.77 -0.28
CA PHE A 67 10.09 6.74 0.40
C PHE A 67 10.21 5.44 -0.40
N ARG A 68 9.97 4.31 0.23
CA ARG A 68 10.09 3.04 -0.46
C ARG A 68 8.95 2.92 -1.49
N VAL A 69 9.29 3.08 -2.77
CA VAL A 69 8.27 2.99 -3.83
C VAL A 69 8.81 2.26 -5.05
N ARG A 70 8.00 1.38 -5.61
CA ARG A 70 8.39 0.64 -6.82
C ARG A 70 7.19 0.53 -7.75
N TYR A 71 7.16 1.34 -8.79
CA TYR A 71 6.04 1.30 -9.71
C TYR A 71 6.12 0.04 -10.56
N ASP A 72 5.51 -1.02 -10.06
CA ASP A 72 5.48 -2.30 -10.76
C ASP A 72 4.50 -3.21 -10.05
N GLY A 73 3.50 -2.60 -9.42
CA GLY A 73 2.47 -3.34 -8.69
C GLY A 73 2.69 -3.22 -7.18
N ILE A 74 3.90 -2.80 -6.79
CA ILE A 74 4.26 -2.66 -5.36
C ILE A 74 4.39 -1.20 -4.94
N HIS A 75 3.66 -0.85 -3.89
CA HIS A 75 3.68 0.53 -3.36
C HIS A 75 3.70 0.49 -1.83
N TYR A 76 4.87 0.78 -1.24
CA TYR A 76 5.03 0.76 0.21
C TYR A 76 4.99 2.18 0.79
N LEU A 77 4.08 2.40 1.74
CA LEU A 77 3.93 3.69 2.42
C LEU A 77 4.76 3.66 3.71
N ASP A 78 6.06 3.95 3.61
CA ASP A 78 6.93 3.92 4.79
C ASP A 78 7.23 5.30 5.37
N ILE A 79 6.77 5.52 6.61
CA ILE A 79 7.02 6.78 7.32
C ILE A 79 8.21 6.56 8.25
N VAL A 80 8.93 7.63 8.57
CA VAL A 80 10.08 7.53 9.47
C VAL A 80 9.98 8.61 10.54
N ASP A 81 10.54 9.77 10.25
CA ASP A 81 10.51 10.88 11.20
C ASP A 81 10.56 12.21 10.46
N CYS A 82 9.68 12.36 9.48
CA CYS A 82 9.63 13.60 8.69
C CYS A 82 8.36 14.38 9.07
N LYS A 83 7.25 14.01 8.45
CA LYS A 83 5.96 14.63 8.73
C LYS A 83 4.93 13.54 9.01
N SER A 84 4.18 13.69 10.11
CA SER A 84 3.19 12.69 10.48
C SER A 84 1.86 13.35 10.89
N TYR A 85 1.97 14.35 11.75
CA TYR A 85 0.80 15.06 12.29
C TYR A 85 -0.17 15.58 11.22
N ASP A 86 -0.80 14.69 10.46
CA ASP A 86 -1.73 15.11 9.42
C ASP A 86 -2.77 14.02 9.15
N THR A 87 -4.02 14.28 9.51
CA THR A 87 -5.09 13.31 9.31
C THR A 87 -5.67 13.38 7.90
N GLY A 88 -5.79 12.23 7.24
CA GLY A 88 -6.35 12.17 5.90
C GLY A 88 -7.14 10.87 5.71
N GLU A 89 -7.28 10.42 4.46
CA GLU A 89 -7.98 9.18 4.17
C GLU A 89 -7.21 8.41 3.12
N VAL A 90 -7.18 7.08 3.23
CA VAL A 90 -6.46 6.25 2.26
C VAL A 90 -7.48 5.44 1.45
N LYS A 91 -7.25 5.38 0.16
CA LYS A 91 -8.13 4.67 -0.77
C LYS A 91 -7.30 4.23 -1.94
N VAL A 92 -7.60 3.04 -2.47
CA VAL A 92 -6.81 2.53 -3.60
C VAL A 92 -7.72 2.13 -4.75
N THR A 93 -7.36 2.60 -5.95
CA THR A 93 -8.11 2.29 -7.15
C THR A 93 -7.22 1.44 -8.06
N ALA A 94 -7.57 0.17 -8.18
CA ALA A 94 -6.79 -0.75 -9.00
C ALA A 94 -7.66 -1.29 -10.10
N GLU A 95 -7.11 -1.40 -11.31
CA GLU A 95 -7.89 -1.87 -12.43
C GLU A 95 -7.08 -2.74 -13.39
N ASN A 96 -7.44 -4.02 -13.40
CA ASN A 96 -6.81 -4.99 -14.28
C ASN A 96 -7.74 -5.14 -15.50
N PRO A 97 -7.23 -5.60 -16.61
CA PRO A 97 -8.06 -5.75 -17.84
C PRO A 97 -9.28 -6.65 -17.62
N GLU A 98 -9.27 -7.50 -16.58
CA GLU A 98 -10.39 -8.44 -16.36
C GLU A 98 -11.32 -8.03 -15.19
N GLY A 99 -10.94 -7.04 -14.40
CA GLY A 99 -11.80 -6.64 -13.29
C GLY A 99 -11.30 -5.37 -12.63
N VAL A 100 -12.05 -4.88 -11.66
CA VAL A 100 -11.66 -3.68 -10.93
C VAL A 100 -11.92 -3.86 -9.43
N ILE A 101 -10.93 -3.51 -8.61
CA ILE A 101 -11.07 -3.62 -7.16
C ILE A 101 -10.62 -2.33 -6.48
N GLU A 102 -11.48 -1.81 -5.61
CA GLU A 102 -11.18 -0.58 -4.87
C GLU A 102 -11.69 -0.71 -3.44
N HIS A 103 -11.04 -0.04 -2.48
CA HIS A 103 -11.45 -0.13 -1.08
C HIS A 103 -11.40 1.22 -0.38
N LYS A 104 -12.37 1.47 0.49
CA LYS A 104 -12.43 2.74 1.25
C LYS A 104 -12.01 2.54 2.71
N VAL A 105 -10.91 3.20 3.09
CA VAL A 105 -10.40 3.14 4.47
C VAL A 105 -10.02 4.54 4.93
N LYS A 106 -9.86 4.74 6.24
CA LYS A 106 -9.50 6.05 6.77
C LYS A 106 -8.33 5.95 7.77
N LEU A 107 -7.34 6.81 7.58
CA LEU A 107 -6.18 6.86 8.46
C LEU A 107 -6.03 8.28 8.98
N GLU A 108 -6.01 8.45 10.31
CA GLU A 108 -5.87 9.78 10.91
C GLU A 108 -4.61 9.82 11.77
N ILE A 109 -3.70 10.78 11.49
CA ILE A 109 -2.46 10.87 12.27
C ILE A 109 -2.55 12.02 13.29
N GLN A 110 -2.69 11.66 14.57
CA GLN A 110 -2.79 12.68 15.63
C GLN A 110 -1.42 13.16 16.09
N GLN A 111 -1.18 13.12 17.41
CA GLN A 111 0.10 13.57 17.97
C GLN A 111 0.46 12.79 19.23
N LEU A 112 1.75 12.74 19.53
CA LEU A 112 2.23 12.03 20.70
C LEU A 112 1.72 12.69 21.98
N GLU A 113 1.18 11.88 22.89
CA GLU A 113 0.65 12.39 24.16
C GLU A 113 0.85 11.37 25.27
N HIS A 114 1.85 11.60 26.11
CA HIS A 114 2.15 10.71 27.24
C HIS A 114 1.45 11.17 28.50
N HIS A 115 0.77 12.31 28.40
CA HIS A 115 0.05 12.85 29.55
C HIS A 115 -0.94 11.84 30.12
N HIS A 116 -1.23 10.80 29.33
CA HIS A 116 -2.17 9.75 29.76
C HIS A 116 -1.42 8.47 30.13
N HIS A 117 -0.30 8.61 30.83
CA HIS A 117 0.49 7.44 31.23
C HIS A 117 0.88 7.52 32.71
N HIS A 118 2.10 7.96 32.98
CA HIS A 118 2.58 8.08 34.36
C HIS A 118 1.86 9.20 35.09
N HIS A 119 1.09 9.99 34.35
CA HIS A 119 0.36 11.11 34.95
C HIS A 119 1.28 11.95 35.82
N ARG A 1 -4.66 -19.25 6.48
CA ARG A 1 -4.95 -20.28 5.44
C ARG A 1 -6.44 -20.56 5.40
N MET A 2 -7.22 -19.67 6.00
CA MET A 2 -8.66 -19.83 6.01
C MET A 2 -9.23 -19.75 4.59
N ALA A 3 -8.69 -18.83 3.80
CA ALA A 3 -9.15 -18.67 2.42
C ALA A 3 -8.81 -19.89 1.59
N HIS A 4 -9.76 -20.34 0.77
CA HIS A 4 -9.55 -21.50 -0.08
C HIS A 4 -8.52 -21.20 -1.17
N GLU A 5 -7.26 -21.29 -0.79
CA GLU A 5 -6.17 -21.03 -1.74
C GLU A 5 -4.83 -21.51 -1.16
N GLY A 6 -4.81 -22.75 -0.69
CA GLY A 6 -3.60 -23.31 -0.11
C GLY A 6 -2.60 -23.66 -1.20
N ALA A 7 -2.99 -23.45 -2.45
CA ALA A 7 -2.11 -23.75 -3.57
C ALA A 7 -0.83 -22.93 -3.49
N LEU A 8 0.30 -23.57 -3.73
CA LEU A 8 1.59 -22.89 -3.69
C LEU A 8 1.76 -22.01 -4.93
N THR A 9 2.27 -20.80 -4.74
CA THR A 9 2.47 -19.89 -5.86
C THR A 9 3.77 -20.22 -6.60
N GLY A 10 3.87 -19.76 -7.84
CA GLY A 10 5.07 -20.02 -8.63
C GLY A 10 6.25 -19.17 -8.17
N VAL A 11 7.46 -19.67 -8.41
CA VAL A 11 8.67 -18.95 -8.02
C VAL A 11 9.00 -17.88 -9.06
N THR A 12 9.25 -16.66 -8.61
CA THR A 12 9.56 -15.56 -9.52
C THR A 12 8.56 -15.52 -10.67
N THR A 13 9.07 -15.41 -11.89
CA THR A 13 8.22 -15.36 -13.07
C THR A 13 7.41 -16.64 -13.20
N ASP A 14 7.65 -17.40 -14.27
CA ASP A 14 6.92 -18.66 -14.48
C ASP A 14 5.42 -18.47 -14.21
N GLN A 15 4.85 -17.41 -14.76
CA GLN A 15 3.43 -17.15 -14.56
C GLN A 15 2.92 -16.08 -15.53
N LYS A 16 2.37 -16.54 -16.66
CA LYS A 16 1.83 -15.63 -17.67
C LYS A 16 0.37 -15.97 -17.95
N GLU A 17 -0.19 -16.86 -17.14
CA GLU A 17 -1.58 -17.28 -17.31
C GLU A 17 -2.52 -16.31 -16.59
N LYS A 18 -3.74 -16.21 -17.09
CA LYS A 18 -4.73 -15.33 -16.48
C LYS A 18 -5.17 -15.91 -15.14
N GLN A 19 -5.22 -15.06 -14.11
CA GLN A 19 -5.62 -15.50 -12.77
C GLN A 19 -6.55 -14.47 -12.13
N LYS A 20 -7.18 -14.86 -11.02
CA LYS A 20 -8.10 -13.96 -10.34
C LYS A 20 -7.33 -12.97 -9.44
N PRO A 21 -7.39 -11.67 -9.71
CA PRO A 21 -6.66 -10.67 -8.88
C PRO A 21 -7.13 -10.69 -7.43
N ASP A 22 -6.26 -10.24 -6.53
CA ASP A 22 -6.60 -10.18 -5.11
C ASP A 22 -5.70 -9.18 -4.39
N ILE A 23 -6.26 -8.00 -4.13
CA ILE A 23 -5.53 -6.92 -3.48
C ILE A 23 -5.56 -7.02 -1.95
N VAL A 24 -4.40 -6.78 -1.35
CA VAL A 24 -4.25 -6.79 0.10
C VAL A 24 -3.97 -5.37 0.57
N LEU A 25 -4.75 -4.91 1.55
CA LEU A 25 -4.60 -3.57 2.10
C LEU A 25 -5.14 -3.54 3.53
N TYR A 26 -5.20 -2.35 4.15
CA TYR A 26 -5.71 -2.23 5.52
C TYR A 26 -7.25 -2.30 5.53
N PRO A 27 -7.88 -3.37 6.02
CA PRO A 27 -9.37 -3.46 6.02
C PRO A 27 -10.02 -2.52 7.05
N GLU A 28 -9.28 -2.12 8.07
CA GLU A 28 -9.83 -1.24 9.12
C GLU A 28 -8.99 0.03 9.30
N PRO A 29 -9.61 1.18 9.54
CA PRO A 29 -8.86 2.45 9.75
C PRO A 29 -7.87 2.33 10.91
N VAL A 30 -6.79 3.10 10.84
CA VAL A 30 -5.77 3.09 11.92
C VAL A 30 -5.16 4.48 12.09
N ARG A 31 -4.79 4.82 13.33
CA ARG A 31 -4.20 6.12 13.64
C ARG A 31 -2.89 5.97 14.41
N VAL A 32 -1.94 6.87 14.10
CA VAL A 32 -0.62 6.88 14.75
C VAL A 32 -0.40 8.23 15.43
N LEU A 33 0.42 8.25 16.46
CA LEU A 33 0.70 9.49 17.21
C LEU A 33 2.04 10.09 16.79
N GLU A 34 2.05 11.39 16.55
CA GLU A 34 3.28 12.08 16.13
C GLU A 34 4.49 11.58 16.90
N GLY A 35 5.46 11.04 16.15
CA GLY A 35 6.70 10.52 16.74
C GLY A 35 6.78 9.01 16.65
N GLU A 36 5.83 8.40 15.95
CA GLU A 36 5.79 6.95 15.78
C GLU A 36 5.85 6.58 14.30
N THR A 37 6.86 5.79 13.91
CA THR A 37 6.99 5.36 12.53
C THR A 37 5.94 4.30 12.26
N ALA A 38 5.57 4.08 10.98
CA ALA A 38 4.54 3.07 10.69
C ALA A 38 4.90 2.24 9.48
N ARG A 39 4.12 1.18 9.27
CA ARG A 39 4.36 0.27 8.15
C ARG A 39 3.04 -0.14 7.51
N PHE A 40 2.84 0.33 6.29
CA PHE A 40 1.65 0.01 5.50
C PHE A 40 2.12 -0.61 4.19
N ARG A 41 1.33 -1.52 3.63
CA ARG A 41 1.73 -2.17 2.38
C ARG A 41 0.55 -2.29 1.43
N CYS A 42 0.87 -2.38 0.13
CA CYS A 42 -0.14 -2.50 -0.90
C CYS A 42 0.38 -3.36 -2.05
N ARG A 43 -0.20 -4.54 -2.21
CA ARG A 43 0.18 -5.46 -3.29
C ARG A 43 -1.04 -5.75 -4.13
N VAL A 44 -0.87 -6.36 -5.30
CA VAL A 44 -2.00 -6.69 -6.16
C VAL A 44 -1.58 -7.86 -7.06
N THR A 45 -1.89 -9.11 -6.68
CA THR A 45 -1.45 -10.25 -7.49
C THR A 45 -2.58 -10.88 -8.31
N GLY A 46 -2.42 -10.84 -9.63
CA GLY A 46 -3.40 -11.41 -10.55
C GLY A 46 -2.72 -11.72 -11.87
N TYR A 47 -2.41 -10.67 -12.61
CA TYR A 47 -1.73 -10.79 -13.90
C TYR A 47 -0.48 -9.91 -13.89
N PRO A 48 0.68 -10.40 -14.32
CA PRO A 48 1.91 -9.56 -14.30
C PRO A 48 1.73 -8.25 -15.08
N GLN A 49 2.31 -7.18 -14.54
CA GLN A 49 2.22 -5.86 -15.15
C GLN A 49 0.80 -5.29 -15.03
N PRO A 50 0.37 -4.98 -13.82
CA PRO A 50 -0.98 -4.40 -13.57
C PRO A 50 -0.98 -2.87 -13.71
N LYS A 51 -2.16 -2.29 -13.93
CA LYS A 51 -2.30 -0.83 -14.01
C LYS A 51 -2.94 -0.39 -12.70
N VAL A 52 -2.25 0.45 -11.93
CA VAL A 52 -2.80 0.92 -10.64
C VAL A 52 -2.35 2.33 -10.30
N ASN A 53 -3.06 2.91 -9.34
CA ASN A 53 -2.75 4.24 -8.83
C ASN A 53 -3.24 4.30 -7.39
N TRP A 54 -2.48 4.95 -6.51
CA TRP A 54 -2.88 5.04 -5.10
C TRP A 54 -3.12 6.50 -4.75
N TYR A 55 -4.05 6.75 -3.83
CA TYR A 55 -4.37 8.12 -3.43
C TYR A 55 -3.98 8.37 -1.98
N LEU A 56 -2.88 9.07 -1.77
CA LEU A 56 -2.43 9.39 -0.41
C LEU A 56 -3.18 10.63 0.07
N ASN A 57 -3.73 10.58 1.27
CA ASN A 57 -4.47 11.71 1.80
C ASN A 57 -5.51 12.21 0.80
N GLY A 58 -5.68 11.48 -0.31
CA GLY A 58 -6.66 11.86 -1.34
C GLY A 58 -5.96 12.43 -2.58
N GLN A 59 -4.65 12.19 -2.70
CA GLN A 59 -3.86 12.68 -3.84
C GLN A 59 -3.24 11.50 -4.59
N LEU A 60 -3.50 11.41 -5.90
CA LEU A 60 -2.97 10.33 -6.73
C LEU A 60 -1.47 10.45 -6.93
N ILE A 61 -0.79 9.30 -7.14
CA ILE A 61 0.66 9.28 -7.40
C ILE A 61 1.48 9.27 -6.10
N ARG A 62 2.07 8.13 -5.82
CA ARG A 62 2.93 8.00 -4.65
C ARG A 62 4.30 8.59 -4.99
N LYS A 63 4.94 9.21 -4.01
CA LYS A 63 6.25 9.82 -4.23
C LYS A 63 7.32 8.73 -4.40
N SER A 64 8.25 8.97 -5.32
CA SER A 64 9.31 8.00 -5.62
C SER A 64 10.39 7.95 -4.54
N LYS A 65 11.64 7.84 -4.98
CA LYS A 65 12.81 7.72 -4.11
C LYS A 65 12.60 8.24 -2.68
N ARG A 66 11.83 9.32 -2.50
CA ARG A 66 11.61 9.82 -1.14
C ARG A 66 10.87 8.76 -0.33
N PHE A 67 9.92 8.12 -0.99
CA PHE A 67 9.12 7.04 -0.40
C PHE A 67 9.31 5.78 -1.24
N ARG A 68 9.22 4.62 -0.59
CA ARG A 68 9.42 3.35 -1.30
C ARG A 68 8.22 3.04 -2.20
N VAL A 69 8.47 2.93 -3.52
CA VAL A 69 7.40 2.58 -4.46
C VAL A 69 7.99 1.93 -5.71
N ARG A 70 7.30 0.91 -6.23
CA ARG A 70 7.73 0.23 -7.45
C ARG A 70 6.50 0.00 -8.33
N TYR A 71 6.39 0.80 -9.38
CA TYR A 71 5.22 0.68 -10.25
C TYR A 71 5.28 -0.61 -11.04
N ASP A 72 4.74 -1.67 -10.46
CA ASP A 72 4.70 -2.98 -11.08
C ASP A 72 3.88 -3.91 -10.22
N GLY A 73 2.89 -3.34 -9.52
CA GLY A 73 2.00 -4.09 -8.63
C GLY A 73 2.47 -3.96 -7.18
N ILE A 74 3.74 -3.59 -7.02
CA ILE A 74 4.35 -3.46 -5.70
C ILE A 74 4.50 -2.00 -5.30
N HIS A 75 3.69 -1.57 -4.35
CA HIS A 75 3.72 -0.18 -3.88
C HIS A 75 3.68 -0.13 -2.34
N TYR A 76 4.82 0.18 -1.71
CA TYR A 76 4.89 0.21 -0.24
C TYR A 76 4.70 1.62 0.32
N LEU A 77 3.74 1.74 1.23
CA LEU A 77 3.42 2.99 1.93
C LEU A 77 4.17 3.06 3.27
N ASP A 78 5.45 3.44 3.28
CA ASP A 78 6.21 3.51 4.55
C ASP A 78 6.46 4.94 5.01
N ILE A 79 6.12 5.22 6.29
CA ILE A 79 6.37 6.55 6.88
C ILE A 79 7.48 6.41 7.92
N VAL A 80 8.09 7.54 8.31
CA VAL A 80 9.17 7.50 9.30
C VAL A 80 9.00 8.64 10.30
N ASP A 81 9.89 8.69 11.29
CA ASP A 81 9.83 9.73 12.31
C ASP A 81 10.20 11.09 11.71
N CYS A 82 9.45 11.49 10.69
CA CYS A 82 9.67 12.78 10.02
C CYS A 82 8.50 13.70 10.34
N LYS A 83 7.48 13.62 9.51
CA LYS A 83 6.25 14.40 9.71
C LYS A 83 5.07 13.45 9.67
N SER A 84 4.19 13.54 10.66
CA SER A 84 3.05 12.64 10.73
C SER A 84 1.80 13.35 11.24
N TYR A 85 1.99 14.28 12.18
CA TYR A 85 0.87 15.02 12.81
C TYR A 85 -0.09 15.68 11.80
N ASP A 86 -0.76 14.86 11.00
CA ASP A 86 -1.71 15.35 10.01
C ASP A 86 -2.70 14.26 9.59
N THR A 87 -3.99 14.49 9.87
CA THR A 87 -5.02 13.51 9.52
C THR A 87 -5.46 13.69 8.07
N GLY A 88 -5.51 12.58 7.30
CA GLY A 88 -5.92 12.66 5.89
C GLY A 88 -6.80 11.47 5.50
N GLU A 89 -6.90 11.21 4.19
CA GLU A 89 -7.70 10.10 3.69
C GLU A 89 -6.93 9.32 2.62
N VAL A 90 -6.87 8.00 2.76
CA VAL A 90 -6.18 7.16 1.81
C VAL A 90 -7.14 6.18 1.17
N LYS A 91 -7.04 6.05 -0.14
CA LYS A 91 -7.88 5.13 -0.88
C LYS A 91 -7.00 4.32 -1.77
N VAL A 92 -7.01 3.03 -1.57
CA VAL A 92 -6.18 2.13 -2.35
C VAL A 92 -6.94 1.77 -3.61
N THR A 93 -6.37 2.08 -4.79
CA THR A 93 -7.05 1.81 -6.06
C THR A 93 -6.21 1.00 -7.02
N ALA A 94 -6.78 -0.12 -7.47
CA ALA A 94 -6.11 -1.00 -8.42
C ALA A 94 -7.01 -1.16 -9.64
N GLU A 95 -6.40 -1.43 -10.79
CA GLU A 95 -7.17 -1.59 -12.02
C GLU A 95 -6.49 -2.56 -12.96
N ASN A 96 -6.85 -3.84 -12.85
CA ASN A 96 -6.26 -4.85 -13.73
C ASN A 96 -6.99 -4.79 -15.07
N PRO A 97 -6.52 -5.49 -16.08
CA PRO A 97 -7.20 -5.45 -17.42
C PRO A 97 -8.51 -6.24 -17.42
N GLU A 98 -8.66 -7.16 -16.47
CA GLU A 98 -9.87 -7.99 -16.39
C GLU A 98 -10.83 -7.55 -15.29
N GLY A 99 -10.45 -6.56 -14.49
CA GLY A 99 -11.32 -6.10 -13.42
C GLY A 99 -10.77 -4.87 -12.72
N VAL A 100 -11.52 -4.39 -11.74
CA VAL A 100 -11.13 -3.20 -10.97
C VAL A 100 -11.51 -3.37 -9.50
N ILE A 101 -10.62 -2.96 -8.60
CA ILE A 101 -10.87 -3.06 -7.15
C ILE A 101 -10.59 -1.72 -6.48
N GLU A 102 -11.35 -1.42 -5.43
CA GLU A 102 -11.16 -0.16 -4.69
C GLU A 102 -11.65 -0.30 -3.26
N HIS A 103 -10.89 0.25 -2.31
CA HIS A 103 -11.25 0.19 -0.89
C HIS A 103 -11.03 1.55 -0.22
N LYS A 104 -12.05 2.01 0.51
CA LYS A 104 -11.95 3.30 1.22
C LYS A 104 -11.44 3.08 2.63
N VAL A 105 -10.29 3.66 2.93
CA VAL A 105 -9.66 3.54 4.24
C VAL A 105 -9.24 4.92 4.76
N LYS A 106 -9.50 5.20 6.04
CA LYS A 106 -9.18 6.51 6.62
C LYS A 106 -8.05 6.40 7.65
N LEU A 107 -7.03 7.25 7.50
CA LEU A 107 -5.90 7.27 8.44
C LEU A 107 -5.85 8.63 9.13
N GLU A 108 -5.88 8.63 10.47
CA GLU A 108 -5.84 9.90 11.22
C GLU A 108 -4.58 9.94 12.07
N ILE A 109 -3.69 10.89 11.81
CA ILE A 109 -2.46 10.98 12.61
C ILE A 109 -2.56 12.14 13.60
N GLN A 110 -2.56 11.79 14.90
CA GLN A 110 -2.67 12.80 15.96
C GLN A 110 -1.29 13.15 16.53
N GLN A 111 -1.14 13.04 17.86
CA GLN A 111 0.12 13.36 18.53
C GLN A 111 0.28 12.53 19.81
N LEU A 112 1.50 12.44 20.32
CA LEU A 112 1.73 11.70 21.56
C LEU A 112 1.00 12.38 22.72
N GLU A 113 0.49 11.57 23.64
CA GLU A 113 -0.26 12.09 24.79
C GLU A 113 0.62 12.97 25.68
N HIS A 114 1.87 13.21 25.25
CA HIS A 114 2.79 14.04 26.02
C HIS A 114 3.22 15.26 25.19
N HIS A 115 2.30 16.20 24.99
CA HIS A 115 2.59 17.40 24.22
C HIS A 115 2.89 18.57 25.15
N HIS A 116 4.15 18.99 25.17
CA HIS A 116 4.56 20.10 26.01
C HIS A 116 5.92 20.64 25.55
N HIS A 117 6.88 19.73 25.40
CA HIS A 117 8.22 20.10 24.96
C HIS A 117 8.24 20.24 23.45
N HIS A 118 9.01 21.21 22.93
CA HIS A 118 9.08 21.44 21.49
C HIS A 118 10.48 21.85 21.06
N HIS A 119 10.82 21.51 19.82
CA HIS A 119 12.13 21.85 19.27
C HIS A 119 13.25 21.43 20.22
N ARG A 1 -0.60 -33.28 3.93
CA ARG A 1 -1.21 -34.46 3.26
C ARG A 1 -1.79 -35.40 4.32
N MET A 2 -2.69 -34.84 5.14
CA MET A 2 -3.33 -35.61 6.21
C MET A 2 -4.83 -35.75 5.93
N ALA A 3 -5.37 -36.95 6.13
CA ALA A 3 -6.79 -37.20 5.91
C ALA A 3 -7.54 -37.14 7.22
N HIS A 4 -7.47 -36.01 7.90
CA HIS A 4 -8.16 -35.87 9.18
C HIS A 4 -9.65 -36.08 8.99
N GLU A 5 -10.20 -35.49 7.94
CA GLU A 5 -11.63 -35.61 7.67
C GLU A 5 -11.92 -35.35 6.20
N GLY A 6 -11.95 -34.06 5.83
CA GLY A 6 -12.23 -33.69 4.44
C GLY A 6 -10.97 -33.73 3.57
N ALA A 7 -11.14 -34.20 2.34
CA ALA A 7 -10.03 -34.28 1.41
C ALA A 7 -9.78 -32.90 0.81
N LEU A 8 -8.55 -32.66 0.38
CA LEU A 8 -8.22 -31.36 -0.19
C LEU A 8 -8.88 -31.20 -1.54
N THR A 9 -9.71 -30.17 -1.68
CA THR A 9 -10.39 -29.92 -2.92
C THR A 9 -9.37 -29.51 -3.98
N GLY A 10 -9.46 -30.15 -5.14
CA GLY A 10 -8.55 -29.86 -6.24
C GLY A 10 -7.12 -30.24 -5.89
N VAL A 11 -6.23 -30.08 -6.88
CA VAL A 11 -4.81 -30.39 -6.71
C VAL A 11 -3.98 -29.12 -6.90
N THR A 12 -3.03 -28.88 -5.99
CA THR A 12 -2.18 -27.69 -6.07
C THR A 12 -1.31 -27.73 -7.33
N THR A 13 -1.93 -27.49 -8.49
CA THR A 13 -1.23 -27.53 -9.78
C THR A 13 -1.14 -26.11 -10.39
N ASP A 14 -1.86 -25.17 -9.80
CA ASP A 14 -1.85 -23.80 -10.29
C ASP A 14 -0.56 -23.07 -9.93
N GLN A 15 0.58 -23.60 -10.37
CA GLN A 15 1.86 -22.96 -10.07
C GLN A 15 1.91 -21.59 -10.72
N LYS A 16 1.63 -21.54 -12.02
CA LYS A 16 1.63 -20.29 -12.78
C LYS A 16 0.30 -20.10 -13.51
N GLU A 17 -0.69 -20.92 -13.17
CA GLU A 17 -1.99 -20.83 -13.83
C GLU A 17 -2.70 -19.53 -13.43
N LYS A 18 -3.55 -19.02 -14.32
CA LYS A 18 -4.29 -17.78 -14.06
C LYS A 18 -5.16 -17.95 -12.81
N GLN A 19 -5.05 -17.00 -11.87
CA GLN A 19 -5.83 -17.04 -10.63
C GLN A 19 -6.82 -15.88 -10.60
N LYS A 20 -7.58 -15.81 -9.52
CA LYS A 20 -8.55 -14.75 -9.33
C LYS A 20 -7.88 -13.53 -8.66
N PRO A 21 -7.96 -12.33 -9.22
CA PRO A 21 -7.33 -11.15 -8.57
C PRO A 21 -7.88 -10.96 -7.14
N ASP A 22 -7.06 -10.37 -6.25
CA ASP A 22 -7.47 -10.11 -4.87
C ASP A 22 -6.51 -9.11 -4.21
N ILE A 23 -6.96 -7.86 -4.09
CA ILE A 23 -6.12 -6.80 -3.49
C ILE A 23 -6.07 -6.89 -1.97
N VAL A 24 -4.87 -6.66 -1.43
CA VAL A 24 -4.62 -6.71 0.00
C VAL A 24 -4.36 -5.30 0.56
N LEU A 25 -5.08 -4.96 1.64
CA LEU A 25 -4.93 -3.67 2.32
C LEU A 25 -5.22 -3.88 3.82
N TYR A 26 -5.43 -2.79 4.56
CA TYR A 26 -5.76 -2.89 5.99
C TYR A 26 -7.30 -3.03 6.13
N PRO A 27 -7.82 -4.13 6.65
CA PRO A 27 -9.30 -4.29 6.78
C PRO A 27 -9.94 -3.25 7.72
N GLU A 28 -9.16 -2.74 8.69
CA GLU A 28 -9.69 -1.76 9.65
C GLU A 28 -8.83 -0.48 9.66
N PRO A 29 -9.33 0.66 10.13
CA PRO A 29 -8.54 1.93 10.15
C PRO A 29 -7.37 1.87 11.13
N VAL A 30 -6.31 2.64 10.86
CA VAL A 30 -5.14 2.66 11.75
C VAL A 30 -4.73 4.09 12.06
N ARG A 31 -4.40 4.35 13.32
CA ARG A 31 -3.99 5.70 13.73
C ARG A 31 -2.65 5.65 14.47
N VAL A 32 -1.76 6.59 14.19
CA VAL A 32 -0.47 6.65 14.89
C VAL A 32 -0.32 8.03 15.54
N LEU A 33 0.74 8.22 16.33
CA LEU A 33 0.95 9.49 17.03
C LEU A 33 2.23 10.21 16.53
N GLU A 34 2.15 11.53 16.38
CA GLU A 34 3.32 12.30 15.93
C GLU A 34 4.56 11.83 16.65
N GLY A 35 5.57 11.37 15.88
CA GLY A 35 6.81 10.88 16.46
C GLY A 35 6.87 9.35 16.40
N GLU A 36 5.84 8.75 15.79
CA GLU A 36 5.78 7.29 15.65
C GLU A 36 5.70 6.92 14.17
N THR A 37 6.58 6.03 13.74
CA THR A 37 6.57 5.59 12.34
C THR A 37 5.44 4.58 12.14
N ALA A 38 4.90 4.53 10.92
CA ALA A 38 3.79 3.62 10.62
C ALA A 38 4.19 2.63 9.55
N ARG A 39 3.60 1.44 9.62
CA ARG A 39 3.89 0.37 8.66
C ARG A 39 2.64 0.00 7.87
N PHE A 40 2.58 0.47 6.62
CA PHE A 40 1.46 0.16 5.73
C PHE A 40 2.01 -0.38 4.43
N ARG A 41 1.24 -1.25 3.79
CA ARG A 41 1.65 -1.84 2.52
C ARG A 41 0.46 -1.93 1.59
N CYS A 42 0.73 -1.93 0.29
CA CYS A 42 -0.34 -2.02 -0.71
C CYS A 42 0.16 -2.92 -1.84
N ARG A 43 -0.40 -4.13 -1.94
CA ARG A 43 0.04 -5.08 -2.96
C ARG A 43 -1.19 -5.66 -3.64
N VAL A 44 -1.01 -6.44 -4.71
CA VAL A 44 -2.12 -7.09 -5.39
C VAL A 44 -1.74 -8.56 -5.48
N THR A 45 -2.64 -9.47 -5.81
CA THR A 45 -2.19 -10.87 -5.91
C THR A 45 -3.18 -11.80 -6.60
N GLY A 46 -2.84 -12.19 -7.82
CA GLY A 46 -3.69 -13.11 -8.59
C GLY A 46 -3.61 -12.85 -10.09
N TYR A 47 -3.32 -11.58 -10.45
CA TYR A 47 -3.22 -11.20 -11.87
C TYR A 47 -1.78 -10.73 -12.19
N PRO A 48 -1.19 -11.19 -13.28
CA PRO A 48 0.19 -10.77 -13.65
C PRO A 48 0.32 -9.25 -13.80
N GLN A 49 1.51 -8.74 -13.45
CA GLN A 49 1.85 -7.31 -13.54
C GLN A 49 0.64 -6.39 -13.76
N PRO A 50 -0.15 -6.18 -12.73
CA PRO A 50 -1.35 -5.28 -12.80
C PRO A 50 -0.90 -3.81 -12.78
N LYS A 51 -1.76 -2.88 -13.25
CA LYS A 51 -1.41 -1.45 -13.27
C LYS A 51 -2.33 -0.67 -12.33
N VAL A 52 -1.88 -0.46 -11.09
CA VAL A 52 -2.67 0.25 -10.08
C VAL A 52 -1.96 1.52 -9.61
N ASN A 53 -2.72 2.37 -8.93
CA ASN A 53 -2.20 3.62 -8.37
C ASN A 53 -2.84 3.81 -7.01
N TRP A 54 -2.40 4.79 -6.22
CA TRP A 54 -3.01 4.98 -4.89
C TRP A 54 -3.07 6.47 -4.52
N TYR A 55 -3.84 6.77 -3.47
CA TYR A 55 -4.01 8.16 -2.98
C TYR A 55 -3.59 8.28 -1.52
N LEU A 56 -2.49 8.97 -1.26
CA LEU A 56 -2.05 9.16 0.14
C LEU A 56 -2.82 10.35 0.71
N ASN A 57 -3.33 10.24 1.94
CA ASN A 57 -4.08 11.35 2.55
C ASN A 57 -5.06 11.96 1.56
N GLY A 58 -5.26 11.30 0.42
CA GLY A 58 -6.18 11.79 -0.61
C GLY A 58 -5.42 12.44 -1.76
N GLN A 59 -4.15 12.07 -1.95
CA GLN A 59 -3.33 12.62 -3.03
C GLN A 59 -2.74 11.49 -3.88
N LEU A 60 -3.03 11.52 -5.18
CA LEU A 60 -2.57 10.52 -6.13
C LEU A 60 -1.12 10.74 -6.54
N ILE A 61 -0.44 9.65 -6.94
CA ILE A 61 0.97 9.71 -7.37
C ILE A 61 1.87 10.19 -6.23
N ARG A 62 2.66 9.23 -5.73
CA ARG A 62 3.62 9.46 -4.67
C ARG A 62 5.02 9.50 -5.26
N LYS A 63 5.83 10.43 -4.78
CA LYS A 63 7.19 10.60 -5.30
C LYS A 63 8.00 9.30 -5.22
N SER A 64 8.94 9.18 -6.17
CA SER A 64 9.79 7.99 -6.30
C SER A 64 10.88 7.94 -5.22
N LYS A 65 12.10 7.59 -5.66
CA LYS A 65 13.28 7.45 -4.77
C LYS A 65 13.10 7.99 -3.35
N ARG A 66 12.44 9.14 -3.19
CA ARG A 66 12.27 9.69 -1.85
C ARG A 66 11.48 8.70 -0.99
N PHE A 67 10.45 8.10 -1.59
CA PHE A 67 9.63 7.10 -0.92
C PHE A 67 9.72 5.80 -1.72
N ARG A 68 9.70 4.64 -1.05
CA ARG A 68 9.81 3.37 -1.77
C ARG A 68 8.52 3.10 -2.54
N VAL A 69 8.64 3.00 -3.87
CA VAL A 69 7.49 2.74 -4.73
C VAL A 69 7.92 2.05 -6.04
N ARG A 70 7.19 1.02 -6.44
CA ARG A 70 7.46 0.30 -7.69
C ARG A 70 6.13 0.06 -8.40
N TYR A 71 5.85 0.82 -9.45
CA TYR A 71 4.59 0.68 -10.16
C TYR A 71 4.57 -0.61 -10.97
N ASP A 72 4.12 -1.68 -10.32
CA ASP A 72 4.03 -2.99 -10.95
C ASP A 72 3.30 -3.93 -9.99
N GLY A 73 2.39 -3.36 -9.21
CA GLY A 73 1.61 -4.11 -8.24
C GLY A 73 2.11 -3.86 -6.82
N ILE A 74 3.35 -3.36 -6.69
CA ILE A 74 3.98 -3.12 -5.38
C ILE A 74 4.19 -1.63 -5.09
N HIS A 75 3.49 -1.10 -4.09
CA HIS A 75 3.64 0.30 -3.69
C HIS A 75 3.57 0.41 -2.16
N TYR A 76 4.68 0.78 -1.55
CA TYR A 76 4.75 0.87 -0.07
C TYR A 76 4.51 2.29 0.45
N LEU A 77 3.85 2.36 1.61
CA LEU A 77 3.54 3.62 2.30
C LEU A 77 4.01 3.59 3.76
N ASP A 78 5.26 3.99 3.99
CA ASP A 78 5.82 4.00 5.36
C ASP A 78 6.12 5.43 5.83
N ILE A 79 5.79 5.69 7.09
CA ILE A 79 6.04 6.98 7.70
C ILE A 79 7.32 6.90 8.51
N VAL A 80 7.93 8.05 8.81
CA VAL A 80 9.15 8.08 9.58
C VAL A 80 8.98 8.98 10.78
N ASP A 81 9.88 8.88 11.75
CA ASP A 81 9.78 9.68 12.96
C ASP A 81 9.87 11.17 12.63
N CYS A 82 8.81 11.68 11.98
CA CYS A 82 8.71 13.09 11.59
C CYS A 82 7.84 13.20 10.35
N LYS A 83 7.14 14.33 10.21
CA LYS A 83 6.27 14.54 9.06
C LYS A 83 5.10 13.56 9.09
N SER A 84 4.30 13.61 10.18
CA SER A 84 3.17 12.73 10.34
C SER A 84 1.99 13.46 11.01
N TYR A 85 2.28 14.42 11.89
CA TYR A 85 1.24 15.18 12.63
C TYR A 85 0.14 15.76 11.74
N ASP A 86 -0.61 14.90 11.06
CA ASP A 86 -1.69 15.36 10.19
C ASP A 86 -2.64 14.20 9.85
N THR A 87 -3.92 14.37 10.19
CA THR A 87 -4.90 13.31 9.93
C THR A 87 -5.42 13.40 8.49
N GLY A 88 -5.47 12.28 7.76
CA GLY A 88 -5.93 12.32 6.36
C GLY A 88 -6.72 11.06 5.97
N GLU A 89 -6.79 10.80 4.66
CA GLU A 89 -7.51 9.63 4.17
C GLU A 89 -6.79 9.00 2.98
N VAL A 90 -6.85 7.68 2.89
CA VAL A 90 -6.20 6.94 1.82
C VAL A 90 -7.25 6.24 0.96
N LYS A 91 -7.19 6.44 -0.34
CA LYS A 91 -8.12 5.79 -1.26
C LYS A 91 -7.31 5.05 -2.30
N VAL A 92 -7.55 3.76 -2.40
CA VAL A 92 -6.79 2.93 -3.33
C VAL A 92 -7.65 2.53 -4.51
N THR A 93 -7.08 2.68 -5.71
CA THR A 93 -7.79 2.33 -6.93
C THR A 93 -6.91 1.47 -7.82
N ALA A 94 -7.36 0.24 -8.10
CA ALA A 94 -6.60 -0.67 -8.94
C ALA A 94 -7.30 -0.87 -10.27
N GLU A 95 -6.53 -1.21 -11.31
CA GLU A 95 -7.15 -1.42 -12.62
C GLU A 95 -6.25 -2.22 -13.55
N ASN A 96 -6.71 -3.44 -13.84
CA ASN A 96 -6.02 -4.35 -14.72
C ASN A 96 -6.86 -4.47 -16.00
N PRO A 97 -6.37 -5.09 -17.04
CA PRO A 97 -7.16 -5.21 -18.30
C PRO A 97 -8.37 -6.11 -18.16
N GLU A 98 -8.39 -6.99 -17.16
CA GLU A 98 -9.50 -7.93 -16.99
C GLU A 98 -10.57 -7.44 -16.01
N GLY A 99 -10.32 -6.33 -15.32
CA GLY A 99 -11.31 -5.81 -14.40
C GLY A 99 -10.79 -4.58 -13.67
N VAL A 100 -11.54 -4.18 -12.64
CA VAL A 100 -11.17 -3.03 -11.83
C VAL A 100 -11.63 -3.23 -10.38
N ILE A 101 -10.97 -2.57 -9.42
CA ILE A 101 -11.34 -2.70 -8.00
C ILE A 101 -11.20 -1.36 -7.29
N GLU A 102 -11.92 -1.20 -6.17
CA GLU A 102 -11.86 0.03 -5.39
C GLU A 102 -12.05 -0.28 -3.91
N HIS A 103 -11.07 0.11 -3.10
CA HIS A 103 -11.11 -0.12 -1.65
C HIS A 103 -10.72 1.16 -0.91
N LYS A 104 -11.56 1.58 0.04
CA LYS A 104 -11.30 2.79 0.81
C LYS A 104 -10.95 2.46 2.26
N VAL A 105 -9.91 3.14 2.77
CA VAL A 105 -9.47 2.95 4.14
C VAL A 105 -9.04 4.30 4.71
N LYS A 106 -9.42 4.58 5.95
CA LYS A 106 -9.09 5.88 6.56
C LYS A 106 -7.86 5.79 7.47
N LEU A 107 -6.90 6.71 7.24
CA LEU A 107 -5.68 6.77 8.06
C LEU A 107 -5.61 8.13 8.72
N GLU A 108 -5.55 8.19 10.04
CA GLU A 108 -5.48 9.47 10.74
C GLU A 108 -4.39 9.43 11.81
N ILE A 109 -3.48 10.41 11.78
CA ILE A 109 -2.39 10.46 12.75
C ILE A 109 -2.49 11.75 13.59
N GLN A 110 -2.57 11.54 14.90
CA GLN A 110 -2.75 12.65 15.86
C GLN A 110 -1.40 13.13 16.45
N GLN A 111 -1.23 13.01 17.77
CA GLN A 111 0.00 13.49 18.42
C GLN A 111 0.30 12.71 19.70
N LEU A 112 1.58 12.62 20.04
CA LEU A 112 2.00 11.92 21.25
C LEU A 112 1.38 12.59 22.48
N GLU A 113 1.45 13.91 22.54
CA GLU A 113 0.89 14.65 23.66
C GLU A 113 -0.61 14.39 23.73
N HIS A 114 -1.14 14.30 24.95
CA HIS A 114 -2.57 14.06 25.14
C HIS A 114 -3.32 15.38 25.12
N HIS A 115 -4.45 15.40 24.44
CA HIS A 115 -5.25 16.61 24.38
C HIS A 115 -5.75 16.97 25.78
N HIS A 116 -6.16 15.97 26.56
CA HIS A 116 -6.63 16.20 27.92
C HIS A 116 -6.53 14.92 28.75
N HIS A 117 -6.25 15.07 30.04
CA HIS A 117 -6.16 13.94 30.96
C HIS A 117 -6.99 14.24 32.20
N HIS A 118 -7.96 13.38 32.49
CA HIS A 118 -8.83 13.57 33.66
C HIS A 118 -8.73 12.37 34.59
N HIS A 119 -9.47 11.30 34.28
CA HIS A 119 -9.44 10.09 35.09
C HIS A 119 -9.96 8.90 34.30
N ARG A 1 26.63 -3.85 -29.05
CA ARG A 1 25.85 -3.66 -30.31
C ARG A 1 25.01 -4.90 -30.57
N MET A 2 23.76 -4.68 -30.97
CA MET A 2 22.85 -5.79 -31.24
C MET A 2 23.00 -6.29 -32.68
N ALA A 3 22.97 -7.60 -32.87
CA ALA A 3 23.10 -8.19 -34.20
C ALA A 3 21.72 -8.47 -34.79
N HIS A 4 21.64 -8.44 -36.12
CA HIS A 4 20.37 -8.68 -36.80
C HIS A 4 19.91 -10.12 -36.56
N GLU A 5 20.87 -11.05 -36.57
CA GLU A 5 20.56 -12.47 -36.35
C GLU A 5 20.50 -12.76 -34.85
N GLY A 6 20.99 -11.82 -34.06
CA GLY A 6 20.99 -11.98 -32.61
C GLY A 6 19.57 -11.84 -32.05
N ALA A 7 18.81 -12.93 -32.10
CA ALA A 7 17.45 -12.92 -31.60
C ALA A 7 17.42 -12.60 -30.10
N LEU A 8 16.51 -11.72 -29.71
CA LEU A 8 16.36 -11.32 -28.31
C LEU A 8 15.18 -12.04 -27.68
N THR A 9 15.37 -12.55 -26.46
CA THR A 9 14.30 -13.27 -25.77
C THR A 9 13.13 -12.35 -25.45
N GLY A 10 11.95 -12.95 -25.30
CA GLY A 10 10.75 -12.19 -25.01
C GLY A 10 9.68 -13.09 -24.40
N VAL A 11 9.57 -13.08 -23.08
CA VAL A 11 8.57 -13.91 -22.41
C VAL A 11 7.19 -13.44 -22.84
N THR A 12 6.21 -14.33 -22.71
CA THR A 12 4.85 -14.00 -23.11
C THR A 12 4.35 -12.76 -22.36
N THR A 13 4.64 -11.58 -22.92
CA THR A 13 4.20 -10.33 -22.31
C THR A 13 2.68 -10.27 -22.23
N ASP A 14 2.05 -9.86 -23.32
CA ASP A 14 0.60 -9.77 -23.37
C ASP A 14 -0.02 -11.16 -23.48
N GLN A 15 -0.90 -11.48 -22.54
CA GLN A 15 -1.57 -12.79 -22.53
C GLN A 15 -3.08 -12.62 -22.40
N LYS A 16 -3.82 -13.69 -22.67
CA LYS A 16 -5.28 -13.67 -22.59
C LYS A 16 -5.77 -14.73 -21.61
N GLU A 17 -4.84 -15.28 -20.84
CA GLU A 17 -5.20 -16.30 -19.86
C GLU A 17 -6.02 -15.69 -18.74
N LYS A 18 -7.13 -16.34 -18.41
CA LYS A 18 -8.01 -15.84 -17.36
C LYS A 18 -7.43 -16.14 -15.98
N GLN A 19 -7.46 -15.14 -15.11
CA GLN A 19 -6.95 -15.28 -13.75
C GLN A 19 -7.87 -14.52 -12.79
N LYS A 20 -7.90 -14.94 -11.53
CA LYS A 20 -8.76 -14.27 -10.53
C LYS A 20 -8.00 -13.12 -9.85
N PRO A 21 -8.34 -11.85 -10.10
CA PRO A 21 -7.64 -10.72 -9.41
C PRO A 21 -8.05 -10.62 -7.95
N ASP A 22 -7.21 -9.99 -7.14
CA ASP A 22 -7.56 -9.81 -5.73
C ASP A 22 -6.57 -8.88 -5.02
N ILE A 23 -7.00 -7.65 -4.81
CA ILE A 23 -6.15 -6.64 -4.18
C ILE A 23 -6.21 -6.71 -2.66
N VAL A 24 -5.07 -6.39 -2.02
CA VAL A 24 -4.94 -6.44 -0.56
C VAL A 24 -4.57 -5.05 -0.02
N LEU A 25 -5.22 -4.67 1.09
CA LEU A 25 -4.94 -3.38 1.74
C LEU A 25 -5.12 -3.52 3.25
N TYR A 26 -5.42 -2.41 3.93
CA TYR A 26 -5.64 -2.44 5.39
C TYR A 26 -7.12 -2.15 5.69
N PRO A 27 -7.95 -3.18 5.85
CA PRO A 27 -9.39 -2.95 6.15
C PRO A 27 -9.58 -2.31 7.52
N GLU A 28 -8.53 -2.39 8.34
CA GLU A 28 -8.57 -1.82 9.69
C GLU A 28 -7.97 -0.41 9.70
N PRO A 29 -8.71 0.62 10.07
CA PRO A 29 -8.13 1.99 10.10
C PRO A 29 -6.96 2.04 11.09
N VAL A 30 -5.95 2.85 10.79
CA VAL A 30 -4.77 2.97 11.69
C VAL A 30 -4.43 4.44 11.96
N ARG A 31 -4.22 4.75 13.24
CA ARG A 31 -3.88 6.10 13.67
C ARG A 31 -2.63 6.07 14.55
N VAL A 32 -1.71 7.01 14.34
CA VAL A 32 -0.46 7.04 15.13
C VAL A 32 -0.22 8.44 15.68
N LEU A 33 0.64 8.55 16.71
CA LEU A 33 0.92 9.84 17.34
C LEU A 33 2.22 10.45 16.80
N GLU A 34 2.14 11.73 16.43
CA GLU A 34 3.29 12.45 15.88
C GLU A 34 4.58 12.06 16.60
N GLY A 35 5.58 11.61 15.83
CA GLY A 35 6.87 11.21 16.40
C GLY A 35 7.02 9.70 16.39
N GLU A 36 6.06 9.02 15.76
CA GLU A 36 6.09 7.56 15.65
C GLU A 36 6.05 7.16 14.18
N THR A 37 6.99 6.33 13.76
CA THR A 37 7.03 5.88 12.37
C THR A 37 5.99 4.79 12.14
N ALA A 38 5.57 4.60 10.89
CA ALA A 38 4.56 3.59 10.58
C ALA A 38 4.97 2.78 9.36
N ARG A 39 4.25 1.69 9.13
CA ARG A 39 4.52 0.82 7.99
C ARG A 39 3.22 0.23 7.46
N PHE A 40 2.99 0.41 6.17
CA PHE A 40 1.78 -0.12 5.52
C PHE A 40 2.17 -0.82 4.24
N ARG A 41 1.40 -1.84 3.88
CA ARG A 41 1.67 -2.60 2.66
C ARG A 41 0.45 -2.60 1.74
N CYS A 42 0.72 -2.47 0.45
CA CYS A 42 -0.33 -2.47 -0.55
C CYS A 42 0.16 -3.25 -1.76
N ARG A 43 -0.47 -4.39 -2.03
CA ARG A 43 -0.07 -5.24 -3.15
C ARG A 43 -1.29 -5.59 -3.98
N VAL A 44 -1.10 -6.26 -5.11
CA VAL A 44 -2.21 -6.67 -5.96
C VAL A 44 -2.02 -8.15 -6.30
N THR A 45 -2.98 -8.80 -6.96
CA THR A 45 -2.81 -10.21 -7.35
C THR A 45 -3.43 -10.46 -8.72
N GLY A 46 -2.94 -11.51 -9.38
CA GLY A 46 -3.47 -11.88 -10.71
C GLY A 46 -2.38 -12.04 -11.76
N TYR A 47 -2.14 -10.98 -12.53
CA TYR A 47 -1.15 -11.01 -13.61
C TYR A 47 -0.18 -9.81 -13.51
N PRO A 48 0.95 -9.89 -14.17
CA PRO A 48 1.98 -8.82 -14.15
C PRO A 48 1.42 -7.39 -14.31
N GLN A 49 2.21 -6.45 -13.81
CA GLN A 49 1.93 -5.01 -13.84
C GLN A 49 0.65 -4.62 -14.60
N PRO A 50 -0.50 -4.69 -13.96
CA PRO A 50 -1.78 -4.25 -14.57
C PRO A 50 -1.88 -2.73 -14.50
N LYS A 51 -3.09 -2.18 -14.58
CA LYS A 51 -3.27 -0.73 -14.44
C LYS A 51 -3.79 -0.47 -13.03
N VAL A 52 -3.03 0.28 -12.22
CA VAL A 52 -3.46 0.58 -10.86
C VAL A 52 -3.01 1.97 -10.43
N ASN A 53 -3.63 2.47 -9.35
CA ASN A 53 -3.29 3.78 -8.82
C ASN A 53 -3.73 3.85 -7.36
N TRP A 54 -3.03 4.67 -6.55
CA TRP A 54 -3.39 4.80 -5.13
C TRP A 54 -3.23 6.24 -4.68
N TYR A 55 -3.84 6.59 -3.54
CA TYR A 55 -3.77 7.95 -3.03
C TYR A 55 -3.48 7.98 -1.53
N LEU A 56 -2.36 8.60 -1.14
CA LEU A 56 -2.03 8.73 0.27
C LEU A 56 -2.72 9.99 0.77
N ASN A 57 -3.24 9.98 1.99
CA ASN A 57 -3.92 11.16 2.52
C ASN A 57 -4.93 11.70 1.50
N GLY A 58 -5.16 10.95 0.42
CA GLY A 58 -6.12 11.36 -0.61
C GLY A 58 -5.44 12.03 -1.81
N GLN A 59 -4.12 11.82 -1.96
CA GLN A 59 -3.36 12.40 -3.08
C GLN A 59 -2.68 11.29 -3.88
N LEU A 60 -2.90 11.27 -5.20
CA LEU A 60 -2.29 10.26 -6.08
C LEU A 60 -0.80 10.54 -6.29
N ILE A 61 -0.03 9.48 -6.55
CA ILE A 61 1.42 9.59 -6.80
C ILE A 61 2.18 10.17 -5.61
N ARG A 62 2.99 9.30 -5.02
CA ARG A 62 3.88 9.66 -3.90
C ARG A 62 5.26 9.89 -4.46
N LYS A 63 6.08 10.66 -3.76
CA LYS A 63 7.43 10.92 -4.25
C LYS A 63 8.22 9.61 -4.31
N SER A 64 9.15 9.55 -5.26
CA SER A 64 9.96 8.36 -5.49
C SER A 64 11.03 8.16 -4.40
N LYS A 65 12.21 7.73 -4.85
CA LYS A 65 13.38 7.44 -4.00
C LYS A 65 13.26 7.88 -2.54
N ARG A 66 12.69 9.04 -2.26
CA ARG A 66 12.57 9.49 -0.87
C ARG A 66 11.70 8.52 -0.06
N PHE A 67 10.69 7.95 -0.72
CA PHE A 67 9.79 6.97 -0.07
C PHE A 67 9.82 5.67 -0.86
N ARG A 68 9.62 4.55 -0.18
CA ARG A 68 9.64 3.26 -0.85
C ARG A 68 8.43 3.09 -1.74
N VAL A 69 8.66 3.12 -3.06
CA VAL A 69 7.58 2.96 -4.02
C VAL A 69 8.09 2.24 -5.27
N ARG A 70 7.28 1.32 -5.79
CA ARG A 70 7.64 0.60 -7.01
C ARG A 70 6.38 0.34 -7.83
N TYR A 71 6.20 1.14 -8.87
CA TYR A 71 5.02 1.00 -9.69
C TYR A 71 5.12 -0.29 -10.50
N ASP A 72 4.58 -1.36 -9.93
CA ASP A 72 4.60 -2.67 -10.55
C ASP A 72 3.75 -3.62 -9.73
N GLY A 73 2.73 -3.06 -9.06
CA GLY A 73 1.84 -3.83 -8.21
C GLY A 73 2.18 -3.61 -6.73
N ILE A 74 3.41 -3.13 -6.47
CA ILE A 74 3.89 -2.90 -5.10
C ILE A 74 4.01 -1.42 -4.75
N HIS A 75 3.32 -0.99 -3.70
CA HIS A 75 3.37 0.40 -3.24
C HIS A 75 3.39 0.47 -1.71
N TYR A 76 4.53 0.85 -1.14
CA TYR A 76 4.66 0.93 0.32
C TYR A 76 4.45 2.35 0.83
N LEU A 77 3.46 2.53 1.72
CA LEU A 77 3.20 3.83 2.35
C LEU A 77 4.00 3.87 3.66
N ASP A 78 5.28 4.18 3.57
CA ASP A 78 6.14 4.21 4.77
C ASP A 78 6.44 5.64 5.23
N ILE A 79 6.03 5.96 6.46
CA ILE A 79 6.29 7.29 7.04
C ILE A 79 7.42 7.19 8.06
N VAL A 80 8.00 8.34 8.42
CA VAL A 80 9.10 8.38 9.38
C VAL A 80 8.89 9.55 10.35
N ASP A 81 9.74 9.63 11.37
CA ASP A 81 9.64 10.72 12.34
C ASP A 81 10.00 12.06 11.68
N CYS A 82 9.30 12.38 10.59
CA CYS A 82 9.52 13.64 9.87
C CYS A 82 8.26 14.50 10.00
N LYS A 83 7.21 14.06 9.33
CA LYS A 83 5.92 14.74 9.38
C LYS A 83 4.80 13.70 9.45
N SER A 84 3.93 13.83 10.44
CA SER A 84 2.86 12.85 10.61
C SER A 84 1.58 13.51 11.14
N TYR A 85 1.75 14.52 12.00
CA TYR A 85 0.63 15.23 12.63
C TYR A 85 -0.41 15.77 11.63
N ASP A 86 -1.03 14.86 10.90
CA ASP A 86 -2.06 15.25 9.92
C ASP A 86 -2.93 14.06 9.55
N THR A 87 -4.23 14.18 9.80
CA THR A 87 -5.16 13.10 9.50
C THR A 87 -5.61 13.19 8.04
N GLY A 88 -5.60 12.05 7.33
CA GLY A 88 -6.01 12.04 5.92
C GLY A 88 -6.77 10.76 5.58
N GLU A 89 -6.75 10.40 4.30
CA GLU A 89 -7.44 9.19 3.83
C GLU A 89 -6.60 8.45 2.81
N VAL A 90 -6.52 7.12 2.95
CA VAL A 90 -5.75 6.29 2.04
C VAL A 90 -6.69 5.39 1.27
N LYS A 91 -6.50 5.32 -0.05
CA LYS A 91 -7.36 4.49 -0.90
C LYS A 91 -6.53 3.68 -1.88
N VAL A 92 -6.74 2.36 -1.90
CA VAL A 92 -6.02 1.48 -2.81
C VAL A 92 -7.01 0.90 -3.80
N THR A 93 -6.66 0.97 -5.08
CA THR A 93 -7.55 0.46 -6.11
C THR A 93 -6.75 -0.03 -7.32
N ALA A 94 -7.32 -0.99 -8.04
CA ALA A 94 -6.70 -1.54 -9.22
C ALA A 94 -7.69 -1.46 -10.38
N GLU A 95 -7.24 -1.87 -11.56
CA GLU A 95 -8.09 -1.82 -12.74
C GLU A 95 -7.53 -2.72 -13.83
N ASN A 96 -7.99 -3.97 -13.84
CA ASN A 96 -7.52 -4.94 -14.82
C ASN A 96 -8.41 -4.88 -16.07
N PRO A 97 -8.06 -5.56 -17.13
CA PRO A 97 -8.88 -5.54 -18.37
C PRO A 97 -10.19 -6.31 -18.20
N GLU A 98 -10.26 -7.17 -17.17
CA GLU A 98 -11.44 -7.99 -16.93
C GLU A 98 -12.29 -7.50 -15.75
N GLY A 99 -11.82 -6.50 -15.02
CA GLY A 99 -12.59 -6.01 -13.89
C GLY A 99 -11.97 -4.76 -13.27
N VAL A 100 -12.62 -4.27 -12.22
CA VAL A 100 -12.16 -3.09 -11.50
C VAL A 100 -12.45 -3.25 -10.01
N ILE A 101 -11.55 -2.77 -9.17
CA ILE A 101 -11.72 -2.88 -7.72
C ILE A 101 -11.40 -1.56 -7.02
N GLU A 102 -12.03 -1.35 -5.87
CA GLU A 102 -11.80 -0.14 -5.08
C GLU A 102 -12.08 -0.42 -3.61
N HIS A 103 -11.14 -0.02 -2.75
CA HIS A 103 -11.28 -0.21 -1.30
C HIS A 103 -10.94 1.09 -0.58
N LYS A 104 -11.83 1.49 0.35
CA LYS A 104 -11.62 2.74 1.09
C LYS A 104 -11.19 2.46 2.53
N VAL A 105 -10.13 3.15 2.95
CA VAL A 105 -9.62 3.02 4.32
C VAL A 105 -9.17 4.39 4.80
N LYS A 106 -9.34 4.65 6.10
CA LYS A 106 -8.97 5.96 6.67
C LYS A 106 -7.86 5.84 7.72
N LEU A 107 -6.87 6.72 7.58
CA LEU A 107 -5.75 6.79 8.52
C LEU A 107 -5.75 8.16 9.15
N GLU A 108 -5.76 8.25 10.48
CA GLU A 108 -5.77 9.54 11.15
C GLU A 108 -4.54 9.68 12.04
N ILE A 109 -3.69 10.66 11.74
CA ILE A 109 -2.50 10.86 12.56
C ILE A 109 -2.71 12.03 13.51
N GLN A 110 -2.67 11.76 14.82
CA GLN A 110 -2.86 12.80 15.82
C GLN A 110 -1.51 13.35 16.28
N GLN A 111 -1.27 13.37 17.60
CA GLN A 111 0.00 13.90 18.11
C GLN A 111 0.37 13.26 19.46
N LEU A 112 1.68 13.25 19.74
CA LEU A 112 2.18 12.68 21.00
C LEU A 112 2.12 13.74 22.10
N GLU A 113 1.56 13.36 23.24
CA GLU A 113 1.45 14.28 24.37
C GLU A 113 1.52 13.53 25.69
N HIS A 114 0.71 12.48 25.82
CA HIS A 114 0.68 11.67 27.04
C HIS A 114 1.75 10.58 26.99
N HIS A 115 2.58 10.51 28.02
CA HIS A 115 3.63 9.51 28.09
C HIS A 115 4.03 9.24 29.54
N HIS A 116 4.77 8.16 29.76
CA HIS A 116 5.21 7.79 31.10
C HIS A 116 6.55 8.45 31.41
N HIS A 117 6.67 9.05 32.59
CA HIS A 117 7.91 9.69 32.98
C HIS A 117 9.02 8.67 33.16
N HIS A 118 8.68 7.53 33.77
CA HIS A 118 9.66 6.48 34.00
C HIS A 118 9.90 5.70 32.70
N HIS A 119 11.18 5.51 32.37
CA HIS A 119 11.56 4.79 31.15
C HIS A 119 11.95 3.36 31.48
N ARG A 1 17.27 -23.36 -9.14
CA ARG A 1 18.16 -24.43 -8.61
C ARG A 1 18.43 -25.45 -9.71
N MET A 2 17.42 -25.67 -10.55
CA MET A 2 17.54 -26.62 -11.65
C MET A 2 18.62 -26.16 -12.62
N ALA A 3 18.66 -24.85 -12.88
CA ALA A 3 19.64 -24.30 -13.80
C ALA A 3 21.06 -24.54 -13.29
N HIS A 4 21.94 -24.99 -14.18
CA HIS A 4 23.33 -25.25 -13.82
C HIS A 4 24.14 -23.96 -13.83
N GLU A 5 23.62 -22.95 -14.52
CA GLU A 5 24.30 -21.65 -14.61
C GLU A 5 23.29 -20.52 -14.41
N GLY A 6 22.41 -20.33 -15.40
CA GLY A 6 21.39 -19.28 -15.33
C GLY A 6 20.40 -19.44 -16.49
N ALA A 7 19.31 -18.67 -16.44
CA ALA A 7 18.32 -18.73 -17.50
C ALA A 7 18.92 -18.27 -18.83
N LEU A 8 18.48 -18.90 -19.92
CA LEU A 8 19.00 -18.54 -21.24
C LEU A 8 18.41 -17.20 -21.69
N THR A 9 19.24 -16.37 -22.29
CA THR A 9 18.79 -15.06 -22.77
C THR A 9 17.86 -15.21 -23.97
N GLY A 10 16.86 -14.33 -24.06
CA GLY A 10 15.90 -14.37 -25.16
C GLY A 10 14.51 -13.94 -24.68
N VAL A 11 13.50 -14.75 -24.99
CA VAL A 11 12.12 -14.46 -24.58
C VAL A 11 11.81 -15.16 -23.26
N THR A 12 11.31 -14.39 -22.30
CA THR A 12 10.95 -14.95 -20.99
C THR A 12 9.47 -14.74 -20.71
N THR A 13 9.10 -13.52 -20.35
CA THR A 13 7.71 -13.20 -20.06
C THR A 13 7.23 -13.96 -18.82
N ASP A 14 6.06 -14.57 -18.91
CA ASP A 14 5.53 -15.31 -17.77
C ASP A 14 4.32 -16.15 -18.20
N GLN A 15 3.61 -16.70 -17.22
CA GLN A 15 2.44 -17.54 -17.50
C GLN A 15 1.24 -16.68 -17.89
N LYS A 16 0.34 -17.27 -18.68
CA LYS A 16 -0.87 -16.59 -19.13
C LYS A 16 -2.10 -17.41 -18.76
N GLU A 17 -1.90 -18.42 -17.92
CA GLU A 17 -2.99 -19.28 -17.50
C GLU A 17 -3.92 -18.56 -16.55
N LYS A 18 -4.98 -19.26 -16.14
CA LYS A 18 -5.97 -18.68 -15.24
C LYS A 18 -5.27 -18.13 -14.01
N GLN A 19 -5.81 -17.06 -13.45
CA GLN A 19 -5.27 -16.45 -12.24
C GLN A 19 -6.43 -15.89 -11.42
N LYS A 20 -6.33 -15.94 -10.09
CA LYS A 20 -7.40 -15.40 -9.24
C LYS A 20 -7.11 -13.94 -8.87
N PRO A 21 -7.81 -12.95 -9.40
CA PRO A 21 -7.54 -11.53 -9.02
C PRO A 21 -8.03 -11.24 -7.61
N ASP A 22 -7.25 -10.46 -6.85
CA ASP A 22 -7.61 -10.11 -5.48
C ASP A 22 -6.54 -9.22 -4.84
N ILE A 23 -6.82 -7.92 -4.68
CA ILE A 23 -5.82 -7.04 -4.08
C ILE A 23 -5.84 -7.10 -2.56
N VAL A 24 -4.69 -6.88 -1.96
CA VAL A 24 -4.55 -6.87 -0.50
C VAL A 24 -4.18 -5.46 -0.06
N LEU A 25 -4.84 -4.98 1.00
CA LEU A 25 -4.56 -3.64 1.50
C LEU A 25 -4.81 -3.54 3.01
N TYR A 26 -4.84 -2.31 3.51
CA TYR A 26 -5.07 -2.04 4.92
C TYR A 26 -6.19 -2.93 5.47
N PRO A 27 -5.88 -3.97 6.23
CA PRO A 27 -6.94 -4.85 6.80
C PRO A 27 -7.82 -4.13 7.82
N GLU A 28 -7.32 -3.03 8.37
CA GLU A 28 -8.06 -2.26 9.35
C GLU A 28 -7.51 -0.83 9.44
N PRO A 29 -8.33 0.21 9.45
CA PRO A 29 -7.80 1.61 9.51
C PRO A 29 -6.73 1.73 10.58
N VAL A 30 -5.80 2.69 10.42
CA VAL A 30 -4.72 2.85 11.41
C VAL A 30 -4.42 4.32 11.71
N ARG A 31 -4.18 4.60 12.99
CA ARG A 31 -3.84 5.95 13.46
C ARG A 31 -2.53 5.92 14.23
N VAL A 32 -1.68 6.93 14.04
CA VAL A 32 -0.39 6.99 14.73
C VAL A 32 -0.22 8.37 15.38
N LEU A 33 0.69 8.47 16.37
CA LEU A 33 0.92 9.73 17.07
C LEU A 33 2.19 10.40 16.56
N GLU A 34 2.11 11.71 16.33
CA GLU A 34 3.27 12.47 15.82
C GLU A 34 4.55 12.03 16.50
N GLY A 35 5.55 11.66 15.70
CA GLY A 35 6.84 11.23 16.25
C GLY A 35 6.95 9.70 16.25
N GLU A 36 5.93 9.04 15.69
CA GLU A 36 5.91 7.58 15.60
C GLU A 36 5.96 7.16 14.13
N THR A 37 6.95 6.35 13.76
CA THR A 37 7.07 5.91 12.37
C THR A 37 6.12 4.74 12.08
N ALA A 38 5.36 4.87 10.99
CA ALA A 38 4.41 3.81 10.60
C ALA A 38 4.97 2.99 9.45
N ARG A 39 4.29 1.89 9.16
CA ARG A 39 4.69 1.00 8.08
C ARG A 39 3.47 0.26 7.56
N PHE A 40 3.21 0.42 6.27
CA PHE A 40 2.09 -0.25 5.63
C PHE A 40 2.57 -0.93 4.36
N ARG A 41 1.85 -1.96 3.95
CA ARG A 41 2.18 -2.69 2.73
C ARG A 41 0.97 -2.79 1.85
N CYS A 42 1.18 -2.82 0.55
CA CYS A 42 0.10 -2.94 -0.40
C CYS A 42 0.57 -3.72 -1.61
N ARG A 43 -0.14 -4.78 -1.95
CA ARG A 43 0.22 -5.63 -3.09
C ARG A 43 -1.04 -5.90 -3.89
N VAL A 44 -0.93 -6.54 -5.06
CA VAL A 44 -2.10 -6.87 -5.87
C VAL A 44 -2.02 -8.37 -6.20
N THR A 45 -3.07 -8.95 -6.78
CA THR A 45 -3.02 -10.38 -7.16
C THR A 45 -3.47 -10.54 -8.61
N GLY A 46 -2.66 -11.26 -9.38
CA GLY A 46 -2.97 -11.49 -10.77
C GLY A 46 -1.72 -11.79 -11.59
N TYR A 47 -1.20 -10.78 -12.27
CA TYR A 47 -0.01 -10.95 -13.12
C TYR A 47 0.97 -9.77 -12.95
N PRO A 48 2.15 -9.85 -13.55
CA PRO A 48 3.18 -8.77 -13.42
C PRO A 48 2.88 -7.52 -14.25
N GLN A 49 3.42 -6.40 -13.77
CA GLN A 49 3.26 -5.09 -14.39
C GLN A 49 1.82 -4.78 -14.81
N PRO A 50 0.94 -4.60 -13.85
CA PRO A 50 -0.48 -4.21 -14.13
C PRO A 50 -0.59 -2.69 -14.20
N LYS A 51 -1.82 -2.17 -14.33
CA LYS A 51 -2.03 -0.73 -14.36
C LYS A 51 -2.73 -0.36 -13.05
N VAL A 52 -2.04 0.35 -12.15
CA VAL A 52 -2.63 0.72 -10.85
C VAL A 52 -2.06 2.04 -10.32
N ASN A 53 -2.74 2.60 -9.32
CA ASN A 53 -2.29 3.84 -8.67
C ASN A 53 -2.99 3.95 -7.31
N TRP A 54 -2.57 4.90 -6.47
CA TRP A 54 -3.22 5.02 -5.14
C TRP A 54 -3.32 6.48 -4.70
N TYR A 55 -4.09 6.71 -3.62
CA TYR A 55 -4.31 8.05 -3.08
C TYR A 55 -3.90 8.15 -1.61
N LEU A 56 -2.76 8.77 -1.31
CA LEU A 56 -2.33 8.94 0.09
C LEU A 56 -3.00 10.17 0.68
N ASN A 57 -3.51 10.07 1.91
CA ASN A 57 -4.18 11.21 2.54
C ASN A 57 -5.14 11.89 1.56
N GLY A 58 -5.39 11.25 0.42
CA GLY A 58 -6.29 11.80 -0.59
C GLY A 58 -5.47 12.48 -1.72
N GLN A 59 -4.21 12.06 -1.88
CA GLN A 59 -3.31 12.60 -2.90
C GLN A 59 -2.77 11.48 -3.80
N LEU A 60 -2.91 11.67 -5.11
CA LEU A 60 -2.45 10.69 -6.12
C LEU A 60 -0.96 10.82 -6.42
N ILE A 61 -0.33 9.71 -6.87
CA ILE A 61 1.11 9.65 -7.21
C ILE A 61 1.98 9.94 -5.99
N ARG A 62 2.65 8.88 -5.53
CA ARG A 62 3.57 8.98 -4.39
C ARG A 62 4.97 9.27 -4.89
N LYS A 63 5.77 9.90 -4.03
CA LYS A 63 7.14 10.22 -4.41
C LYS A 63 7.98 8.95 -4.46
N SER A 64 8.97 8.96 -5.36
CA SER A 64 9.85 7.80 -5.57
C SER A 64 10.90 7.65 -4.47
N LYS A 65 12.11 7.28 -4.89
CA LYS A 65 13.26 7.02 -4.00
C LYS A 65 13.12 7.58 -2.58
N ARG A 66 12.50 8.74 -2.40
CA ARG A 66 12.38 9.29 -1.06
C ARG A 66 11.56 8.30 -0.21
N PHE A 67 10.51 7.75 -0.82
CA PHE A 67 9.65 6.75 -0.18
C PHE A 67 9.68 5.46 -1.01
N ARG A 68 9.56 4.30 -0.35
CA ARG A 68 9.60 3.03 -1.07
C ARG A 68 8.37 2.82 -1.91
N VAL A 69 8.57 2.72 -3.23
CA VAL A 69 7.46 2.50 -4.15
C VAL A 69 7.94 1.82 -5.42
N ARG A 70 7.17 0.85 -5.90
CA ARG A 70 7.50 0.14 -7.14
C ARG A 70 6.24 0.02 -7.98
N TYR A 71 6.11 0.88 -8.99
CA TYR A 71 4.92 0.85 -9.81
C TYR A 71 4.90 -0.42 -10.65
N ASP A 72 4.34 -1.48 -10.08
CA ASP A 72 4.27 -2.76 -10.74
C ASP A 72 3.46 -3.74 -9.90
N GLY A 73 2.50 -3.19 -9.14
CA GLY A 73 1.65 -4.00 -8.27
C GLY A 73 2.06 -3.84 -6.80
N ILE A 74 3.31 -3.41 -6.58
CA ILE A 74 3.85 -3.24 -5.23
C ILE A 74 4.02 -1.78 -4.86
N HIS A 75 3.33 -1.37 -3.80
CA HIS A 75 3.40 -0.01 -3.32
C HIS A 75 3.47 0.05 -1.79
N TYR A 76 4.66 0.36 -1.27
CA TYR A 76 4.84 0.45 0.18
C TYR A 76 4.59 1.89 0.64
N LEU A 77 3.55 2.10 1.45
CA LEU A 77 3.22 3.43 1.96
C LEU A 77 3.78 3.59 3.38
N ASP A 78 4.97 4.18 3.51
CA ASP A 78 5.61 4.35 4.83
C ASP A 78 5.85 5.82 5.19
N ILE A 79 5.85 6.09 6.50
CA ILE A 79 6.09 7.44 7.05
C ILE A 79 7.22 7.37 8.08
N VAL A 80 7.77 8.53 8.49
CA VAL A 80 8.86 8.57 9.47
C VAL A 80 8.57 9.66 10.51
N ASP A 81 9.36 9.69 11.58
CA ASP A 81 9.18 10.68 12.63
C ASP A 81 9.40 12.08 12.08
N CYS A 82 8.50 12.50 11.19
CA CYS A 82 8.56 13.81 10.58
C CYS A 82 7.43 13.92 9.55
N LYS A 83 6.65 14.99 9.63
CA LYS A 83 5.54 15.19 8.72
C LYS A 83 4.50 14.09 8.93
N SER A 84 3.91 14.06 10.13
CA SER A 84 2.91 13.04 10.45
C SER A 84 1.68 13.69 11.10
N TYR A 85 1.90 14.69 11.95
CA TYR A 85 0.80 15.38 12.67
C TYR A 85 -0.26 15.94 11.74
N ASP A 86 -0.97 15.07 11.03
CA ASP A 86 -2.01 15.53 10.12
C ASP A 86 -2.93 14.37 9.74
N THR A 87 -4.21 14.49 10.05
CA THR A 87 -5.17 13.43 9.76
C THR A 87 -5.69 13.55 8.33
N GLY A 88 -5.62 12.44 7.58
CA GLY A 88 -6.10 12.43 6.19
C GLY A 88 -6.84 11.13 5.87
N GLU A 89 -6.86 10.75 4.59
CA GLU A 89 -7.55 9.51 4.20
C GLU A 89 -6.75 8.78 3.13
N VAL A 90 -6.69 7.45 3.26
CA VAL A 90 -5.98 6.62 2.29
C VAL A 90 -6.97 5.72 1.58
N LYS A 91 -6.78 5.56 0.29
CA LYS A 91 -7.64 4.75 -0.54
C LYS A 91 -6.76 4.10 -1.58
N VAL A 92 -6.97 2.83 -1.85
CA VAL A 92 -6.15 2.12 -2.83
C VAL A 92 -7.00 1.70 -4.02
N THR A 93 -6.50 1.98 -5.22
CA THR A 93 -7.23 1.61 -6.44
C THR A 93 -6.31 0.86 -7.39
N ALA A 94 -6.83 -0.22 -7.96
CA ALA A 94 -6.10 -1.05 -8.90
C ALA A 94 -6.99 -1.24 -10.12
N GLU A 95 -6.39 -1.33 -11.29
CA GLU A 95 -7.16 -1.49 -12.50
C GLU A 95 -6.44 -2.36 -13.54
N ASN A 96 -6.97 -3.59 -13.71
CA ASN A 96 -6.41 -4.53 -14.67
C ASN A 96 -7.24 -4.47 -15.96
N PRO A 97 -6.84 -5.13 -17.03
CA PRO A 97 -7.60 -5.09 -18.30
C PRO A 97 -8.90 -5.89 -18.22
N GLU A 98 -9.00 -6.80 -17.26
CA GLU A 98 -10.18 -7.66 -17.12
C GLU A 98 -11.10 -7.23 -15.97
N GLY A 99 -10.66 -6.31 -15.11
CA GLY A 99 -11.53 -5.89 -14.02
C GLY A 99 -10.95 -4.69 -13.28
N VAL A 100 -11.67 -4.24 -12.28
CA VAL A 100 -11.26 -3.10 -11.46
C VAL A 100 -11.65 -3.33 -10.00
N ILE A 101 -10.73 -3.03 -9.07
CA ILE A 101 -10.99 -3.20 -7.63
C ILE A 101 -10.58 -1.94 -6.88
N GLU A 102 -11.25 -1.66 -5.76
CA GLU A 102 -10.94 -0.48 -4.96
C GLU A 102 -11.46 -0.63 -3.53
N HIS A 103 -10.74 -0.03 -2.57
CA HIS A 103 -11.15 -0.09 -1.17
C HIS A 103 -10.87 1.26 -0.49
N LYS A 104 -11.81 1.74 0.32
CA LYS A 104 -11.65 3.01 1.03
C LYS A 104 -11.37 2.77 2.50
N VAL A 105 -10.31 3.40 3.00
CA VAL A 105 -9.91 3.27 4.39
C VAL A 105 -9.57 4.64 4.95
N LYS A 106 -9.59 4.78 6.28
CA LYS A 106 -9.30 6.06 6.91
C LYS A 106 -8.10 5.98 7.85
N LEU A 107 -7.13 6.88 7.62
CA LEU A 107 -5.92 6.94 8.44
C LEU A 107 -5.85 8.32 9.05
N GLU A 108 -5.77 8.41 10.37
CA GLU A 108 -5.70 9.71 11.04
C GLU A 108 -4.50 9.77 11.97
N ILE A 109 -3.67 10.80 11.77
CA ILE A 109 -2.47 10.97 12.60
C ILE A 109 -2.68 12.08 13.62
N GLN A 110 -2.70 11.70 14.90
CA GLN A 110 -2.87 12.69 15.97
C GLN A 110 -1.51 13.27 16.37
N GLN A 111 -1.25 13.39 17.67
CA GLN A 111 0.02 13.92 18.15
C GLN A 111 0.43 13.31 19.49
N LEU A 112 1.75 13.25 19.72
CA LEU A 112 2.29 12.68 20.95
C LEU A 112 2.50 13.79 21.98
N GLU A 113 1.80 13.69 23.10
CA GLU A 113 1.94 14.69 24.16
C GLU A 113 3.38 14.73 24.67
N HIS A 114 4.09 15.82 24.37
CA HIS A 114 5.48 15.96 24.80
C HIS A 114 5.57 16.84 26.03
N HIS A 115 5.67 16.22 27.20
CA HIS A 115 5.77 16.97 28.45
C HIS A 115 7.09 17.71 28.50
N HIS A 116 8.15 17.04 28.03
CA HIS A 116 9.48 17.63 28.01
C HIS A 116 9.64 18.45 26.72
N HIS A 117 10.41 19.53 26.81
CA HIS A 117 10.62 20.38 25.64
C HIS A 117 11.41 19.66 24.55
N HIS A 118 10.82 19.58 23.35
CA HIS A 118 11.46 18.91 22.22
C HIS A 118 12.03 19.93 21.24
N HIS A 119 13.27 19.71 20.81
CA HIS A 119 13.93 20.62 19.87
C HIS A 119 14.81 19.83 18.92
N ARG A 1 -27.40 -18.12 -12.97
CA ARG A 1 -26.81 -18.59 -14.24
C ARG A 1 -25.99 -19.85 -13.97
N MET A 2 -25.86 -20.71 -14.98
CA MET A 2 -25.10 -21.95 -14.83
C MET A 2 -23.63 -21.72 -15.21
N ALA A 3 -22.73 -21.95 -14.24
CA ALA A 3 -21.30 -21.79 -14.48
C ALA A 3 -20.65 -23.09 -14.95
N HIS A 4 -19.53 -22.97 -15.68
CA HIS A 4 -18.81 -24.14 -16.19
C HIS A 4 -17.48 -24.32 -15.46
N GLU A 5 -17.08 -25.59 -15.31
CA GLU A 5 -15.82 -25.92 -14.62
C GLU A 5 -15.12 -27.09 -15.32
N GLY A 6 -13.82 -27.19 -15.10
CA GLY A 6 -13.03 -28.27 -15.69
C GLY A 6 -11.70 -28.44 -14.97
N ALA A 7 -10.81 -29.26 -15.52
CA ALA A 7 -9.51 -29.49 -14.89
C ALA A 7 -8.72 -28.19 -14.78
N LEU A 8 -7.97 -28.03 -13.69
CA LEU A 8 -7.18 -26.83 -13.48
C LEU A 8 -5.79 -27.01 -14.09
N THR A 9 -5.40 -26.05 -14.93
CA THR A 9 -4.09 -26.10 -15.58
C THR A 9 -3.04 -25.47 -14.67
N GLY A 10 -1.76 -25.79 -14.92
CA GLY A 10 -0.68 -25.25 -14.10
C GLY A 10 0.68 -25.66 -14.65
N VAL A 11 1.63 -25.93 -13.75
CA VAL A 11 2.98 -26.33 -14.15
C VAL A 11 3.58 -25.31 -15.10
N THR A 12 4.36 -24.38 -14.55
CA THR A 12 4.97 -23.34 -15.36
C THR A 12 3.96 -22.77 -16.36
N THR A 13 4.46 -22.13 -17.41
CA THR A 13 3.58 -21.56 -18.42
C THR A 13 2.58 -20.59 -17.78
N ASP A 14 2.87 -20.18 -16.54
CA ASP A 14 1.98 -19.27 -15.82
C ASP A 14 2.35 -17.81 -16.08
N GLN A 15 3.24 -17.59 -17.06
CA GLN A 15 3.67 -16.25 -17.40
C GLN A 15 2.52 -15.39 -17.93
N LYS A 16 1.69 -15.96 -18.82
CA LYS A 16 0.57 -15.21 -19.40
C LYS A 16 -0.77 -15.91 -19.16
N GLU A 17 -0.76 -16.91 -18.27
CA GLU A 17 -1.98 -17.63 -17.95
C GLU A 17 -2.88 -16.81 -17.04
N LYS A 18 -4.17 -17.09 -17.09
CA LYS A 18 -5.12 -16.39 -16.25
C LYS A 18 -4.91 -16.78 -14.79
N GLN A 19 -5.24 -15.88 -13.88
CA GLN A 19 -5.07 -16.13 -12.45
C GLN A 19 -6.25 -15.52 -11.69
N LYS A 20 -6.37 -15.84 -10.41
CA LYS A 20 -7.46 -15.29 -9.61
C LYS A 20 -7.07 -13.87 -9.14
N PRO A 21 -7.73 -12.82 -9.60
CA PRO A 21 -7.37 -11.44 -9.19
C PRO A 21 -7.55 -11.24 -7.69
N ASP A 22 -6.63 -10.50 -7.07
CA ASP A 22 -6.71 -10.24 -5.63
C ASP A 22 -5.97 -8.95 -5.26
N ILE A 23 -6.39 -8.34 -4.15
CA ILE A 23 -5.77 -7.10 -3.69
C ILE A 23 -5.62 -7.11 -2.16
N VAL A 24 -4.43 -6.76 -1.69
CA VAL A 24 -4.14 -6.73 -0.24
C VAL A 24 -3.99 -5.29 0.26
N LEU A 25 -4.71 -4.96 1.35
CA LEU A 25 -4.64 -3.62 1.94
C LEU A 25 -4.86 -3.67 3.46
N TYR A 26 -5.31 -2.54 4.03
CA TYR A 26 -5.59 -2.45 5.46
C TYR A 26 -7.11 -2.24 5.68
N PRO A 27 -7.88 -3.30 5.88
CA PRO A 27 -9.35 -3.17 6.09
C PRO A 27 -9.70 -2.52 7.44
N GLU A 28 -8.72 -2.49 8.34
CA GLU A 28 -8.92 -1.90 9.66
C GLU A 28 -8.25 -0.52 9.73
N PRO A 29 -8.97 0.53 10.09
CA PRO A 29 -8.34 1.88 10.18
C PRO A 29 -7.21 1.91 11.23
N VAL A 30 -6.17 2.71 10.97
CA VAL A 30 -5.04 2.83 11.90
C VAL A 30 -4.73 4.30 12.17
N ARG A 31 -4.29 4.61 13.39
CA ARG A 31 -3.97 5.98 13.78
C ARG A 31 -2.63 6.02 14.50
N VAL A 32 -1.77 7.00 14.14
CA VAL A 32 -0.44 7.12 14.77
C VAL A 32 -0.25 8.56 15.27
N LEU A 33 0.61 8.72 16.28
CA LEU A 33 0.86 10.04 16.88
C LEU A 33 2.18 10.63 16.37
N GLU A 34 2.16 11.93 16.02
CA GLU A 34 3.37 12.61 15.52
C GLU A 34 4.61 12.15 16.29
N GLY A 35 5.62 11.67 15.57
CA GLY A 35 6.86 11.21 16.22
C GLY A 35 6.94 9.69 16.23
N GLU A 36 5.95 9.03 15.62
CA GLU A 36 5.92 7.57 15.55
C GLU A 36 6.06 7.12 14.09
N THR A 37 6.35 5.84 13.90
CA THR A 37 6.50 5.26 12.56
C THR A 37 5.43 4.20 12.33
N ALA A 38 4.88 4.17 11.11
CA ALA A 38 3.83 3.22 10.78
C ALA A 38 4.25 2.34 9.62
N ARG A 39 3.55 1.22 9.45
CA ARG A 39 3.83 0.28 8.38
C ARG A 39 2.57 -0.05 7.60
N PHE A 40 2.50 0.42 6.35
CA PHE A 40 1.35 0.17 5.48
C PHE A 40 1.83 -0.30 4.12
N ARG A 41 1.01 -1.12 3.46
CA ARG A 41 1.37 -1.64 2.14
C ARG A 41 0.15 -1.71 1.23
N CYS A 42 0.42 -1.66 -0.07
CA CYS A 42 -0.64 -1.74 -1.07
C CYS A 42 -0.14 -2.60 -2.24
N ARG A 43 -0.73 -3.77 -2.43
CA ARG A 43 -0.33 -4.68 -3.50
C ARG A 43 -1.53 -4.99 -4.40
N VAL A 44 -1.28 -5.64 -5.53
CA VAL A 44 -2.34 -6.03 -6.47
C VAL A 44 -2.10 -7.50 -6.84
N THR A 45 -3.00 -8.12 -7.60
CA THR A 45 -2.80 -9.52 -7.99
C THR A 45 -3.60 -9.85 -9.25
N GLY A 46 -3.28 -10.99 -9.87
CA GLY A 46 -3.98 -11.46 -11.05
C GLY A 46 -3.06 -11.49 -12.27
N TYR A 47 -2.95 -10.36 -12.95
CA TYR A 47 -2.14 -10.26 -14.17
C TYR A 47 -0.97 -9.28 -14.02
N PRO A 48 0.16 -9.53 -14.67
CA PRO A 48 1.31 -8.60 -14.60
C PRO A 48 0.90 -7.18 -15.00
N GLN A 49 1.77 -6.23 -14.72
CA GLN A 49 1.53 -4.80 -15.01
C GLN A 49 0.04 -4.46 -14.95
N PRO A 50 -0.52 -4.45 -13.77
CA PRO A 50 -1.96 -4.12 -13.57
C PRO A 50 -2.19 -2.61 -13.59
N LYS A 51 -3.46 -2.21 -13.70
CA LYS A 51 -3.81 -0.79 -13.67
C LYS A 51 -4.13 -0.43 -12.22
N VAL A 52 -3.26 0.33 -11.58
CA VAL A 52 -3.49 0.70 -10.19
C VAL A 52 -2.94 2.08 -9.87
N ASN A 53 -3.71 2.83 -9.08
CA ASN A 53 -3.31 4.15 -8.62
C ASN A 53 -3.69 4.22 -7.15
N TRP A 54 -2.93 4.95 -6.34
CA TRP A 54 -3.23 5.02 -4.91
C TRP A 54 -3.09 6.44 -4.41
N TYR A 55 -3.69 6.73 -3.26
CA TYR A 55 -3.65 8.07 -2.70
C TYR A 55 -3.39 8.07 -1.21
N LEU A 56 -2.34 8.73 -0.77
CA LEU A 56 -2.06 8.84 0.65
C LEU A 56 -2.77 10.10 1.15
N ASN A 57 -3.38 10.07 2.33
CA ASN A 57 -4.05 11.24 2.83
C ASN A 57 -5.01 11.82 1.79
N GLY A 58 -5.19 11.09 0.68
CA GLY A 58 -6.10 11.53 -0.40
C GLY A 58 -5.33 12.20 -1.55
N GLN A 59 -4.01 11.98 -1.60
CA GLN A 59 -3.16 12.57 -2.66
C GLN A 59 -2.48 11.45 -3.45
N LEU A 60 -2.64 11.48 -4.78
CA LEU A 60 -2.05 10.48 -5.67
C LEU A 60 -0.58 10.76 -5.94
N ILE A 61 0.18 9.69 -6.25
CA ILE A 61 1.60 9.80 -6.60
C ILE A 61 2.46 10.41 -5.50
N ARG A 62 3.35 9.58 -4.96
CA ARG A 62 4.31 9.97 -3.93
C ARG A 62 5.73 9.85 -4.51
N LYS A 63 6.65 10.67 -4.02
CA LYS A 63 8.03 10.67 -4.55
C LYS A 63 8.65 9.28 -4.52
N SER A 64 9.51 9.04 -5.50
CA SER A 64 10.19 7.76 -5.64
C SER A 64 11.29 7.59 -4.60
N LYS A 65 12.42 7.08 -5.07
CA LYS A 65 13.61 6.79 -4.25
C LYS A 65 13.58 7.37 -2.83
N ARG A 66 13.02 8.56 -2.64
CA ARG A 66 12.97 9.13 -1.30
C ARG A 66 12.15 8.21 -0.40
N PHE A 67 11.09 7.63 -0.98
CA PHE A 67 10.21 6.70 -0.28
C PHE A 67 10.19 5.37 -1.03
N ARG A 68 10.05 4.27 -0.31
CA ARG A 68 10.05 2.95 -0.96
C ARG A 68 8.77 2.76 -1.77
N VAL A 69 8.91 2.80 -3.09
CA VAL A 69 7.77 2.62 -3.99
C VAL A 69 8.25 2.12 -5.35
N ARG A 70 7.52 1.13 -5.91
CA ARG A 70 7.87 0.59 -7.22
C ARG A 70 6.61 0.43 -8.06
N TYR A 71 6.51 1.22 -9.12
CA TYR A 71 5.33 1.16 -9.96
C TYR A 71 5.33 -0.11 -10.80
N ASP A 72 4.75 -1.17 -10.25
CA ASP A 72 4.64 -2.46 -10.93
C ASP A 72 3.70 -3.36 -10.12
N GLY A 73 2.81 -2.72 -9.34
CA GLY A 73 1.85 -3.45 -8.50
C GLY A 73 2.24 -3.32 -7.02
N ILE A 74 3.49 -2.93 -6.78
CA ILE A 74 4.01 -2.78 -5.41
C ILE A 74 4.15 -1.32 -5.03
N HIS A 75 3.40 -0.91 -4.01
CA HIS A 75 3.44 0.48 -3.54
C HIS A 75 3.43 0.52 -2.01
N TYR A 76 4.58 0.87 -1.42
CA TYR A 76 4.73 0.91 0.05
C TYR A 76 4.58 2.34 0.61
N LEU A 77 3.75 2.46 1.66
CA LEU A 77 3.50 3.76 2.32
C LEU A 77 4.04 3.69 3.76
N ASP A 78 5.29 4.08 3.98
CA ASP A 78 5.88 4.04 5.33
C ASP A 78 6.08 5.43 5.92
N ILE A 79 5.78 5.56 7.21
CA ILE A 79 5.94 6.82 7.93
C ILE A 79 7.17 6.74 8.83
N VAL A 80 7.78 7.90 9.13
CA VAL A 80 8.96 7.95 9.99
C VAL A 80 8.67 8.93 11.12
N ASP A 81 9.41 8.82 12.22
CA ASP A 81 9.18 9.69 13.37
C ASP A 81 9.32 11.16 12.99
N CYS A 82 8.37 11.64 12.18
CA CYS A 82 8.32 13.03 11.71
C CYS A 82 7.58 13.10 10.38
N LYS A 83 6.96 14.26 10.11
CA LYS A 83 6.20 14.47 8.88
C LYS A 83 4.99 13.53 8.85
N SER A 84 4.08 13.69 9.81
CA SER A 84 2.91 12.83 9.89
C SER A 84 1.72 13.57 10.50
N TYR A 85 2.00 14.47 11.46
CA TYR A 85 0.96 15.20 12.21
C TYR A 85 -0.12 15.83 11.31
N ASP A 86 -0.90 14.98 10.68
CA ASP A 86 -1.97 15.44 9.82
C ASP A 86 -2.94 14.30 9.54
N THR A 87 -4.20 14.49 9.89
CA THR A 87 -5.18 13.44 9.68
C THR A 87 -5.69 13.43 8.23
N GLY A 88 -5.64 12.26 7.56
CA GLY A 88 -6.11 12.19 6.17
C GLY A 88 -6.78 10.85 5.86
N GLU A 89 -6.76 10.45 4.58
CA GLU A 89 -7.37 9.17 4.19
C GLU A 89 -6.57 8.50 3.07
N VAL A 90 -6.49 7.17 3.12
CA VAL A 90 -5.77 6.38 2.11
C VAL A 90 -6.72 5.44 1.38
N LYS A 91 -6.72 5.50 0.05
CA LYS A 91 -7.59 4.66 -0.77
C LYS A 91 -6.79 4.01 -1.89
N VAL A 92 -7.07 2.74 -2.17
CA VAL A 92 -6.36 2.01 -3.21
C VAL A 92 -7.34 1.39 -4.20
N THR A 93 -6.92 1.30 -5.46
CA THR A 93 -7.76 0.70 -6.50
C THR A 93 -6.89 -0.01 -7.52
N ALA A 94 -7.39 -1.14 -8.02
CA ALA A 94 -6.67 -1.92 -9.02
C ALA A 94 -7.70 -2.44 -10.00
N GLU A 95 -7.29 -2.73 -11.22
CA GLU A 95 -8.22 -3.21 -12.22
C GLU A 95 -7.52 -4.14 -13.19
N ASN A 96 -7.86 -5.42 -13.09
CA ASN A 96 -7.28 -6.43 -13.97
C ASN A 96 -8.14 -6.51 -15.23
N PRO A 97 -7.72 -7.25 -16.22
CA PRO A 97 -8.49 -7.34 -17.49
C PRO A 97 -9.81 -8.09 -17.36
N GLU A 98 -9.97 -8.86 -16.29
CA GLU A 98 -11.19 -9.67 -16.10
C GLU A 98 -11.95 -9.33 -14.81
N GLY A 99 -11.47 -8.35 -14.03
CA GLY A 99 -12.16 -8.02 -12.79
C GLY A 99 -11.76 -6.64 -12.29
N VAL A 100 -12.59 -6.10 -11.42
CA VAL A 100 -12.36 -4.77 -10.85
C VAL A 100 -12.51 -4.80 -9.33
N ILE A 101 -11.54 -4.23 -8.62
CA ILE A 101 -11.58 -4.19 -7.15
C ILE A 101 -11.02 -2.88 -6.59
N GLU A 102 -11.47 -2.56 -5.37
CA GLU A 102 -11.04 -1.34 -4.69
C GLU A 102 -11.58 -1.31 -3.25
N HIS A 103 -10.95 -0.52 -2.39
CA HIS A 103 -11.38 -0.41 -0.99
C HIS A 103 -10.97 0.94 -0.39
N LYS A 104 -11.80 1.47 0.52
CA LYS A 104 -11.49 2.75 1.17
C LYS A 104 -10.99 2.48 2.59
N VAL A 105 -9.90 3.14 2.95
CA VAL A 105 -9.27 2.98 4.26
C VAL A 105 -9.06 4.36 4.90
N LYS A 106 -9.37 4.46 6.19
CA LYS A 106 -9.23 5.73 6.91
C LYS A 106 -8.03 5.75 7.84
N LEU A 107 -7.09 6.67 7.58
CA LEU A 107 -5.89 6.82 8.39
C LEU A 107 -5.80 8.23 8.90
N GLU A 108 -5.79 8.40 10.21
CA GLU A 108 -5.68 9.73 10.80
C GLU A 108 -4.58 9.74 11.84
N ILE A 109 -3.67 10.70 11.75
CA ILE A 109 -2.56 10.79 12.72
C ILE A 109 -2.68 12.09 13.51
N GLN A 110 -2.69 11.93 14.83
CA GLN A 110 -2.80 13.05 15.75
C GLN A 110 -1.41 13.63 16.06
N GLN A 111 -1.05 13.69 17.35
CA GLN A 111 0.24 14.23 17.75
C GLN A 111 0.64 13.69 19.12
N LEU A 112 1.94 13.75 19.42
CA LEU A 112 2.45 13.28 20.70
C LEU A 112 2.06 14.26 21.81
N GLU A 113 1.34 13.76 22.82
CA GLU A 113 0.90 14.59 23.95
C GLU A 113 1.58 14.17 25.25
N HIS A 114 2.25 15.12 25.90
CA HIS A 114 2.95 14.83 27.15
C HIS A 114 3.16 16.11 27.96
N HIS A 115 3.44 15.93 29.26
CA HIS A 115 3.67 17.07 30.15
C HIS A 115 5.10 17.58 30.01
N HIS A 116 5.94 16.85 29.28
CA HIS A 116 7.34 17.26 29.09
C HIS A 116 7.43 18.40 28.08
N HIS A 117 8.29 19.38 28.40
CA HIS A 117 8.49 20.54 27.52
C HIS A 117 9.73 20.32 26.65
N HIS A 118 9.66 20.75 25.40
CA HIS A 118 10.77 20.57 24.48
C HIS A 118 11.89 21.57 24.76
N HIS A 119 11.58 22.63 25.50
CA HIS A 119 12.56 23.65 25.82
C HIS A 119 12.15 24.40 27.09
N ARG A 1 13.50 -22.99 -19.81
CA ARG A 1 13.56 -24.46 -20.03
C ARG A 1 14.45 -25.09 -18.98
N MET A 2 15.08 -24.26 -18.14
CA MET A 2 15.95 -24.79 -17.09
C MET A 2 15.11 -25.21 -15.88
N ALA A 3 15.56 -26.25 -15.16
CA ALA A 3 14.83 -26.72 -13.96
C ALA A 3 15.80 -27.29 -12.94
N HIS A 4 15.45 -27.18 -11.65
CA HIS A 4 16.33 -27.69 -10.57
C HIS A 4 16.04 -29.17 -10.28
N GLU A 5 16.91 -29.79 -9.48
CA GLU A 5 16.76 -31.20 -9.14
C GLU A 5 15.53 -31.42 -8.24
N GLY A 6 15.27 -30.44 -7.36
CA GLY A 6 14.12 -30.49 -6.44
C GLY A 6 13.39 -29.14 -6.44
N ALA A 7 12.11 -29.17 -6.74
CA ALA A 7 11.31 -27.94 -6.77
C ALA A 7 11.12 -27.37 -5.36
N LEU A 8 11.07 -26.02 -5.28
CA LEU A 8 10.89 -25.37 -4.00
C LEU A 8 9.46 -25.57 -3.54
N THR A 9 9.28 -25.93 -2.27
CA THR A 9 7.96 -26.15 -1.70
C THR A 9 7.24 -24.81 -1.51
N GLY A 10 5.97 -24.73 -1.93
CA GLY A 10 5.17 -23.49 -1.83
C GLY A 10 4.60 -23.10 -3.19
N VAL A 11 3.64 -22.19 -3.18
CA VAL A 11 3.00 -21.72 -4.42
C VAL A 11 3.54 -20.35 -4.83
N THR A 12 4.58 -19.88 -4.15
CA THR A 12 5.17 -18.57 -4.46
C THR A 12 5.82 -18.55 -5.87
N THR A 13 4.97 -18.67 -6.89
CA THR A 13 5.42 -18.67 -8.29
C THR A 13 4.60 -17.70 -9.13
N ASP A 14 3.45 -18.18 -9.60
CA ASP A 14 2.56 -17.38 -10.41
C ASP A 14 3.36 -16.64 -11.48
N GLN A 15 4.46 -17.24 -11.92
CA GLN A 15 5.31 -16.64 -12.94
C GLN A 15 4.60 -16.60 -14.30
N LYS A 16 3.92 -17.69 -14.63
CA LYS A 16 3.19 -17.81 -15.90
C LYS A 16 1.74 -18.15 -15.67
N GLU A 17 1.47 -18.90 -14.61
CA GLU A 17 0.09 -19.28 -14.31
C GLU A 17 -0.72 -18.03 -13.95
N LYS A 18 -1.87 -17.87 -14.61
CA LYS A 18 -2.74 -16.72 -14.33
C LYS A 18 -3.59 -17.04 -13.11
N GLN A 19 -3.60 -16.13 -12.14
CA GLN A 19 -4.36 -16.30 -10.91
C GLN A 19 -5.58 -15.38 -10.88
N LYS A 20 -6.38 -15.50 -9.82
CA LYS A 20 -7.59 -14.68 -9.67
C LYS A 20 -7.24 -13.31 -9.05
N PRO A 21 -7.69 -12.19 -9.62
CA PRO A 21 -7.36 -10.85 -9.05
C PRO A 21 -7.87 -10.68 -7.61
N ASP A 22 -7.08 -10.00 -6.78
CA ASP A 22 -7.48 -9.75 -5.41
C ASP A 22 -6.53 -8.76 -4.72
N ILE A 23 -6.98 -7.51 -4.60
CA ILE A 23 -6.18 -6.46 -4.01
C ILE A 23 -6.09 -6.58 -2.47
N VAL A 24 -4.89 -6.37 -1.95
CA VAL A 24 -4.65 -6.45 -0.50
C VAL A 24 -4.24 -5.09 0.06
N LEU A 25 -4.86 -4.72 1.18
CA LEU A 25 -4.58 -3.46 1.84
C LEU A 25 -5.02 -3.54 3.29
N TYR A 26 -5.35 -2.40 3.89
CA TYR A 26 -5.80 -2.33 5.27
C TYR A 26 -7.28 -1.96 5.33
N PRO A 27 -8.20 -2.91 5.39
CA PRO A 27 -9.65 -2.61 5.45
C PRO A 27 -10.04 -1.94 6.78
N GLU A 28 -9.26 -2.17 7.83
CA GLU A 28 -9.54 -1.58 9.15
C GLU A 28 -8.82 -0.24 9.29
N PRO A 29 -9.49 0.83 9.69
CA PRO A 29 -8.80 2.14 9.86
C PRO A 29 -7.65 2.05 10.89
N VAL A 30 -6.58 2.82 10.66
CA VAL A 30 -5.43 2.82 11.58
C VAL A 30 -5.02 4.27 11.92
N ARG A 31 -4.73 4.53 13.19
CA ARG A 31 -4.31 5.87 13.64
C ARG A 31 -3.17 5.77 14.64
N VAL A 32 -2.20 6.70 14.55
CA VAL A 32 -1.06 6.70 15.47
C VAL A 32 -0.79 8.10 16.02
N LEU A 33 -0.08 8.15 17.13
CA LEU A 33 0.26 9.41 17.79
C LEU A 33 1.63 9.90 17.33
N GLU A 34 1.71 11.18 16.98
CA GLU A 34 2.96 11.77 16.53
C GLU A 34 4.11 11.31 17.41
N GLY A 35 5.18 10.83 16.78
CA GLY A 35 6.35 10.33 17.51
C GLY A 35 6.36 8.81 17.48
N GLU A 36 5.37 8.24 16.82
CA GLU A 36 5.26 6.79 16.69
C GLU A 36 5.37 6.39 15.24
N THR A 37 6.12 5.32 15.01
CA THR A 37 6.30 4.83 13.65
C THR A 37 5.22 3.82 13.28
N ALA A 38 4.77 3.87 12.03
CA ALA A 38 3.73 2.95 11.55
C ALA A 38 4.25 2.20 10.33
N ARG A 39 3.50 1.17 9.89
CA ARG A 39 3.89 0.38 8.71
C ARG A 39 2.67 0.04 7.86
N PHE A 40 2.70 0.42 6.59
CA PHE A 40 1.60 0.16 5.67
C PHE A 40 2.17 -0.28 4.33
N ARG A 41 1.41 -1.06 3.58
CA ARG A 41 1.87 -1.54 2.28
C ARG A 41 0.70 -1.73 1.34
N CYS A 42 0.98 -1.85 0.05
CA CYS A 42 -0.07 -2.04 -0.95
C CYS A 42 0.38 -3.08 -1.97
N ARG A 43 -0.11 -4.29 -1.84
CA ARG A 43 0.25 -5.36 -2.77
C ARG A 43 -0.99 -5.70 -3.59
N VAL A 44 -0.83 -6.40 -4.71
CA VAL A 44 -1.95 -6.79 -5.56
C VAL A 44 -1.86 -8.29 -5.79
N THR A 45 -2.86 -8.90 -6.40
CA THR A 45 -2.83 -10.34 -6.66
C THR A 45 -3.27 -10.60 -8.08
N GLY A 46 -2.59 -11.54 -8.76
CA GLY A 46 -2.94 -11.86 -10.15
C GLY A 46 -1.71 -12.26 -10.95
N TYR A 47 -1.14 -11.30 -11.67
CA TYR A 47 0.06 -11.53 -12.49
C TYR A 47 1.02 -10.36 -12.28
N PRO A 48 2.27 -10.43 -12.74
CA PRO A 48 3.24 -9.30 -12.56
C PRO A 48 2.93 -8.09 -13.43
N GLN A 49 3.25 -6.90 -12.90
CA GLN A 49 3.03 -5.63 -13.61
C GLN A 49 1.58 -5.44 -14.07
N PRO A 50 0.65 -5.27 -13.15
CA PRO A 50 -0.78 -4.99 -13.45
C PRO A 50 -0.97 -3.49 -13.69
N LYS A 51 -2.22 -3.06 -13.85
CA LYS A 51 -2.51 -1.63 -14.03
C LYS A 51 -3.16 -1.16 -12.74
N VAL A 52 -2.43 -0.36 -11.94
CA VAL A 52 -2.98 0.14 -10.67
C VAL A 52 -2.43 1.52 -10.35
N ASN A 53 -3.14 2.21 -9.46
CA ASN A 53 -2.75 3.54 -8.98
C ASN A 53 -3.20 3.65 -7.53
N TRP A 54 -2.53 4.50 -6.74
CA TRP A 54 -2.90 4.63 -5.33
C TRP A 54 -2.89 6.10 -4.87
N TYR A 55 -3.53 6.33 -3.73
CA TYR A 55 -3.64 7.68 -3.16
C TYR A 55 -3.47 7.65 -1.65
N LEU A 56 -2.40 8.25 -1.11
CA LEU A 56 -2.21 8.30 0.34
C LEU A 56 -2.70 9.66 0.84
N ASN A 57 -3.10 9.74 2.09
CA ASN A 57 -3.59 11.00 2.64
C ASN A 57 -4.61 11.68 1.72
N GLY A 58 -5.03 10.99 0.65
CA GLY A 58 -6.01 11.55 -0.29
C GLY A 58 -5.35 12.16 -1.52
N GLN A 59 -4.03 12.06 -1.60
CA GLN A 59 -3.26 12.59 -2.73
C GLN A 59 -2.72 11.44 -3.56
N LEU A 60 -2.69 11.62 -4.89
CA LEU A 60 -2.19 10.60 -5.80
C LEU A 60 -0.71 10.78 -6.09
N ILE A 61 -0.02 9.66 -6.40
CA ILE A 61 1.40 9.71 -6.75
C ILE A 61 2.25 10.40 -5.68
N ARG A 62 3.11 9.61 -5.06
CA ARG A 62 4.03 10.13 -4.04
C ARG A 62 5.43 10.23 -4.65
N LYS A 63 6.28 11.11 -4.12
CA LYS A 63 7.62 11.28 -4.65
C LYS A 63 8.34 9.93 -4.76
N SER A 64 9.23 9.84 -5.75
CA SER A 64 9.99 8.62 -6.04
C SER A 64 11.06 8.35 -4.99
N LYS A 65 12.24 7.92 -5.47
CA LYS A 65 13.40 7.56 -4.63
C LYS A 65 13.35 8.11 -3.19
N ARG A 66 12.71 9.25 -2.98
CA ARG A 66 12.61 9.83 -1.63
C ARG A 66 11.85 8.88 -0.72
N PHE A 67 10.80 8.27 -1.27
CA PHE A 67 9.99 7.29 -0.54
C PHE A 67 10.01 5.95 -1.31
N ARG A 68 9.87 4.84 -0.60
CA ARG A 68 9.90 3.51 -1.24
C ARG A 68 8.65 3.25 -2.10
N VAL A 69 8.85 3.11 -3.42
CA VAL A 69 7.74 2.87 -4.35
C VAL A 69 8.19 2.08 -5.57
N ARG A 70 7.43 1.05 -5.93
CA ARG A 70 7.73 0.23 -7.10
C ARG A 70 6.45 0.05 -7.92
N TYR A 71 6.34 0.78 -9.02
CA TYR A 71 5.14 0.68 -9.83
C TYR A 71 5.11 -0.63 -10.61
N ASP A 72 4.54 -1.65 -9.99
CA ASP A 72 4.43 -2.97 -10.59
C ASP A 72 3.61 -3.87 -9.68
N GLY A 73 2.68 -3.26 -8.93
CA GLY A 73 1.81 -4.00 -8.02
C GLY A 73 2.20 -3.75 -6.55
N ILE A 74 3.42 -3.27 -6.35
CA ILE A 74 3.96 -3.02 -5.01
C ILE A 74 4.21 -1.52 -4.74
N HIS A 75 3.54 -0.97 -3.72
CA HIS A 75 3.72 0.45 -3.33
C HIS A 75 3.86 0.53 -1.81
N TYR A 76 5.08 0.79 -1.33
CA TYR A 76 5.32 0.85 0.12
C TYR A 76 4.99 2.21 0.69
N LEU A 77 4.36 2.19 1.87
CA LEU A 77 3.96 3.41 2.56
C LEU A 77 4.36 3.34 4.03
N ASP A 78 5.61 3.71 4.35
CA ASP A 78 6.08 3.69 5.75
C ASP A 78 6.38 5.08 6.30
N ILE A 79 6.03 5.27 7.57
CA ILE A 79 6.26 6.54 8.27
C ILE A 79 7.17 6.27 9.47
N VAL A 80 7.76 7.32 10.02
CA VAL A 80 8.67 7.20 11.16
C VAL A 80 8.33 8.24 12.22
N ASP A 81 9.00 8.15 13.38
CA ASP A 81 8.71 9.10 14.45
C ASP A 81 9.15 10.51 14.04
N CYS A 82 8.46 11.04 13.02
CA CYS A 82 8.72 12.37 12.50
C CYS A 82 7.85 12.63 11.29
N LYS A 83 7.19 13.79 11.22
CA LYS A 83 6.32 14.10 10.08
C LYS A 83 5.18 13.11 10.00
N SER A 84 4.31 13.11 11.01
CA SER A 84 3.17 12.23 11.04
C SER A 84 1.92 13.00 11.47
N TYR A 85 2.11 13.99 12.35
CA TYR A 85 1.00 14.81 12.90
C TYR A 85 0.10 15.41 11.80
N ASP A 86 -0.60 14.56 11.03
CA ASP A 86 -1.47 15.06 9.97
C ASP A 86 -2.51 14.00 9.61
N THR A 87 -3.78 14.30 9.85
CA THR A 87 -4.84 13.34 9.56
C THR A 87 -5.24 13.41 8.10
N GLY A 88 -5.27 12.25 7.42
CA GLY A 88 -5.64 12.20 6.00
C GLY A 88 -6.46 10.96 5.71
N GLU A 89 -6.52 10.59 4.44
CA GLU A 89 -7.27 9.38 4.02
C GLU A 89 -6.49 8.58 2.99
N VAL A 90 -6.46 7.24 3.15
CA VAL A 90 -5.72 6.39 2.21
C VAL A 90 -6.71 5.59 1.35
N LYS A 91 -6.88 6.01 0.10
CA LYS A 91 -7.78 5.32 -0.84
C LYS A 91 -6.95 4.76 -2.00
N VAL A 92 -7.18 3.49 -2.35
CA VAL A 92 -6.42 2.86 -3.43
C VAL A 92 -7.33 2.02 -4.32
N THR A 93 -6.89 1.77 -5.55
CA THR A 93 -7.69 0.98 -6.49
C THR A 93 -6.75 0.23 -7.41
N ALA A 94 -7.15 -0.98 -7.77
CA ALA A 94 -6.35 -1.82 -8.65
C ALA A 94 -7.25 -2.44 -9.68
N GLU A 95 -6.82 -2.43 -10.94
CA GLU A 95 -7.64 -2.97 -12.01
C GLU A 95 -6.83 -3.54 -13.16
N ASN A 96 -7.30 -4.68 -13.66
CA ASN A 96 -6.68 -5.38 -14.78
C ASN A 96 -7.58 -5.18 -16.01
N PRO A 97 -7.20 -5.64 -17.18
CA PRO A 97 -8.05 -5.44 -18.39
C PRO A 97 -9.37 -6.23 -18.35
N GLU A 98 -9.50 -7.19 -17.43
CA GLU A 98 -10.72 -8.01 -17.34
C GLU A 98 -11.54 -7.72 -16.06
N GLY A 99 -11.09 -6.75 -15.24
CA GLY A 99 -11.84 -6.45 -14.04
C GLY A 99 -11.34 -5.18 -13.33
N VAL A 100 -12.07 -4.78 -12.29
CA VAL A 100 -11.72 -3.60 -11.50
C VAL A 100 -11.87 -3.91 -10.02
N ILE A 101 -11.16 -3.14 -9.18
CA ILE A 101 -11.22 -3.34 -7.74
C ILE A 101 -11.16 -1.98 -7.01
N GLU A 102 -11.70 -1.93 -5.80
CA GLU A 102 -11.71 -0.70 -4.99
C GLU A 102 -11.31 -1.02 -3.56
N HIS A 103 -11.06 0.00 -2.75
CA HIS A 103 -10.66 -0.20 -1.35
C HIS A 103 -10.52 1.15 -0.64
N LYS A 104 -11.47 1.45 0.24
CA LYS A 104 -11.46 2.73 0.97
C LYS A 104 -11.25 2.53 2.46
N VAL A 105 -10.21 3.18 2.98
CA VAL A 105 -9.87 3.10 4.41
C VAL A 105 -9.32 4.46 4.85
N LYS A 106 -9.70 4.90 6.05
CA LYS A 106 -9.25 6.20 6.57
C LYS A 106 -8.18 6.04 7.64
N LEU A 107 -7.13 6.85 7.52
CA LEU A 107 -6.04 6.84 8.49
C LEU A 107 -5.86 8.25 9.03
N GLU A 108 -5.93 8.41 10.34
CA GLU A 108 -5.76 9.72 10.96
C GLU A 108 -4.60 9.70 11.93
N ILE A 109 -3.70 10.67 11.80
CA ILE A 109 -2.52 10.75 12.69
C ILE A 109 -2.71 11.90 13.69
N GLN A 110 -2.89 11.57 14.98
CA GLN A 110 -3.08 12.61 16.00
C GLN A 110 -1.73 13.13 16.52
N GLN A 111 -1.55 13.13 17.84
CA GLN A 111 -0.29 13.61 18.43
C GLN A 111 -0.03 13.02 19.82
N LEU A 112 1.23 13.08 20.25
CA LEU A 112 1.58 12.56 21.57
C LEU A 112 0.89 13.37 22.66
N GLU A 113 0.32 12.66 23.65
CA GLU A 113 -0.36 13.33 24.76
C GLU A 113 0.42 14.56 25.21
N HIS A 114 0.12 15.69 24.62
CA HIS A 114 0.80 16.94 24.96
C HIS A 114 0.52 17.32 26.42
N HIS A 115 -0.72 17.13 26.87
CA HIS A 115 -1.09 17.46 28.25
C HIS A 115 -0.27 16.65 29.23
N HIS A 116 0.18 17.29 30.30
CA HIS A 116 0.98 16.61 31.30
C HIS A 116 0.75 17.25 32.66
N HIS A 117 0.78 18.58 32.70
CA HIS A 117 0.57 19.31 33.95
C HIS A 117 -0.35 20.51 33.75
N HIS A 118 -1.32 20.37 32.86
CA HIS A 118 -2.26 21.46 32.60
C HIS A 118 -3.07 21.79 33.86
N HIS A 119 -3.29 23.07 34.10
CA HIS A 119 -4.04 23.49 35.26
C HIS A 119 -4.62 24.88 35.08
#